data_2VXS
#
_entry.id   2VXS
#
_cell.length_a   98.473
_cell.length_b   66.708
_cell.length_c   203.790
_cell.angle_alpha   90.00
_cell.angle_beta   91.65
_cell.angle_gamma   90.00
#
_symmetry.space_group_name_H-M   'P 1 21 1'
#
loop_
_entity.id
_entity.type
_entity.pdbx_description
1 polymer INTERLEUKIN-17A
2 polymer 'FAB FRAGMENT'
3 polymer 'FAB FRAGMENT'
4 non-polymer 'SULFATE ION'
5 water water
#
loop_
_entity_poly.entity_id
_entity_poly.type
_entity_poly.pdbx_seq_one_letter_code
_entity_poly.pdbx_strand_id
1 'polypeptide(L)'
;MIVKAGITIPRNPGCPNSEDKNFPRTVMVNLNIHNRNTNTNPKRSSDYYNRSTSPWNLHRNEDPERYPSVIWEAKCRHLG
CINADGNVDYHMNSVPIQQEILVLRREPPHCPNSFRLEKILVSVGCTCVTPIVHHVA
;
A,B,C,D
2 'polypeptide(L)'
;EVQLLESGGGLVQPGGSLRLSCAASGFTFSSYAMSWVRQAPGKGLEWVSAISGSGGSTYYADSVKGRFTISRDNSKNTLY
LQMNSLRAEDTAVYYCARDLIHGVTRNWGQGTLVTVSSASTKGPSVFPLAPSSKSTSGGTAALGCLVKDYFPQPVTVSWN
SGALTSGVHTFPAVLQSSGLYSLSSVVTVPSSSLGTQTYICNVNHKPSNTKVDKKVEPKSCDKTH
;
H,I,J,K
3 'polypeptide(L)'
;NFMLTQPHSVSESPGKTVTISCTRSSGSLANYYVQWYQQRPGSSPTIVIFANNQRPSGVPDRFSGSIDSSSNSASLTISG
LKTEDEADYYCQTYDPYSVVFGGGTKLTVLGQPKAAPSVTLFPPSSEELQANKATLVCLISDFYPGAVTVAWKADSSPVK
AGVETTTPSKQSNNKYAASSYLSLTPEQWKSHRSYSCQVTHEGSTVEKTVAPTECS
;
L,M,N,O
#
# COMPACT_ATOMS: atom_id res chain seq x y z
N THR A 40 0.57 7.30 10.48
CA THR A 40 1.86 7.14 9.73
C THR A 40 2.94 6.44 10.58
N ASN A 41 4.10 6.19 9.97
CA ASN A 41 5.28 5.64 10.65
C ASN A 41 5.58 6.38 11.97
N PRO A 42 5.52 5.68 13.12
CA PRO A 42 5.68 6.37 14.41
C PRO A 42 7.10 6.93 14.63
N LYS A 43 8.03 6.57 13.75
CA LYS A 43 9.40 7.02 13.91
C LYS A 43 9.66 8.39 13.27
N ARG A 44 8.61 9.20 13.16
CA ARG A 44 8.70 10.59 12.75
C ARG A 44 7.75 11.41 13.62
N SER A 45 7.22 10.75 14.63
CA SER A 45 6.50 11.40 15.71
C SER A 45 7.37 11.27 16.94
N SER A 46 8.08 10.15 17.03
CA SER A 46 8.88 9.88 18.22
C SER A 46 10.24 9.25 17.91
N ASP A 47 11.18 9.59 18.77
CA ASP A 47 12.61 9.43 18.57
C ASP A 47 13.10 8.31 19.45
N TYR A 48 12.29 7.96 20.43
CA TYR A 48 12.67 7.03 21.48
C TYR A 48 13.28 5.73 20.97
N TYR A 49 12.81 5.26 19.81
CA TYR A 49 13.34 4.05 19.18
C TYR A 49 14.89 4.06 19.08
N ASN A 50 15.51 5.20 18.80
CA ASN A 50 16.99 5.26 18.74
C ASN A 50 17.69 5.68 20.01
N ARG A 51 16.99 6.41 20.87
CA ARG A 51 17.61 7.01 22.06
C ARG A 51 17.49 6.11 23.29
N SER A 52 16.72 5.04 23.17
CA SER A 52 16.46 4.17 24.29
C SER A 52 17.67 3.31 24.57
N THR A 53 17.86 2.95 25.84
CA THR A 53 18.87 1.94 26.21
C THR A 53 18.43 0.56 25.74
N SER A 54 17.19 0.43 25.31
CA SER A 54 16.75 -0.79 24.68
C SER A 54 16.16 -0.41 23.34
N PRO A 55 17.01 0.00 22.39
CA PRO A 55 16.50 0.55 21.12
C PRO A 55 15.87 -0.53 20.24
N TRP A 56 14.94 -0.13 19.37
CA TRP A 56 14.23 -1.07 18.53
C TRP A 56 14.13 -0.61 17.10
N ASN A 57 13.96 -1.56 16.21
CA ASN A 57 13.60 -1.29 14.83
C ASN A 57 12.10 -1.40 14.64
N LEU A 58 11.62 -0.89 13.53
CA LEU A 58 10.19 -0.92 13.24
C LEU A 58 9.94 -1.69 11.96
N HIS A 59 8.96 -2.61 12.00
CA HIS A 59 8.65 -3.45 10.85
C HIS A 59 7.24 -3.25 10.30
N ARG A 60 7.19 -2.95 9.01
CA ARG A 60 5.94 -2.58 8.32
C ARG A 60 5.03 -3.78 8.06
N ASN A 61 4.01 -3.92 8.90
CA ASN A 61 3.02 -4.98 8.77
C ASN A 61 1.80 -4.47 7.97
N GLU A 62 1.78 -4.79 6.67
CA GLU A 62 0.66 -4.39 5.83
C GLU A 62 -0.31 -5.56 5.69
N ASP A 63 -1.60 -5.26 5.70
CA ASP A 63 -2.65 -6.27 5.57
C ASP A 63 -3.73 -5.75 4.66
N PRO A 64 -3.84 -6.35 3.47
CA PRO A 64 -4.69 -5.93 2.35
C PRO A 64 -5.93 -5.13 2.79
N GLU A 65 -6.99 -5.83 3.19
CA GLU A 65 -8.20 -5.20 3.70
C GLU A 65 -8.21 -5.33 5.22
N ARG A 66 -7.96 -4.20 5.88
CA ARG A 66 -7.77 -4.13 7.32
C ARG A 66 -7.82 -2.65 7.69
N TYR A 67 -8.42 -2.34 8.84
CA TYR A 67 -8.28 -0.99 9.36
C TYR A 67 -7.78 -0.94 10.80
N PRO A 68 -6.61 -0.30 11.02
CA PRO A 68 -5.80 0.28 9.95
C PRO A 68 -4.95 -0.77 9.26
N SER A 69 -4.86 -0.68 7.94
CA SER A 69 -4.16 -1.67 7.11
C SER A 69 -2.70 -1.81 7.47
N VAL A 70 -2.07 -0.68 7.82
CA VAL A 70 -0.65 -0.64 8.13
C VAL A 70 -0.47 -0.44 9.63
N ILE A 71 0.14 -1.45 10.27
CA ILE A 71 0.58 -1.33 11.66
C ILE A 71 2.10 -1.54 11.70
N TRP A 72 2.79 -0.79 12.56
CA TRP A 72 4.22 -0.96 12.69
C TRP A 72 4.50 -1.68 13.99
N GLU A 73 5.09 -2.87 13.89
CA GLU A 73 5.49 -3.62 15.07
C GLU A 73 6.93 -3.25 15.45
N ALA A 74 7.21 -3.25 16.76
CA ALA A 74 8.54 -2.91 17.27
C ALA A 74 9.35 -4.17 17.48
N LYS A 75 10.66 -4.08 17.34
CA LYS A 75 11.53 -5.23 17.43
C LYS A 75 12.87 -4.82 18.05
N CYS A 76 13.15 -5.32 19.25
CA CYS A 76 14.37 -4.98 19.95
C CYS A 76 15.66 -5.28 19.14
N ARG A 77 16.61 -4.33 19.16
CA ARG A 77 17.85 -4.48 18.42
C ARG A 77 18.80 -5.47 19.09
N HIS A 78 18.76 -5.55 20.41
CA HIS A 78 19.71 -6.35 21.20
C HIS A 78 19.04 -7.23 22.28
N LEU A 79 19.74 -8.28 22.70
CA LEU A 79 19.39 -9.00 23.93
C LEU A 79 19.70 -8.12 25.16
N GLY A 80 20.90 -7.53 25.20
CA GLY A 80 21.30 -6.64 26.29
C GLY A 80 20.69 -5.26 26.18
N CYS A 81 21.08 -4.35 27.06
CA CYS A 81 20.72 -2.93 26.90
C CYS A 81 22.02 -2.20 26.66
N ILE A 82 21.97 -0.97 26.17
CA ILE A 82 23.20 -0.20 25.97
C ILE A 82 23.51 0.66 27.21
N ASN A 83 24.79 0.82 27.52
CA ASN A 83 25.20 1.52 28.74
C ASN A 83 25.83 2.88 28.47
N ALA A 84 26.26 3.53 29.56
CA ALA A 84 27.04 4.78 29.51
C ALA A 84 27.95 4.88 28.28
N ASP A 85 28.87 3.93 28.12
CA ASP A 85 29.85 3.95 27.02
C ASP A 85 29.25 3.79 25.63
N GLY A 86 28.03 3.23 25.56
CA GLY A 86 27.44 2.82 24.29
C GLY A 86 27.79 1.38 23.96
N ASN A 87 28.11 0.59 24.98
CA ASN A 87 28.29 -0.84 24.77
C ASN A 87 27.07 -1.67 25.20
N VAL A 88 26.98 -2.87 24.63
CA VAL A 88 25.88 -3.76 24.95
C VAL A 88 26.18 -4.40 26.30
N ASP A 89 25.18 -4.44 27.16
CA ASP A 89 25.36 -4.84 28.53
C ASP A 89 24.41 -5.96 28.90
N TYR A 90 24.96 -7.11 29.25
CA TYR A 90 24.11 -8.27 29.53
C TYR A 90 23.76 -8.44 30.99
N HIS A 91 23.96 -7.38 31.78
CA HIS A 91 23.35 -7.33 33.10
C HIS A 91 21.87 -6.96 33.01
N MET A 92 21.41 -6.58 31.82
CA MET A 92 20.00 -6.33 31.57
C MET A 92 19.53 -6.94 30.24
N ASN A 93 18.23 -6.94 30.03
CA ASN A 93 17.65 -7.42 28.78
C ASN A 93 16.69 -6.40 28.21
N SER A 94 16.74 -6.25 26.88
CA SER A 94 15.72 -5.51 26.15
C SER A 94 14.53 -6.42 25.93
N VAL A 95 13.34 -5.94 26.30
CA VAL A 95 12.12 -6.72 26.09
C VAL A 95 11.04 -5.86 25.44
N PRO A 96 10.17 -6.48 24.63
CA PRO A 96 9.07 -5.74 24.02
C PRO A 96 7.98 -5.34 25.00
N ILE A 97 7.42 -4.15 24.80
CA ILE A 97 6.22 -3.75 25.51
C ILE A 97 5.06 -3.93 24.55
N GLN A 98 4.07 -4.67 25.02
CA GLN A 98 2.97 -5.08 24.17
C GLN A 98 1.64 -4.41 24.48
N GLN A 99 1.03 -3.87 23.44
CA GLN A 99 -0.27 -3.23 23.56
C GLN A 99 -1.30 -4.09 22.85
N GLU A 100 -2.45 -4.27 23.49
CA GLU A 100 -3.60 -4.88 22.84
C GLU A 100 -4.39 -3.80 22.10
N ILE A 101 -4.25 -3.79 20.77
CA ILE A 101 -4.93 -2.82 19.92
C ILE A 101 -6.19 -3.47 19.33
N LEU A 102 -7.22 -2.66 19.12
CA LEU A 102 -8.40 -3.14 18.41
C LEU A 102 -8.44 -2.63 16.98
N VAL A 103 -8.62 -3.58 16.05
CA VAL A 103 -8.62 -3.30 14.61
C VAL A 103 -9.90 -3.86 13.95
N LEU A 104 -9.89 -4.01 12.64
CA LEU A 104 -11.07 -4.54 11.93
C LEU A 104 -10.76 -5.22 10.59
N SER A 114 -17.26 -10.13 5.07
CA SER A 114 -17.52 -9.65 6.42
C SER A 114 -17.18 -8.15 6.55
N PHE A 115 -16.81 -7.71 7.76
CA PHE A 115 -16.43 -6.32 8.06
C PHE A 115 -16.42 -6.03 9.57
N ARG A 116 -16.01 -7.03 10.38
CA ARG A 116 -16.13 -6.94 11.85
C ARG A 116 -14.84 -6.55 12.58
N LEU A 117 -14.92 -6.53 13.90
CA LEU A 117 -13.86 -6.03 14.79
C LEU A 117 -12.89 -7.15 15.22
N GLU A 118 -11.69 -6.77 15.63
CA GLU A 118 -10.64 -7.71 16.06
C GLU A 118 -9.80 -7.20 17.25
N LYS A 119 -9.06 -8.12 17.86
CA LYS A 119 -8.17 -7.80 18.98
C LYS A 119 -6.80 -8.46 18.74
N ILE A 120 -5.79 -7.65 18.43
CA ILE A 120 -4.45 -8.18 18.14
C ILE A 120 -3.38 -7.57 19.03
N LEU A 121 -2.28 -8.31 19.19
CA LEU A 121 -1.20 -7.89 20.08
C LEU A 121 0.03 -7.43 19.32
N VAL A 122 0.41 -6.17 19.54
CA VAL A 122 1.56 -5.58 18.85
C VAL A 122 2.60 -5.09 19.84
N SER A 123 3.84 -5.02 19.40
CA SER A 123 4.89 -4.42 20.19
C SER A 123 5.03 -2.95 19.83
N VAL A 124 4.88 -2.09 20.82
CA VAL A 124 4.93 -0.66 20.59
C VAL A 124 6.33 -0.09 20.75
N GLY A 125 7.17 -0.80 21.48
CA GLY A 125 8.53 -0.37 21.74
C GLY A 125 9.14 -1.28 22.77
N CYS A 126 10.41 -1.06 23.11
CA CYS A 126 11.11 -1.92 24.06
C CYS A 126 11.45 -1.20 25.36
N THR A 127 11.43 -1.96 26.46
CA THR A 127 11.99 -1.48 27.72
C THR A 127 13.17 -2.37 28.15
N CYS A 128 13.87 -1.95 29.20
CA CYS A 128 15.04 -2.64 29.70
C CYS A 128 14.76 -3.24 31.08
N VAL A 129 14.79 -4.56 31.20
CA VAL A 129 14.58 -5.20 32.51
C VAL A 129 15.87 -5.61 33.26
N THR A 130 15.81 -5.54 34.57
CA THR A 130 16.95 -5.79 35.43
C THR A 130 16.58 -6.78 36.53
N PRO A 131 17.52 -7.66 36.89
CA PRO A 131 17.27 -8.55 38.04
C PRO A 131 17.33 -7.86 39.43
N ILE A 132 17.86 -6.64 39.49
CA ILE A 132 17.96 -5.89 40.74
C ILE A 132 16.76 -4.97 40.98
N VAL A 133 15.96 -5.20 42.01
CA VAL A 133 14.92 -4.21 42.34
C VAL A 133 15.03 -3.79 43.80
N HIS A 134 15.37 -2.52 44.07
CA HIS A 134 15.60 -2.08 45.48
C HIS A 134 14.31 -2.05 46.29
N ASN B 41 -6.61 -6.09 32.97
CA ASN B 41 -5.48 -5.30 33.57
C ASN B 41 -4.09 -5.80 33.13
N PRO B 42 -3.32 -4.95 32.41
CA PRO B 42 -2.01 -5.35 31.88
C PRO B 42 -1.03 -5.83 32.97
N LYS B 43 -1.26 -5.41 34.22
CA LYS B 43 -0.47 -5.89 35.37
C LYS B 43 -0.51 -7.41 35.55
N ARG B 44 -1.45 -8.08 34.89
CA ARG B 44 -1.68 -9.51 35.10
C ARG B 44 -1.15 -10.41 33.98
N SER B 45 -0.97 -9.84 32.80
CA SER B 45 -0.31 -10.52 31.70
C SER B 45 1.20 -10.30 31.80
N SER B 46 1.60 -9.16 32.37
CA SER B 46 3.00 -8.74 32.34
C SER B 46 3.46 -7.97 33.57
N ASP B 47 4.67 -8.27 34.04
CA ASP B 47 5.22 -7.57 35.20
C ASP B 47 6.44 -6.72 34.88
N TYR B 48 6.60 -6.40 33.60
CA TYR B 48 7.66 -5.49 33.19
C TYR B 48 7.60 -4.12 33.89
N TYR B 49 6.40 -3.64 34.15
CA TYR B 49 6.19 -2.33 34.77
C TYR B 49 6.88 -2.27 36.10
N ASN B 50 7.27 -3.43 36.60
CA ASN B 50 7.88 -3.50 37.90
C ASN B 50 9.38 -3.77 37.82
N ARG B 51 9.82 -4.48 36.80
CA ARG B 51 11.19 -4.94 36.70
C ARG B 51 12.00 -4.07 35.76
N SER B 52 11.34 -3.11 35.12
CA SER B 52 12.02 -2.22 34.20
C SER B 52 12.95 -1.28 34.96
N THR B 53 14.02 -0.82 34.30
CA THR B 53 14.86 0.25 34.84
C THR B 53 14.15 1.59 34.74
N SER B 54 13.11 1.63 33.90
CA SER B 54 12.17 2.76 33.89
C SER B 54 10.77 2.29 34.28
N PRO B 55 10.62 1.81 35.55
CA PRO B 55 9.38 1.19 35.97
C PRO B 55 8.25 2.19 35.96
N TRP B 56 7.02 1.69 35.88
CA TRP B 56 5.88 2.57 35.87
C TRP B 56 4.73 2.04 36.73
N ASN B 57 3.77 2.93 36.97
CA ASN B 57 2.54 2.60 37.66
C ASN B 57 1.40 2.66 36.67
N LEU B 58 0.28 2.08 37.06
CA LEU B 58 -0.85 2.00 36.16
C LEU B 58 -2.08 2.63 36.78
N HIS B 59 -2.72 3.50 36.02
CA HIS B 59 -3.93 4.18 36.46
C HIS B 59 -4.99 3.93 35.42
N ARG B 60 -6.17 3.54 35.88
CA ARG B 60 -7.27 3.24 35.00
C ARG B 60 -8.05 4.49 34.65
N ASN B 61 -8.71 4.47 33.50
CA ASN B 61 -9.60 5.55 33.11
C ASN B 61 -10.88 4.92 32.57
N GLU B 62 -12.02 5.27 33.18
CA GLU B 62 -13.29 4.62 32.88
C GLU B 62 -14.28 5.50 32.09
N ASP B 63 -15.29 4.85 31.51
CA ASP B 63 -16.43 5.50 30.84
C ASP B 63 -17.75 4.77 31.13
N ARG B 66 -17.47 5.40 26.10
CA ARG B 66 -16.69 4.84 24.99
C ARG B 66 -16.42 3.34 25.16
N TYR B 67 -15.97 2.71 24.07
CA TYR B 67 -15.54 1.32 24.07
C TYR B 67 -14.08 1.20 23.61
N PRO B 68 -13.21 0.55 24.41
CA PRO B 68 -13.53 -0.01 25.73
C PRO B 68 -13.62 1.07 26.80
N SER B 69 -14.65 0.98 27.65
CA SER B 69 -14.81 1.92 28.75
C SER B 69 -13.51 2.11 29.54
N VAL B 70 -12.81 1.00 29.81
CA VAL B 70 -11.66 0.99 30.72
C VAL B 70 -10.29 0.86 30.03
N ILE B 71 -9.48 1.92 30.12
CA ILE B 71 -8.14 1.97 29.56
C ILE B 71 -7.13 2.21 30.69
N TRP B 72 -6.09 1.38 30.71
CA TRP B 72 -5.00 1.52 31.69
C TRP B 72 -3.86 2.40 31.14
N GLU B 73 -3.66 3.54 31.79
CA GLU B 73 -2.61 4.49 31.43
C GLU B 73 -1.35 4.25 32.27
N ALA B 74 -0.20 4.23 31.61
CA ALA B 74 1.08 4.13 32.32
C ALA B 74 1.61 5.50 32.71
N LYS B 75 2.13 5.60 33.93
CA LYS B 75 2.90 6.77 34.39
C LYS B 75 4.21 6.28 35.01
N CYS B 76 5.32 6.82 34.51
CA CYS B 76 6.66 6.48 35.00
C CYS B 76 6.82 6.79 36.49
N ARG B 77 7.60 5.97 37.19
CA ARG B 77 7.75 6.09 38.63
C ARG B 77 8.74 7.19 38.99
N HIS B 78 9.73 7.39 38.12
CA HIS B 78 10.86 8.27 38.41
C HIS B 78 11.24 9.09 37.19
N LEU B 79 11.96 10.18 37.45
CA LEU B 79 12.59 10.94 36.40
C LEU B 79 13.78 10.14 35.87
N GLY B 80 14.59 9.62 36.80
CA GLY B 80 15.78 8.83 36.46
C GLY B 80 15.44 7.40 36.11
N CYS B 81 16.48 6.59 35.93
CA CYS B 81 16.35 5.15 35.69
C CYS B 81 17.09 4.41 36.77
N ILE B 82 16.68 3.17 37.04
CA ILE B 82 17.35 2.33 38.05
C ILE B 82 18.67 1.80 37.48
N ASN B 83 19.76 1.93 38.24
CA ASN B 83 21.06 1.46 37.75
C ASN B 83 21.45 0.11 38.34
N ALA B 84 22.64 -0.38 38.01
CA ALA B 84 23.13 -1.70 38.45
C ALA B 84 23.08 -1.91 39.97
N ASP B 85 23.21 -0.82 40.72
CA ASP B 85 23.12 -0.87 42.18
C ASP B 85 21.70 -0.82 42.69
N GLY B 86 20.77 -0.42 41.85
CA GLY B 86 19.37 -0.33 42.26
C GLY B 86 18.93 1.07 42.67
N ASN B 87 19.84 2.04 42.55
CA ASN B 87 19.52 3.44 42.80
C ASN B 87 18.91 4.14 41.57
N VAL B 88 18.19 5.22 41.83
CA VAL B 88 17.70 6.07 40.77
C VAL B 88 18.93 6.83 40.25
N ASP B 89 19.10 6.85 38.93
CA ASP B 89 20.28 7.41 38.29
C ASP B 89 19.87 8.44 37.23
N TYR B 90 20.41 9.67 37.36
CA TYR B 90 19.93 10.82 36.56
C TYR B 90 20.78 11.12 35.33
N HIS B 91 21.70 10.20 35.04
CA HIS B 91 22.38 10.22 33.76
C HIS B 91 21.45 9.77 32.62
N MET B 92 20.28 9.25 32.94
CA MET B 92 19.25 9.03 31.95
C MET B 92 17.85 9.31 32.48
N ASN B 93 16.84 9.20 31.62
CA ASN B 93 15.48 9.54 32.00
C ASN B 93 14.46 8.46 31.68
N SER B 94 13.47 8.28 32.56
CA SER B 94 12.31 7.47 32.25
C SER B 94 11.38 8.31 31.43
N VAL B 95 10.93 7.80 30.30
CA VAL B 95 9.90 8.50 29.50
C VAL B 95 8.80 7.54 29.07
N PRO B 96 7.55 8.03 28.96
CA PRO B 96 6.52 7.09 28.58
C PRO B 96 6.48 6.85 27.07
N ILE B 97 6.12 5.65 26.67
CA ILE B 97 5.82 5.37 25.27
C ILE B 97 4.33 5.62 25.02
N GLN B 98 4.09 6.58 24.13
CA GLN B 98 2.74 7.03 23.81
C GLN B 98 2.28 6.39 22.52
N GLN B 99 1.15 5.70 22.59
CA GLN B 99 0.56 5.05 21.44
C GLN B 99 -0.82 5.64 21.10
N GLU B 100 -1.19 5.53 19.83
CA GLU B 100 -2.53 5.89 19.39
C GLU B 100 -3.39 4.62 19.31
N ILE B 101 -4.49 4.59 20.04
CA ILE B 101 -5.48 3.52 19.92
C ILE B 101 -6.80 4.09 19.37
N LEU B 102 -7.56 3.26 18.65
CA LEU B 102 -8.90 3.64 18.21
C LEU B 102 -9.93 3.26 19.26
N VAL B 103 -10.82 4.19 19.60
CA VAL B 103 -11.91 3.93 20.53
C VAL B 103 -13.27 4.07 19.83
N LEU B 104 -14.36 3.77 20.53
CA LEU B 104 -15.70 3.82 19.95
C LEU B 104 -16.58 4.94 20.51
N ARG B 116 -19.10 6.35 16.40
CA ARG B 116 -17.98 7.26 16.16
C ARG B 116 -16.62 6.63 16.55
N LEU B 117 -15.70 6.62 15.59
CA LEU B 117 -14.31 6.22 15.84
C LEU B 117 -13.52 7.45 16.25
N GLU B 118 -12.75 7.32 17.34
CA GLU B 118 -11.92 8.41 17.80
C GLU B 118 -10.48 7.93 18.05
N LYS B 119 -9.54 8.87 17.96
CA LYS B 119 -8.14 8.60 18.20
C LYS B 119 -7.75 9.15 19.57
N ILE B 120 -7.48 8.25 20.52
CA ILE B 120 -7.00 8.63 21.84
C ILE B 120 -5.50 8.32 21.89
N LEU B 121 -4.74 9.17 22.58
CA LEU B 121 -3.31 8.93 22.84
C LEU B 121 -3.16 8.34 24.23
N VAL B 122 -2.39 7.27 24.34
CA VAL B 122 -2.18 6.60 25.63
C VAL B 122 -0.72 6.27 25.91
N SER B 123 -0.32 6.43 27.18
CA SER B 123 0.96 5.89 27.65
C SER B 123 0.86 4.40 27.93
N VAL B 124 1.63 3.63 27.17
CA VAL B 124 1.54 2.17 27.15
C VAL B 124 2.55 1.55 28.10
N GLY B 125 3.63 2.27 28.37
CA GLY B 125 4.67 1.82 29.26
C GLY B 125 5.83 2.78 29.15
N CYS B 126 6.89 2.57 29.93
CA CYS B 126 8.04 3.48 29.90
C CYS B 126 9.32 2.85 29.34
N THR B 127 10.17 3.72 28.79
CA THR B 127 11.50 3.33 28.37
C THR B 127 12.51 4.30 29.01
N CYS B 128 13.80 4.08 28.76
CA CYS B 128 14.87 4.86 29.37
C CYS B 128 15.78 5.45 28.29
N VAL B 129 15.92 6.77 28.24
CA VAL B 129 16.73 7.41 27.19
C VAL B 129 18.02 7.99 27.72
N THR B 130 19.07 7.95 26.91
CA THR B 130 20.31 8.61 27.33
C THR B 130 20.54 9.75 26.38
N PRO B 131 21.41 10.69 26.75
CA PRO B 131 21.77 11.78 25.84
C PRO B 131 22.92 11.43 24.87
N ILE B 132 23.51 10.25 25.03
CA ILE B 132 24.66 9.84 24.23
C ILE B 132 24.22 8.67 23.37
N VAL B 133 24.36 8.79 22.06
CA VAL B 133 23.87 7.75 21.15
C VAL B 133 24.90 7.31 20.10
N ASN C 41 -10.85 2.46 -6.98
CA ASN C 41 -10.59 1.23 -7.77
C ASN C 41 -11.69 0.95 -8.80
N PRO C 42 -11.55 1.54 -10.01
CA PRO C 42 -12.58 1.85 -11.04
C PRO C 42 -13.66 0.80 -11.31
N LYS C 43 -13.29 -0.47 -11.41
CA LYS C 43 -14.24 -1.56 -11.69
C LYS C 43 -15.47 -1.43 -10.81
N ARG C 44 -15.23 -1.27 -9.51
CA ARG C 44 -16.25 -1.27 -8.46
C ARG C 44 -17.34 -0.22 -8.65
N SER C 45 -17.09 0.76 -9.53
CA SER C 45 -18.03 1.84 -9.76
C SER C 45 -18.47 1.95 -11.20
N SER C 46 -17.85 1.16 -12.09
CA SER C 46 -18.27 1.11 -13.48
C SER C 46 -18.02 -0.25 -14.16
N ASP C 47 -19.10 -0.74 -14.77
CA ASP C 47 -19.20 -1.98 -15.53
C ASP C 47 -18.57 -1.95 -16.92
N TYR C 48 -18.50 -0.76 -17.52
CA TYR C 48 -18.18 -0.63 -18.96
C TYR C 48 -16.99 -1.47 -19.46
N TYR C 49 -15.92 -1.56 -18.66
CA TYR C 49 -14.73 -2.36 -18.98
C TYR C 49 -15.12 -3.76 -19.46
N ASN C 50 -16.29 -4.22 -19.03
CA ASN C 50 -16.71 -5.59 -19.27
C ASN C 50 -17.82 -5.69 -20.32
N ARG C 51 -18.60 -4.62 -20.45
CA ARG C 51 -19.78 -4.61 -21.31
C ARG C 51 -19.52 -3.94 -22.66
N SER C 52 -18.36 -3.30 -22.75
CA SER C 52 -17.93 -2.66 -23.99
C SER C 52 -17.65 -3.67 -25.10
N THR C 53 -17.80 -3.23 -26.35
CA THR C 53 -17.40 -4.02 -27.52
C THR C 53 -15.88 -3.98 -27.73
N SER C 54 -15.22 -3.07 -27.02
CA SER C 54 -13.77 -3.05 -26.89
C SER C 54 -13.45 -3.18 -25.40
N PRO C 55 -13.76 -4.35 -24.81
CA PRO C 55 -13.52 -4.52 -23.37
C PRO C 55 -12.04 -4.36 -22.99
N TRP C 56 -11.81 -3.89 -21.78
CA TRP C 56 -10.45 -3.70 -21.26
C TRP C 56 -10.23 -4.19 -19.84
N ASN C 57 -8.97 -4.49 -19.55
CA ASN C 57 -8.55 -4.88 -18.23
C ASN C 57 -7.94 -3.69 -17.54
N LEU C 58 -7.85 -3.74 -16.22
CA LEU C 58 -7.24 -2.68 -15.44
C LEU C 58 -5.99 -3.14 -14.72
N HIS C 59 -4.90 -2.39 -14.88
CA HIS C 59 -3.61 -2.71 -14.26
C HIS C 59 -3.40 -1.81 -13.07
N ARG C 60 -2.93 -2.40 -11.97
CA ARG C 60 -2.58 -1.64 -10.79
C ARG C 60 -1.24 -0.95 -11.02
N ASN C 61 -1.13 0.29 -10.53
CA ASN C 61 0.10 1.06 -10.63
C ASN C 61 0.30 1.85 -9.34
N GLU C 62 1.43 1.63 -8.67
CA GLU C 62 1.74 2.31 -7.41
C GLU C 62 3.02 3.15 -7.42
N ASP C 63 3.20 3.96 -6.37
CA ASP C 63 4.29 4.94 -6.31
C ASP C 63 4.45 5.49 -4.89
N ARG C 66 3.83 9.31 -4.27
CA ARG C 66 2.98 9.99 -5.25
C ARG C 66 1.54 10.19 -4.77
N TYR C 67 0.93 11.30 -5.18
CA TYR C 67 -0.51 11.48 -5.00
C TYR C 67 -1.24 11.83 -6.31
N PRO C 68 -2.26 11.01 -6.66
CA PRO C 68 -2.66 9.79 -5.94
C PRO C 68 -1.65 8.66 -6.08
N SER C 69 -1.48 7.90 -5.00
CA SER C 69 -0.49 6.82 -4.94
C SER C 69 -0.77 5.66 -5.91
N VAL C 70 -2.06 5.34 -6.11
CA VAL C 70 -2.48 4.25 -6.99
C VAL C 70 -3.32 4.77 -8.16
N ILE C 71 -2.83 4.53 -9.37
CA ILE C 71 -3.60 4.84 -10.58
C ILE C 71 -3.82 3.59 -11.43
N TRP C 72 -5.04 3.40 -11.90
CA TRP C 72 -5.35 2.21 -12.69
C TRP C 72 -5.32 2.49 -14.17
N GLU C 73 -4.43 1.79 -14.87
CA GLU C 73 -4.28 1.96 -16.31
C GLU C 73 -5.21 0.98 -17.03
N ALA C 74 -5.72 1.40 -18.18
CA ALA C 74 -6.62 0.56 -18.96
C ALA C 74 -5.85 -0.15 -20.08
N LYS C 75 -6.22 -1.39 -20.34
CA LYS C 75 -5.51 -2.19 -21.34
C LYS C 75 -6.51 -3.02 -22.13
N CYS C 76 -6.70 -2.66 -23.40
CA CYS C 76 -7.65 -3.36 -24.28
C CYS C 76 -7.40 -4.87 -24.27
N ARG C 77 -8.48 -5.65 -24.14
CA ARG C 77 -8.37 -7.12 -24.13
C ARG C 77 -8.02 -7.65 -25.52
N HIS C 78 -8.52 -6.96 -26.55
CA HIS C 78 -8.43 -7.44 -27.92
C HIS C 78 -7.87 -6.41 -28.92
N LEU C 79 -7.37 -6.91 -30.05
CA LEU C 79 -7.11 -6.06 -31.21
C LEU C 79 -8.43 -5.75 -31.92
N GLY C 80 -9.25 -6.78 -32.12
CA GLY C 80 -10.59 -6.60 -32.67
C GLY C 80 -11.57 -6.03 -31.65
N CYS C 81 -12.82 -5.87 -32.09
CA CYS C 81 -13.90 -5.48 -31.20
C CYS C 81 -14.84 -6.66 -31.13
N ILE C 82 -15.48 -6.91 -29.99
CA ILE C 82 -16.40 -8.04 -29.91
C ILE C 82 -17.74 -7.63 -30.51
N ASN C 83 -18.30 -8.48 -31.37
CA ASN C 83 -19.47 -8.09 -32.15
C ASN C 83 -20.78 -8.61 -31.59
N ALA C 84 -21.87 -8.33 -32.32
CA ALA C 84 -23.23 -8.68 -31.92
C ALA C 84 -23.49 -10.17 -31.56
N ASP C 85 -22.48 -11.03 -31.71
CA ASP C 85 -22.60 -12.46 -31.42
C ASP C 85 -21.71 -12.84 -30.24
N GLY C 86 -20.70 -12.01 -29.96
CA GLY C 86 -19.68 -12.33 -28.98
C GLY C 86 -18.37 -12.79 -29.59
N ASN C 87 -18.22 -12.67 -30.91
CA ASN C 87 -16.96 -13.01 -31.56
C ASN C 87 -16.06 -11.80 -31.75
N VAL C 88 -14.76 -12.03 -31.86
CA VAL C 88 -13.79 -10.97 -32.17
C VAL C 88 -13.87 -10.60 -33.67
N ASP C 89 -14.27 -9.37 -33.94
CA ASP C 89 -14.45 -8.87 -35.31
C ASP C 89 -13.30 -7.97 -35.70
N TYR C 90 -12.59 -8.33 -36.77
CA TYR C 90 -11.40 -7.59 -37.18
C TYR C 90 -11.69 -6.58 -38.27
N HIS C 91 -12.96 -6.27 -38.48
CA HIS C 91 -13.34 -5.12 -39.30
C HIS C 91 -13.21 -3.84 -38.50
N MET C 92 -12.84 -3.95 -37.23
CA MET C 92 -12.56 -2.81 -36.36
C MET C 92 -11.40 -3.10 -35.40
N ASN C 93 -10.98 -2.07 -34.66
CA ASN C 93 -9.92 -2.21 -33.67
C ASN C 93 -10.24 -1.60 -32.30
N SER C 94 -9.70 -2.21 -31.24
CA SER C 94 -9.77 -1.63 -29.91
C SER C 94 -8.58 -0.69 -29.69
N VAL C 95 -8.86 0.51 -29.23
CA VAL C 95 -7.82 1.49 -28.95
C VAL C 95 -8.03 2.15 -27.59
N PRO C 96 -6.93 2.44 -26.87
CA PRO C 96 -7.06 3.12 -25.59
C PRO C 96 -7.45 4.57 -25.79
N ILE C 97 -8.28 5.09 -24.89
CA ILE C 97 -8.57 6.51 -24.81
C ILE C 97 -7.69 7.06 -23.72
N GLN C 98 -6.78 7.95 -24.08
CA GLN C 98 -5.84 8.48 -23.11
C GLN C 98 -6.32 9.81 -22.53
N GLN C 99 -6.04 9.99 -21.24
CA GLN C 99 -6.36 11.23 -20.57
C GLN C 99 -5.13 11.76 -19.84
N GLU C 100 -4.83 13.03 -20.06
CA GLU C 100 -3.78 13.72 -19.36
C GLU C 100 -4.34 14.18 -18.01
N ILE C 101 -3.89 13.51 -16.95
CA ILE C 101 -4.26 13.87 -15.59
C ILE C 101 -3.05 14.51 -14.91
N LEU C 102 -3.31 15.50 -14.07
CA LEU C 102 -2.24 16.06 -13.26
C LEU C 102 -2.12 15.34 -11.93
N VAL C 103 -0.89 14.91 -11.63
CA VAL C 103 -0.57 14.22 -10.39
C VAL C 103 0.40 15.07 -9.55
N LEU C 104 1.16 14.44 -8.68
CA LEU C 104 1.97 15.22 -7.75
C LEU C 104 3.47 14.83 -7.72
N ARG C 116 6.40 18.52 -6.95
CA ARG C 116 5.55 19.59 -7.44
C ARG C 116 4.39 19.02 -8.27
N LEU C 117 3.96 19.76 -9.28
CA LEU C 117 2.91 19.32 -10.21
C LEU C 117 3.50 18.55 -11.38
N GLU C 118 2.81 17.47 -11.76
CA GLU C 118 3.19 16.67 -12.92
C GLU C 118 1.96 16.22 -13.70
N LYS C 119 2.01 16.35 -15.02
CA LYS C 119 0.94 15.83 -15.89
C LYS C 119 1.40 14.60 -16.66
N ILE C 120 0.70 13.48 -16.47
CA ILE C 120 1.03 12.22 -17.15
C ILE C 120 -0.18 11.70 -17.92
N LEU C 121 0.07 10.82 -18.88
CA LEU C 121 -1.00 10.28 -19.72
C LEU C 121 -1.38 8.86 -19.33
N VAL C 122 -2.65 8.67 -18.98
CA VAL C 122 -3.17 7.34 -18.66
C VAL C 122 -4.38 6.95 -19.52
N SER C 123 -4.43 5.67 -19.89
CA SER C 123 -5.57 5.09 -20.58
C SER C 123 -6.71 4.95 -19.60
N VAL C 124 -7.79 5.61 -19.94
CA VAL C 124 -8.99 5.67 -19.13
C VAL C 124 -9.89 4.47 -19.42
N GLY C 125 -9.80 3.99 -20.65
CA GLY C 125 -10.64 2.89 -21.12
C GLY C 125 -10.44 2.80 -22.62
N CYS C 126 -11.17 1.89 -23.25
CA CYS C 126 -11.01 1.68 -24.69
C CYS C 126 -12.23 2.11 -25.48
N THR C 127 -12.01 2.45 -26.75
CA THR C 127 -13.10 2.58 -27.71
C THR C 127 -12.86 1.69 -28.94
N CYS C 128 -13.87 1.57 -29.78
CA CYS C 128 -13.79 0.80 -31.01
C CYS C 128 -13.77 1.72 -32.24
N VAL C 129 -12.71 1.62 -33.05
CA VAL C 129 -12.63 2.40 -34.29
C VAL C 129 -12.91 1.57 -35.55
N THR C 130 -13.58 2.19 -36.51
CA THR C 130 -13.95 1.56 -37.79
C THR C 130 -13.39 2.35 -38.98
N PRO C 131 -13.03 1.66 -40.08
CA PRO C 131 -12.54 2.38 -41.27
C PRO C 131 -13.63 3.08 -42.06
N ILE C 132 -14.86 2.64 -41.86
CA ILE C 132 -16.03 3.17 -42.53
C ILE C 132 -16.48 4.51 -41.95
N VAL C 133 -16.77 5.47 -42.81
CA VAL C 133 -17.40 6.73 -42.43
C VAL C 133 -18.05 7.38 -43.65
N ASN D 41 -5.95 20.99 -26.34
CA ASN D 41 -7.18 20.42 -26.99
C ASN D 41 -6.97 19.00 -27.57
N PRO D 42 -7.65 17.98 -26.97
CA PRO D 42 -7.57 16.57 -27.42
C PRO D 42 -7.78 16.41 -28.92
N LYS D 43 -8.88 17.01 -29.42
CA LYS D 43 -9.27 17.08 -30.82
C LYS D 43 -8.12 17.07 -31.84
N ARG D 44 -6.94 17.54 -31.41
CA ARG D 44 -5.79 17.60 -32.30
C ARG D 44 -4.55 16.86 -31.78
N SER D 45 -4.71 16.14 -30.68
CA SER D 45 -3.77 15.08 -30.31
C SER D 45 -4.33 13.74 -30.77
N SER D 46 -5.66 13.58 -30.71
CA SER D 46 -6.30 12.31 -31.05
C SER D 46 -7.51 12.45 -31.98
N ASP D 47 -7.71 11.41 -32.78
CA ASP D 47 -8.60 11.41 -33.94
C ASP D 47 -9.86 10.62 -33.65
N TYR D 48 -9.79 9.87 -32.56
CA TYR D 48 -10.72 8.80 -32.25
C TYR D 48 -12.14 9.28 -32.07
N TYR D 49 -12.30 10.51 -31.59
CA TYR D 49 -13.63 11.09 -31.36
C TYR D 49 -14.48 11.00 -32.62
N ASN D 50 -13.81 10.93 -33.76
CA ASN D 50 -14.44 10.93 -35.08
C ASN D 50 -14.61 9.56 -35.69
N ARG D 51 -13.67 8.67 -35.39
CA ARG D 51 -13.55 7.41 -36.09
C ARG D 51 -14.12 6.27 -35.25
N SER D 52 -14.58 6.60 -34.05
CA SER D 52 -15.20 5.63 -33.17
C SER D 52 -16.59 5.16 -33.68
N THR D 53 -16.95 3.93 -33.30
CA THR D 53 -18.30 3.39 -33.48
C THR D 53 -19.26 4.11 -32.55
N SER D 54 -18.69 4.65 -31.47
CA SER D 54 -19.40 5.58 -30.60
C SER D 54 -18.75 6.99 -30.62
N PRO D 55 -18.80 7.68 -31.79
CA PRO D 55 -18.11 8.96 -31.91
C PRO D 55 -18.62 9.97 -30.90
N TRP D 56 -17.80 10.98 -30.61
CA TRP D 56 -18.20 12.01 -29.65
C TRP D 56 -17.73 13.42 -30.07
N ASN D 57 -18.33 14.43 -29.45
CA ASN D 57 -17.95 15.83 -29.65
C ASN D 57 -17.37 16.40 -28.38
N LEU D 58 -16.61 17.48 -28.50
CA LEU D 58 -16.03 18.09 -27.33
C LEU D 58 -16.58 19.47 -27.05
N HIS D 59 -16.62 19.81 -25.76
CA HIS D 59 -17.19 21.06 -25.30
C HIS D 59 -16.20 21.76 -24.39
N ARG D 60 -15.81 22.96 -24.80
CA ARG D 60 -14.98 23.83 -23.98
C ARG D 60 -15.72 24.14 -22.68
N ASN D 61 -15.02 23.96 -21.55
CA ASN D 61 -15.53 24.38 -20.25
C ASN D 61 -14.47 25.20 -19.51
N GLU D 62 -14.53 26.51 -19.69
CA GLU D 62 -13.54 27.42 -19.13
C GLU D 62 -14.01 27.95 -17.78
N ASP D 63 -13.12 27.92 -16.79
CA ASP D 63 -13.38 28.52 -15.49
C ASP D 63 -12.16 29.32 -15.04
N PRO D 64 -12.30 30.66 -15.01
CA PRO D 64 -11.25 31.56 -14.54
C PRO D 64 -10.55 31.04 -13.28
N GLU D 65 -11.28 30.99 -12.15
CA GLU D 65 -10.75 30.54 -10.86
C GLU D 65 -10.71 29.01 -10.75
N ARG D 66 -9.83 28.41 -11.56
CA ARG D 66 -9.73 26.96 -11.70
C ARG D 66 -8.48 26.61 -12.51
N TYR D 67 -7.72 25.60 -12.05
CA TYR D 67 -6.62 25.07 -12.85
C TYR D 67 -6.75 23.56 -13.08
N PRO D 68 -6.67 23.12 -14.35
CA PRO D 68 -6.47 23.94 -15.54
C PRO D 68 -7.76 24.62 -15.98
N SER D 69 -7.71 25.95 -16.08
CA SER D 69 -8.88 26.75 -16.42
C SER D 69 -9.72 26.13 -17.55
N VAL D 70 -9.03 25.48 -18.49
CA VAL D 70 -9.68 24.86 -19.65
C VAL D 70 -9.75 23.33 -19.50
N ILE D 71 -10.97 22.79 -19.52
CA ILE D 71 -11.17 21.34 -19.67
C ILE D 71 -12.16 21.03 -20.79
N TRP D 72 -11.81 20.03 -21.61
CA TRP D 72 -12.61 19.63 -22.75
C TRP D 72 -13.50 18.42 -22.41
N GLU D 73 -14.80 18.66 -22.42
CA GLU D 73 -15.76 17.67 -21.93
C GLU D 73 -16.42 16.96 -23.11
N ALA D 74 -16.30 15.65 -23.13
CA ALA D 74 -16.80 14.84 -24.24
C ALA D 74 -18.27 14.52 -24.07
N LYS D 75 -18.97 14.42 -25.20
CA LYS D 75 -20.40 14.16 -25.23
C LYS D 75 -20.70 13.26 -26.42
N CYS D 76 -21.33 12.12 -26.17
CA CYS D 76 -21.58 11.18 -27.26
C CYS D 76 -22.47 11.80 -28.36
N ARG D 77 -22.18 11.46 -29.62
CA ARG D 77 -22.88 12.00 -30.78
C ARG D 77 -24.25 11.38 -30.98
N HIS D 78 -24.41 10.12 -30.60
CA HIS D 78 -25.62 9.33 -30.85
C HIS D 78 -26.03 8.52 -29.63
N LEU D 79 -27.27 8.03 -29.64
CA LEU D 79 -27.69 6.98 -28.71
C LEU D 79 -27.13 5.63 -29.19
N GLY D 80 -27.24 5.37 -30.50
CA GLY D 80 -26.75 4.10 -31.07
C GLY D 80 -25.26 4.13 -31.32
N CYS D 81 -24.73 3.03 -31.87
CA CYS D 81 -23.35 2.94 -32.36
C CYS D 81 -23.33 2.75 -33.88
N ILE D 82 -22.29 3.27 -34.53
CA ILE D 82 -22.06 3.01 -35.95
C ILE D 82 -21.79 1.52 -36.18
N ASN D 83 -22.41 0.96 -37.20
CA ASN D 83 -22.17 -0.45 -37.54
C ASN D 83 -21.34 -0.58 -38.81
N ALA D 84 -21.12 -1.82 -39.26
CA ALA D 84 -20.31 -2.08 -40.46
C ALA D 84 -20.83 -1.34 -41.68
N ASP D 85 -22.14 -1.12 -41.73
CA ASP D 85 -22.77 -0.44 -42.87
C ASP D 85 -22.60 1.08 -42.81
N GLY D 86 -22.15 1.57 -41.65
CA GLY D 86 -21.98 3.00 -41.45
C GLY D 86 -23.24 3.68 -40.91
N ASN D 87 -24.22 2.88 -40.51
CA ASN D 87 -25.48 3.40 -39.95
C ASN D 87 -25.54 3.33 -38.42
N VAL D 88 -26.40 4.17 -37.85
CA VAL D 88 -26.69 4.11 -36.43
C VAL D 88 -27.47 2.84 -36.11
N ASP D 89 -26.93 2.03 -35.20
CA ASP D 89 -27.50 0.72 -34.86
C ASP D 89 -27.87 0.68 -33.39
N TYR D 90 -29.16 0.47 -33.11
CA TYR D 90 -29.65 0.54 -31.73
C TYR D 90 -29.68 -0.80 -31.00
N HIS D 91 -28.95 -1.79 -31.52
CA HIS D 91 -28.69 -3.02 -30.78
C HIS D 91 -27.56 -2.81 -29.75
N MET D 92 -27.02 -1.60 -29.72
CA MET D 92 -25.97 -1.23 -28.78
C MET D 92 -26.01 0.28 -28.50
N ASN D 93 -25.40 0.74 -27.41
CA ASN D 93 -25.40 2.17 -27.05
C ASN D 93 -24.02 2.81 -26.87
N SER D 94 -23.91 4.06 -27.31
CA SER D 94 -22.77 4.89 -27.03
C SER D 94 -22.88 5.36 -25.59
N VAL D 95 -21.87 5.11 -24.78
CA VAL D 95 -21.89 5.62 -23.42
C VAL D 95 -20.62 6.41 -23.12
N PRO D 96 -20.75 7.51 -22.37
CA PRO D 96 -19.57 8.31 -22.02
C PRO D 96 -18.71 7.60 -20.97
N ILE D 97 -17.40 7.72 -21.11
CA ILE D 97 -16.50 7.23 -20.07
C ILE D 97 -16.13 8.38 -19.13
N GLN D 98 -16.57 8.22 -17.89
CA GLN D 98 -16.36 9.20 -16.82
C GLN D 98 -15.06 8.94 -16.06
N GLN D 99 -14.41 10.01 -15.61
CA GLN D 99 -13.17 9.91 -14.85
C GLN D 99 -13.16 10.93 -13.72
N GLU D 100 -12.55 10.56 -12.60
CA GLU D 100 -12.25 11.54 -11.55
C GLU D 100 -10.96 12.27 -11.91
N ILE D 101 -10.99 13.60 -11.79
CA ILE D 101 -9.84 14.42 -12.11
C ILE D 101 -9.56 15.42 -10.98
N LEU D 102 -8.28 15.58 -10.67
CA LEU D 102 -7.82 16.54 -9.66
C LEU D 102 -7.80 17.97 -10.19
N VAL D 103 -8.39 18.89 -9.43
CA VAL D 103 -8.38 20.32 -9.76
C VAL D 103 -8.13 21.16 -8.51
N ILE D 120 -13.28 16.63 -9.50
CA ILE D 120 -14.50 16.69 -10.31
C ILE D 120 -14.60 15.56 -11.34
N LEU D 121 -15.84 15.30 -11.80
CA LEU D 121 -16.15 14.22 -12.74
C LEU D 121 -16.19 14.71 -14.20
N VAL D 122 -15.43 14.03 -15.05
CA VAL D 122 -15.24 14.46 -16.43
C VAL D 122 -15.48 13.32 -17.41
N SER D 123 -16.13 13.63 -18.54
CA SER D 123 -16.33 12.67 -19.63
C SER D 123 -15.20 12.76 -20.64
N VAL D 124 -14.43 11.68 -20.74
CA VAL D 124 -13.18 11.67 -21.49
C VAL D 124 -13.39 11.20 -22.92
N GLY D 125 -14.39 10.37 -23.13
CA GLY D 125 -14.66 9.79 -24.44
C GLY D 125 -15.82 8.82 -24.30
N CYS D 126 -16.16 8.15 -25.38
CA CYS D 126 -17.30 7.25 -25.38
C CYS D 126 -16.90 5.88 -25.89
N THR D 127 -17.51 4.86 -25.30
CA THR D 127 -17.37 3.51 -25.78
C THR D 127 -18.75 2.96 -26.13
N CYS D 128 -18.78 1.80 -26.75
CA CYS D 128 -20.02 1.20 -27.20
C CYS D 128 -20.30 -0.04 -26.35
N VAL D 129 -21.48 -0.10 -25.73
CA VAL D 129 -21.84 -1.29 -24.93
C VAL D 129 -22.98 -2.10 -25.57
N THR D 130 -22.91 -3.42 -25.45
CA THR D 130 -24.00 -4.30 -25.91
C THR D 130 -24.66 -4.93 -24.70
N PRO D 131 -25.90 -5.44 -24.87
CA PRO D 131 -26.53 -6.17 -23.78
C PRO D 131 -26.05 -7.62 -23.63
N ILE D 132 -25.16 -8.10 -24.51
CA ILE D 132 -24.68 -9.50 -24.46
C ILE D 132 -23.17 -9.61 -24.23
N VAL D 133 -22.79 -10.46 -23.27
CA VAL D 133 -21.42 -11.02 -23.06
C VAL D 133 -20.53 -11.09 -24.32
N GLU E 1 17.80 20.06 10.26
CA GLU E 1 18.47 21.07 11.11
C GLU E 1 17.50 21.55 12.20
N VAL E 2 17.93 21.40 13.45
CA VAL E 2 17.12 21.81 14.58
C VAL E 2 16.89 23.32 14.55
N GLN E 3 15.63 23.73 14.67
CA GLN E 3 15.29 25.15 14.63
C GLN E 3 14.31 25.47 15.75
N LEU E 4 14.60 26.55 16.49
CA LEU E 4 13.75 27.00 17.58
C LEU E 4 13.53 28.49 17.48
N LEU E 5 12.28 28.89 17.36
CA LEU E 5 11.91 30.29 17.12
C LEU E 5 11.04 30.92 18.21
N GLU E 6 11.64 31.76 19.07
CA GLU E 6 10.88 32.48 20.11
C GLU E 6 10.00 33.63 19.59
N SER E 7 8.87 33.84 20.26
CA SER E 7 7.91 34.92 19.95
C SER E 7 7.26 35.40 21.22
N GLY E 8 6.71 36.62 21.14
CA GLY E 8 5.90 37.18 22.21
C GLY E 8 6.59 38.27 23.00
N GLY E 9 7.90 38.45 22.80
CA GLY E 9 8.65 39.50 23.51
C GLY E 9 8.14 40.91 23.23
N GLY E 10 8.26 41.81 24.21
CA GLY E 10 7.82 43.19 24.04
C GLY E 10 7.85 43.97 25.36
N LEU E 11 7.15 45.09 25.38
CA LEU E 11 7.09 45.91 26.58
C LEU E 11 5.91 45.52 27.47
N VAL E 12 6.16 45.38 28.76
CA VAL E 12 5.10 45.03 29.70
C VAL E 12 5.19 45.93 30.92
N GLN E 13 4.05 46.42 31.37
CA GLN E 13 3.95 47.09 32.64
C GLN E 13 4.24 46.12 33.80
N PRO E 14 4.99 46.58 34.83
CA PRO E 14 5.09 45.71 36.00
C PRO E 14 3.71 45.33 36.51
N GLY E 15 3.59 44.13 37.07
CA GLY E 15 2.31 43.59 37.49
C GLY E 15 1.55 42.90 36.36
N GLY E 16 2.01 43.07 35.13
CA GLY E 16 1.34 42.50 33.96
C GLY E 16 1.72 41.07 33.53
N SER E 17 1.03 40.62 32.48
CA SER E 17 1.14 39.26 31.98
C SER E 17 1.69 39.26 30.57
N LEU E 18 2.34 38.16 30.21
CA LEU E 18 2.86 37.95 28.85
C LEU E 18 3.05 36.47 28.56
N ARG E 19 2.69 36.07 27.35
CA ARG E 19 2.84 34.71 26.88
C ARG E 19 3.92 34.65 25.80
N LEU E 20 4.99 33.93 26.10
CA LEU E 20 6.04 33.68 25.12
C LEU E 20 5.78 32.35 24.41
N SER E 21 6.15 32.25 23.16
CA SER E 21 5.95 31.02 22.44
C SER E 21 7.16 30.70 21.55
N CYS E 22 7.42 29.42 21.38
CA CYS E 22 8.58 28.97 20.66
C CYS E 22 8.15 27.90 19.66
N ALA E 23 8.51 28.10 18.40
CA ALA E 23 8.14 27.15 17.35
C ALA E 23 9.31 26.21 16.98
N ALA E 24 9.08 24.90 16.99
CA ALA E 24 10.17 23.97 16.82
C ALA E 24 10.02 23.23 15.54
N SER E 25 11.13 23.06 14.83
CA SER E 25 11.19 22.20 13.66
C SER E 25 12.56 21.53 13.57
N GLY E 26 12.64 20.41 12.87
CA GLY E 26 13.90 19.69 12.68
C GLY E 26 14.08 18.42 13.49
N PHE E 27 13.08 18.06 14.30
CA PHE E 27 13.21 16.93 15.21
C PHE E 27 11.83 16.56 15.74
N THR E 28 11.74 15.40 16.37
CA THR E 28 10.45 14.88 16.87
C THR E 28 10.08 15.49 18.23
N PHE E 29 9.37 16.61 18.15
CA PHE E 29 9.10 17.50 19.27
C PHE E 29 8.56 16.87 20.52
N SER E 30 7.59 15.97 20.39
CA SER E 30 6.97 15.40 21.59
C SER E 30 7.88 14.45 22.36
N SER E 31 9.04 14.12 21.79
CA SER E 31 9.99 13.26 22.49
C SER E 31 11.23 13.96 23.04
N TYR E 32 11.15 15.28 23.20
CA TYR E 32 12.18 16.06 23.85
C TYR E 32 11.61 16.94 24.96
N ALA E 33 12.31 16.97 26.09
CA ALA E 33 12.03 17.90 27.15
C ALA E 33 12.55 19.26 26.70
N MET E 34 11.85 20.33 27.05
CA MET E 34 12.24 21.69 26.69
C MET E 34 12.43 22.58 27.93
N SER E 35 13.08 23.72 27.72
CA SER E 35 13.43 24.65 28.78
C SER E 35 13.33 26.08 28.27
N TRP E 36 13.04 26.98 29.20
CA TRP E 36 13.31 28.39 29.01
C TRP E 36 14.46 28.78 29.92
N VAL E 37 15.37 29.59 29.37
CA VAL E 37 16.51 30.12 30.10
C VAL E 37 16.50 31.60 29.74
N ARG E 38 16.97 32.46 30.62
CA ARG E 38 16.96 33.91 30.36
C ARG E 38 18.28 34.61 30.69
N GLN E 39 18.46 35.80 30.14
CA GLN E 39 19.68 36.54 30.38
C GLN E 39 19.42 38.06 30.44
N ALA E 40 19.64 38.66 31.61
CA ALA E 40 19.68 40.13 31.73
C ALA E 40 20.84 40.72 30.90
N PRO E 41 20.64 41.92 30.32
CA PRO E 41 21.73 42.55 29.53
C PRO E 41 23.00 42.69 30.38
N GLY E 42 24.13 42.23 29.84
CA GLY E 42 25.41 42.29 30.55
C GLY E 42 25.60 41.30 31.71
N LYS E 43 24.68 40.33 31.84
CA LYS E 43 24.68 39.40 32.99
C LYS E 43 24.57 37.93 32.56
N GLY E 44 24.71 37.01 33.50
CA GLY E 44 24.80 35.58 33.19
C GLY E 44 23.48 34.96 32.76
N LEU E 45 23.57 33.74 32.22
CA LEU E 45 22.39 32.97 31.89
C LEU E 45 21.77 32.48 33.19
N GLU E 46 20.45 32.51 33.25
CA GLU E 46 19.72 32.03 34.41
C GLU E 46 18.60 31.11 33.96
N TRP E 47 18.68 29.85 34.37
CA TRP E 47 17.58 28.92 34.14
C TRP E 47 16.26 29.43 34.73
N VAL E 48 15.16 29.18 34.00
CA VAL E 48 13.81 29.66 34.30
C VAL E 48 12.83 28.49 34.50
N SER E 49 12.71 27.65 33.48
CA SER E 49 11.68 26.63 33.51
C SER E 49 12.02 25.42 32.63
N ALA E 50 11.39 24.29 32.91
CA ALA E 50 11.54 23.08 32.11
C ALA E 50 10.27 22.27 32.14
N ILE E 51 10.10 21.44 31.10
CA ILE E 51 8.91 20.60 30.96
C ILE E 51 9.29 19.27 30.30
N SER E 52 8.64 18.19 30.73
CA SER E 52 8.86 16.87 30.13
C SER E 52 8.29 16.83 28.71
N GLY E 53 8.79 15.90 27.88
CA GLY E 53 8.29 15.70 26.51
C GLY E 53 6.76 15.66 26.44
N SER E 54 6.15 14.85 27.30
CA SER E 54 4.70 14.72 27.38
C SER E 54 4.06 15.98 27.93
N GLY E 55 4.69 16.63 28.89
CA GLY E 55 4.14 17.82 29.53
C GLY E 55 3.67 17.56 30.94
N GLY E 56 3.73 16.30 31.38
CA GLY E 56 3.23 15.91 32.69
C GLY E 56 4.14 16.34 33.83
N SER E 57 5.28 16.91 33.47
CA SER E 57 6.28 17.25 34.46
C SER E 57 6.87 18.61 34.18
N THR E 58 6.96 19.38 35.26
CA THR E 58 7.06 20.80 35.23
C THR E 58 8.08 21.21 36.32
N TYR E 59 9.02 22.07 35.97
CA TYR E 59 10.03 22.57 36.93
C TYR E 59 10.15 24.10 36.86
N TYR E 60 10.37 24.76 38.01
CA TYR E 60 10.57 26.21 38.03
C TYR E 60 11.72 26.66 38.92
N ALA E 61 12.48 27.66 38.45
CA ALA E 61 13.44 28.32 39.32
C ALA E 61 12.66 28.96 40.47
N ASP E 62 13.27 29.04 41.65
CA ASP E 62 12.64 29.72 42.81
C ASP E 62 12.15 31.15 42.53
N SER E 63 12.91 31.94 41.77
CA SER E 63 12.52 33.34 41.48
C SER E 63 11.25 33.51 40.62
N VAL E 64 10.70 32.44 40.05
CA VAL E 64 9.53 32.56 39.16
C VAL E 64 8.38 31.67 39.60
N LYS E 65 8.65 30.81 40.56
CA LYS E 65 7.69 29.82 41.03
C LYS E 65 6.42 30.52 41.53
N GLY E 66 5.26 30.04 41.07
CA GLY E 66 4.00 30.67 41.41
C GLY E 66 3.55 31.78 40.46
N ARG E 67 4.44 32.29 39.62
CA ARG E 67 4.12 33.40 38.71
C ARG E 67 4.16 33.00 37.24
N PHE E 68 5.10 32.12 36.89
CA PHE E 68 5.24 31.64 35.53
C PHE E 68 4.64 30.26 35.38
N THR E 69 4.16 29.95 34.18
CA THR E 69 3.68 28.61 33.86
C THR E 69 4.24 28.22 32.50
N ILE E 70 4.97 27.11 32.48
CA ILE E 70 5.47 26.53 31.24
C ILE E 70 4.46 25.51 30.73
N SER E 71 4.19 25.53 29.43
CA SER E 71 3.39 24.45 28.85
C SER E 71 3.83 24.15 27.41
N ARG E 72 3.13 23.25 26.75
CA ARG E 72 3.48 22.86 25.38
C ARG E 72 2.26 22.34 24.67
N ASP E 73 2.25 22.50 23.36
CA ASP E 73 1.22 21.94 22.51
C ASP E 73 1.90 21.06 21.48
N ASN E 74 1.98 19.78 21.80
CA ASN E 74 2.74 18.83 21.00
C ASN E 74 2.24 18.67 19.59
N SER E 75 0.94 18.90 19.40
CA SER E 75 0.36 18.78 18.06
C SER E 75 0.69 20.01 17.21
N LYS E 76 1.15 21.07 17.86
CA LYS E 76 1.48 22.30 17.17
C LYS E 76 2.98 22.56 17.20
N ASN E 77 3.75 21.63 17.77
CA ASN E 77 5.21 21.78 17.89
C ASN E 77 5.57 23.13 18.51
N THR E 78 4.85 23.49 19.57
CA THR E 78 5.01 24.80 20.19
C THR E 78 5.19 24.70 21.70
N LEU E 79 6.17 25.43 22.21
CA LEU E 79 6.41 25.54 23.64
C LEU E 79 5.95 26.91 24.07
N TYR E 80 5.30 27.02 25.22
CA TYR E 80 4.85 28.33 25.75
C TYR E 80 5.41 28.69 27.13
N LEU E 81 5.51 29.99 27.40
CA LEU E 81 5.77 30.47 28.75
C LEU E 81 4.79 31.58 29.14
N GLN E 82 3.86 31.28 30.04
CA GLN E 82 2.89 32.25 30.52
C GLN E 82 3.51 32.93 31.72
N MET E 83 3.74 34.24 31.59
CA MET E 83 4.37 35.01 32.66
C MET E 83 3.35 35.95 33.26
N ASN E 84 2.98 35.70 34.51
CA ASN E 84 2.06 36.58 35.23
C ASN E 84 2.82 37.42 36.28
N SER E 85 2.20 38.45 36.85
CA SER E 85 2.83 39.32 37.86
C SER E 85 4.30 39.62 37.54
N LEU E 86 4.55 40.16 36.35
CA LEU E 86 5.91 40.48 35.96
C LEU E 86 6.53 41.61 36.77
N ARG E 87 7.83 41.49 37.03
CA ARG E 87 8.57 42.54 37.72
C ARG E 87 9.82 42.99 36.98
N ALA E 88 10.25 44.22 37.27
CA ALA E 88 11.46 44.80 36.67
C ALA E 88 12.61 43.79 36.54
N GLU E 89 12.80 43.00 37.60
CA GLU E 89 13.75 41.89 37.67
C GLU E 89 13.59 40.82 36.57
N ASP E 90 12.42 40.73 35.95
CA ASP E 90 12.18 39.72 34.93
C ASP E 90 12.63 40.14 33.52
N THR E 91 13.07 41.39 33.39
CA THR E 91 13.59 41.93 32.14
C THR E 91 14.83 41.16 31.71
N ALA E 92 14.75 40.51 30.54
CA ALA E 92 15.83 39.65 30.00
C ALA E 92 15.54 39.28 28.57
N VAL E 93 16.57 38.78 27.88
CA VAL E 93 16.35 37.98 26.68
C VAL E 93 15.93 36.58 27.15
N TYR E 94 14.89 36.03 26.52
CA TYR E 94 14.40 34.68 26.85
C TYR E 94 14.70 33.66 25.77
N TYR E 95 15.43 32.63 26.15
CA TYR E 95 15.81 31.63 25.19
C TYR E 95 14.95 30.38 25.33
N CYS E 96 14.65 29.78 24.19
CA CYS E 96 14.02 28.50 24.11
C CYS E 96 15.19 27.51 24.02
N ALA E 97 15.07 26.34 24.64
CA ALA E 97 16.14 25.35 24.54
C ALA E 97 15.61 23.91 24.58
N ARG E 98 16.28 23.02 23.84
CA ARG E 98 15.94 21.60 23.78
C ARG E 98 16.89 20.77 24.65
N ASP E 99 16.33 19.87 25.48
CA ASP E 99 17.10 18.97 26.35
C ASP E 99 17.09 17.53 25.83
N LEU E 100 18.26 16.91 25.76
CA LEU E 100 18.35 15.47 25.53
C LEU E 100 17.76 14.65 26.71
N ILE E 101 17.98 15.13 27.93
CA ILE E 101 17.29 14.67 29.14
C ILE E 101 17.16 15.86 30.06
N HIS E 102 16.32 15.76 31.07
CA HIS E 102 16.22 16.81 32.06
C HIS E 102 17.64 17.33 32.40
N GLY E 103 17.86 18.61 32.15
CA GLY E 103 19.10 19.25 32.55
C GLY E 103 20.28 19.18 31.58
N VAL E 104 20.09 18.53 30.44
CA VAL E 104 21.14 18.49 29.42
C VAL E 104 20.64 19.17 28.13
N THR E 105 20.94 20.45 27.99
CA THR E 105 20.39 21.22 26.89
C THR E 105 21.36 21.22 25.71
N ARG E 106 20.79 20.97 24.53
CA ARG E 106 21.57 20.67 23.33
C ARG E 106 21.37 21.74 22.25
N ASN E 107 20.25 22.46 22.28
CA ASN E 107 20.03 23.51 21.29
C ASN E 107 19.36 24.74 21.88
N TRP E 108 19.76 25.91 21.39
CA TRP E 108 19.16 27.17 21.81
C TRP E 108 18.50 27.85 20.64
N GLY E 109 17.42 28.58 20.90
CA GLY E 109 16.85 29.43 19.88
C GLY E 109 17.56 30.76 19.83
N GLN E 110 16.86 31.76 19.29
CA GLN E 110 17.41 33.07 18.94
C GLN E 110 17.25 34.09 20.06
N GLY E 111 16.22 33.88 20.87
CA GLY E 111 15.95 34.78 21.96
C GLY E 111 14.90 35.82 21.65
N THR E 112 14.21 36.23 22.69
CA THR E 112 13.17 37.22 22.58
C THR E 112 13.32 38.12 23.79
N LEU E 113 13.33 39.44 23.57
CA LEU E 113 13.58 40.38 24.65
C LEU E 113 12.30 40.83 25.29
N VAL E 114 12.24 40.64 26.61
CA VAL E 114 11.07 41.03 27.41
C VAL E 114 11.50 42.16 28.32
N THR E 115 10.86 43.32 28.16
CA THR E 115 11.15 44.50 28.97
C THR E 115 9.96 44.76 29.88
N VAL E 116 10.21 44.73 31.20
CA VAL E 116 9.17 45.02 32.16
C VAL E 116 9.48 46.36 32.77
N SER E 117 8.71 47.36 32.36
CA SER E 117 8.95 48.77 32.69
C SER E 117 7.66 49.58 32.63
N SER E 118 7.65 50.71 33.33
CA SER E 118 6.45 51.56 33.36
C SER E 118 6.54 52.71 32.36
N ALA E 119 7.76 53.00 31.91
CA ALA E 119 8.03 53.89 30.79
C ALA E 119 7.29 53.46 29.51
N SER E 120 6.80 54.45 28.78
CA SER E 120 5.91 54.24 27.64
C SER E 120 6.67 53.94 26.37
N THR E 121 6.01 53.24 25.44
CA THR E 121 6.55 52.95 24.12
C THR E 121 6.83 54.26 23.38
N LYS E 122 8.01 54.37 22.80
CA LYS E 122 8.30 55.48 21.92
C LYS E 122 8.95 54.92 20.68
N GLY E 123 8.35 55.22 19.52
CA GLY E 123 8.95 54.88 18.24
C GLY E 123 10.06 55.82 17.82
N PRO E 124 11.06 55.31 17.09
CA PRO E 124 12.17 56.16 16.68
C PRO E 124 11.82 57.07 15.52
N SER E 125 12.48 58.22 15.44
CA SER E 125 12.68 58.89 14.17
C SER E 125 13.98 58.39 13.51
N VAL E 126 13.97 58.34 12.19
CA VAL E 126 15.08 57.82 11.41
C VAL E 126 15.61 58.91 10.48
N PHE E 127 16.91 59.16 10.58
CA PHE E 127 17.55 60.23 9.83
C PHE E 127 18.68 59.70 8.98
N PRO E 128 18.78 60.20 7.73
CA PRO E 128 19.84 59.79 6.83
C PRO E 128 21.14 60.48 7.19
N LEU E 129 22.22 59.71 7.21
CA LEU E 129 23.56 60.23 7.44
C LEU E 129 24.29 60.18 6.11
N ALA E 130 24.27 61.31 5.42
CA ALA E 130 24.86 61.47 4.09
C ALA E 130 26.39 61.45 4.11
N PRO E 131 27.02 60.80 3.10
CA PRO E 131 28.46 60.97 2.82
C PRO E 131 28.78 62.42 2.45
N SER E 132 29.98 62.89 2.80
CA SER E 132 30.34 64.32 2.59
C SER E 132 31.05 64.59 1.25
N GLY E 138 40.46 58.65 -1.19
CA GLY E 138 39.10 58.61 -1.72
C GLY E 138 38.67 57.22 -2.12
N GLY E 139 37.73 57.13 -3.05
CA GLY E 139 37.27 55.83 -3.55
C GLY E 139 36.31 55.10 -2.64
N THR E 140 36.37 55.43 -1.35
CA THR E 140 35.38 54.94 -0.37
C THR E 140 34.58 56.12 0.17
N ALA E 141 33.29 55.89 0.37
CA ALA E 141 32.45 56.85 1.10
C ALA E 141 31.59 56.12 2.12
N ALA E 142 31.39 56.76 3.27
CA ALA E 142 30.62 56.18 4.36
C ALA E 142 29.22 56.78 4.42
N LEU E 143 28.20 55.92 4.49
CA LEU E 143 26.85 56.40 4.69
C LEU E 143 26.10 55.58 5.75
N GLY E 144 25.06 56.17 6.32
CA GLY E 144 24.35 55.53 7.42
C GLY E 144 22.98 56.08 7.75
N CYS E 145 22.38 55.50 8.79
CA CYS E 145 21.09 55.91 9.29
C CYS E 145 21.18 56.18 10.78
N LEU E 146 20.60 57.28 11.22
CA LEU E 146 20.42 57.55 12.64
C LEU E 146 19.03 57.12 13.08
N VAL E 147 18.97 56.21 14.04
CA VAL E 147 17.69 55.78 14.63
C VAL E 147 17.52 56.38 16.04
N LYS E 148 16.75 57.47 16.14
CA LYS E 148 16.79 58.33 17.33
C LYS E 148 15.60 58.21 18.29
N ASP E 149 15.90 58.16 19.60
CA ASP E 149 14.90 58.20 20.69
C ASP E 149 13.78 57.15 20.62
N TYR E 150 14.11 55.88 20.87
CA TYR E 150 13.10 54.83 20.88
C TYR E 150 13.05 54.06 22.20
N PHE E 151 11.98 53.31 22.41
CA PHE E 151 11.84 52.50 23.61
C PHE E 151 10.72 51.49 23.48
N PRO E 152 10.97 50.23 23.86
CA PRO E 152 12.25 49.67 24.31
C PRO E 152 13.06 49.13 23.14
N GLN E 153 14.16 48.46 23.47
CA GLN E 153 14.88 47.65 22.51
C GLN E 153 13.97 46.48 22.11
N PRO E 154 14.20 45.87 20.94
CA PRO E 154 15.24 46.19 19.94
C PRO E 154 14.70 46.88 18.71
N VAL E 155 15.60 47.35 17.84
CA VAL E 155 15.28 47.72 16.47
C VAL E 155 16.05 46.82 15.53
N THR E 156 15.63 46.87 14.27
CA THR E 156 16.20 46.10 13.20
C THR E 156 16.62 47.10 12.13
N VAL E 157 17.83 46.94 11.60
CA VAL E 157 18.28 47.74 10.46
C VAL E 157 18.88 46.77 9.47
N SER E 158 18.50 46.89 8.22
CA SER E 158 19.26 46.26 7.16
C SER E 158 19.40 47.27 6.03
N TRP E 159 20.24 46.91 5.05
CA TRP E 159 20.46 47.75 3.89
C TRP E 159 20.00 47.06 2.61
N ASN E 160 19.22 47.79 1.80
CA ASN E 160 18.66 47.29 0.54
C ASN E 160 17.91 45.97 0.70
N SER E 161 16.92 45.96 1.59
CA SER E 161 16.11 44.79 1.89
C SER E 161 16.92 43.52 2.14
N GLY E 162 18.02 43.66 2.87
CA GLY E 162 18.89 42.50 3.18
C GLY E 162 19.99 42.19 2.17
N ALA E 163 19.90 42.76 0.96
CA ALA E 163 20.84 42.46 -0.12
C ALA E 163 22.26 43.03 0.08
N LEU E 164 22.37 44.08 0.91
CA LEU E 164 23.66 44.65 1.28
C LEU E 164 24.04 44.18 2.67
N THR E 165 25.09 43.36 2.79
CA THR E 165 25.59 42.89 4.09
C THR E 165 27.12 42.82 4.18
N SER E 166 27.81 43.83 3.68
CA SER E 166 29.26 43.83 3.85
C SER E 166 29.72 45.26 3.75
N GLY E 167 30.64 45.62 4.66
CA GLY E 167 30.97 47.01 4.92
C GLY E 167 29.93 47.63 5.86
N VAL E 168 29.03 46.78 6.34
CA VAL E 168 27.93 47.21 7.18
C VAL E 168 28.32 47.04 8.65
N HIS E 169 28.31 48.15 9.38
CA HIS E 169 28.57 48.14 10.79
C HIS E 169 27.40 48.84 11.51
N THR E 170 26.58 48.04 12.20
CA THR E 170 25.45 48.56 12.95
C THR E 170 25.83 48.66 14.43
N PHE E 171 25.74 49.85 15.00
CA PHE E 171 26.28 50.10 16.35
C PHE E 171 25.29 49.78 17.48
N PRO E 172 25.80 49.15 18.55
CA PRO E 172 24.98 49.00 19.76
C PRO E 172 24.42 50.35 20.22
N ALA E 173 23.12 50.38 20.51
CA ALA E 173 22.45 51.58 20.97
C ALA E 173 23.15 52.23 22.16
N VAL E 174 22.95 53.53 22.29
CA VAL E 174 23.27 54.20 23.51
C VAL E 174 21.97 54.31 24.31
N LEU E 175 22.03 54.02 25.59
CA LEU E 175 20.91 54.30 26.47
C LEU E 175 21.18 55.66 27.13
N GLN E 176 20.41 56.66 26.69
CA GLN E 176 20.57 58.00 27.24
C GLN E 176 20.06 58.05 28.68
N SER E 177 20.45 59.11 29.38
CA SER E 177 19.99 59.32 30.74
C SER E 177 18.47 59.60 30.80
N SER E 178 17.91 60.01 29.67
CA SER E 178 16.48 60.26 29.57
C SER E 178 15.66 58.97 29.63
N GLY E 179 16.34 57.83 29.45
CA GLY E 179 15.66 56.54 29.40
C GLY E 179 15.44 55.99 28.00
N LEU E 180 15.78 56.78 26.97
CA LEU E 180 15.55 56.43 25.55
C LEU E 180 16.80 55.96 24.84
N TYR E 181 16.62 55.13 23.82
CA TYR E 181 17.74 54.61 23.03
C TYR E 181 17.94 55.37 21.74
N SER E 182 19.17 55.29 21.23
CA SER E 182 19.50 55.75 19.91
C SER E 182 20.55 54.82 19.33
N LEU E 183 20.49 54.57 18.02
CA LEU E 183 21.57 53.87 17.35
C LEU E 183 21.82 54.41 15.95
N SER E 184 22.89 53.92 15.33
CA SER E 184 23.14 54.19 13.92
C SER E 184 23.81 53.01 13.23
N SER E 185 23.61 52.92 11.93
CA SER E 185 24.20 51.90 11.11
C SER E 185 24.99 52.62 10.04
N VAL E 186 26.20 52.16 9.75
CA VAL E 186 26.94 52.72 8.62
C VAL E 186 27.35 51.68 7.60
N VAL E 187 27.45 52.16 6.37
CA VAL E 187 27.85 51.35 5.25
C VAL E 187 28.99 52.06 4.57
N THR E 188 30.09 51.34 4.43
CA THR E 188 31.20 51.88 3.68
C THR E 188 31.12 51.35 2.24
N VAL E 189 30.68 52.22 1.32
CA VAL E 189 30.55 51.87 -0.10
C VAL E 189 31.74 52.34 -0.93
N PRO E 190 31.79 51.96 -2.22
CA PRO E 190 32.71 52.70 -3.07
C PRO E 190 32.11 54.05 -3.45
N SER E 191 32.97 55.07 -3.44
CA SER E 191 32.62 56.44 -3.82
C SER E 191 31.95 56.49 -5.19
N SER E 192 32.50 55.77 -6.16
CA SER E 192 31.95 55.67 -7.52
C SER E 192 30.52 55.05 -7.64
N SER E 193 29.95 54.61 -6.52
CA SER E 193 28.68 53.85 -6.50
C SER E 193 27.44 54.69 -6.18
N LEU E 194 27.63 55.87 -5.60
CA LEU E 194 26.59 56.88 -5.56
C LEU E 194 26.23 57.22 -7.00
N GLY E 195 24.98 57.66 -7.24
CA GLY E 195 24.58 58.07 -8.61
C GLY E 195 24.32 56.88 -9.52
N THR E 196 24.95 55.75 -9.20
CA THR E 196 24.65 54.43 -9.76
C THR E 196 23.63 53.66 -8.87
N GLN E 197 24.09 53.18 -7.72
CA GLN E 197 23.25 52.44 -6.76
C GLN E 197 22.39 53.38 -5.96
N THR E 198 21.32 52.84 -5.37
CA THR E 198 20.40 53.62 -4.53
C THR E 198 20.37 52.99 -3.13
N TYR E 199 20.75 53.78 -2.12
CA TYR E 199 20.96 53.19 -0.80
C TYR E 199 19.80 53.44 0.15
N ILE E 200 19.23 52.35 0.65
CA ILE E 200 18.04 52.42 1.50
C ILE E 200 18.23 51.62 2.78
N CYS E 201 18.03 52.29 3.93
CA CYS E 201 18.04 51.55 5.18
C CYS E 201 16.65 51.24 5.70
N ASN E 202 16.51 50.00 6.14
CA ASN E 202 15.24 49.45 6.54
C ASN E 202 15.27 49.37 8.05
N VAL E 203 14.37 50.10 8.67
CA VAL E 203 14.39 50.20 10.10
C VAL E 203 13.08 49.69 10.62
N ASN E 204 13.18 48.80 11.61
CA ASN E 204 12.01 48.17 12.17
C ASN E 204 12.02 48.14 13.68
N HIS E 205 10.92 48.59 14.28
CA HIS E 205 10.73 48.64 15.71
C HIS E 205 9.32 48.11 15.98
N LYS E 206 9.21 46.82 16.33
CA LYS E 206 7.88 46.19 16.52
C LYS E 206 7.03 46.84 17.61
N PRO E 207 7.63 47.12 18.80
CA PRO E 207 6.87 47.65 19.93
C PRO E 207 6.01 48.89 19.60
N SER E 208 6.44 49.67 18.60
CA SER E 208 5.70 50.85 18.12
C SER E 208 5.12 50.69 16.71
N ASN E 209 5.36 49.51 16.12
CA ASN E 209 4.98 49.21 14.73
C ASN E 209 5.57 50.18 13.70
N THR E 210 6.77 50.68 13.98
CA THR E 210 7.44 51.59 13.06
C THR E 210 8.14 50.77 12.00
N LYS E 211 7.83 51.04 10.73
CA LYS E 211 8.61 50.46 9.65
C LYS E 211 9.01 51.54 8.65
N VAL E 212 10.30 51.88 8.63
CA VAL E 212 10.81 52.93 7.73
C VAL E 212 11.86 52.39 6.76
N ASP E 213 11.71 52.74 5.49
CA ASP E 213 12.73 52.56 4.47
C ASP E 213 13.14 53.95 4.07
N LYS E 214 14.41 54.28 4.32
CA LYS E 214 14.91 55.65 4.12
C LYS E 214 15.94 55.71 3.00
N LYS E 215 15.58 56.43 1.93
CA LYS E 215 16.52 56.72 0.88
C LYS E 215 17.53 57.68 1.50
N VAL E 216 18.80 57.29 1.50
CA VAL E 216 19.90 58.15 2.00
C VAL E 216 20.87 58.50 0.86
N GLU E 217 20.85 59.78 0.46
CA GLU E 217 21.60 60.25 -0.71
C GLU E 217 22.65 61.32 -0.32
N PRO E 218 23.50 61.74 -1.30
CA PRO E 218 24.37 62.92 -1.11
C PRO E 218 23.62 64.26 -1.02
N LYS E 219 24.38 65.35 -1.05
CA LYS E 219 23.81 66.69 -1.08
C LYS E 219 24.68 67.57 -1.97
N SER E 220 24.27 68.84 -2.16
CA SER E 220 25.01 69.80 -3.01
C SER E 220 24.73 71.28 -2.67
N CYS E 221 25.57 72.17 -3.21
CA CYS E 221 25.44 73.62 -3.09
C CYS E 221 26.57 74.33 -3.83
N GLU F 1 4.68 -19.57 46.63
CA GLU F 1 4.03 -18.67 45.63
C GLU F 1 4.39 -19.03 44.17
N VAL F 2 5.66 -18.92 43.80
CA VAL F 2 6.13 -19.38 42.50
C VAL F 2 6.14 -20.92 42.45
N GLN F 3 5.45 -21.48 41.47
CA GLN F 3 5.37 -22.93 41.29
C GLN F 3 5.74 -23.36 39.89
N LEU F 4 6.53 -24.43 39.81
CA LEU F 4 6.89 -25.03 38.54
C LEU F 4 6.75 -26.55 38.65
N LEU F 5 5.77 -27.10 37.94
CA LEU F 5 5.49 -28.53 38.00
C LEU F 5 5.91 -29.20 36.70
N GLU F 6 6.96 -30.00 36.78
CA GLU F 6 7.43 -30.77 35.62
C GLU F 6 6.70 -32.11 35.53
N SER F 7 6.52 -32.59 34.31
CA SER F 7 5.99 -33.92 34.02
C SER F 7 6.37 -34.34 32.61
N GLY F 8 6.18 -35.63 32.30
CA GLY F 8 6.40 -36.16 30.96
C GLY F 8 7.55 -37.15 30.88
N GLY F 9 8.36 -37.20 31.93
CA GLY F 9 9.55 -38.06 31.94
C GLY F 9 9.23 -39.52 32.19
N GLY F 10 10.06 -40.40 31.67
CA GLY F 10 9.88 -41.82 31.86
C GLY F 10 10.87 -42.58 31.01
N LEU F 11 10.60 -43.86 30.82
CA LEU F 11 11.45 -44.73 30.01
C LEU F 11 11.22 -44.52 28.50
N VAL F 12 12.32 -44.29 27.77
CA VAL F 12 12.34 -44.34 26.32
C VAL F 12 13.50 -45.20 25.85
N GLN F 13 13.33 -45.83 24.69
CA GLN F 13 14.43 -46.56 24.04
C GLN F 13 15.45 -45.55 23.51
N PRO F 14 16.73 -45.95 23.41
CA PRO F 14 17.60 -44.99 22.72
C PRO F 14 17.13 -44.77 21.32
N GLY F 15 17.36 -43.56 20.79
CA GLY F 15 16.91 -43.19 19.47
C GLY F 15 15.47 -42.74 19.46
N GLY F 16 14.80 -42.92 20.60
CA GLY F 16 13.40 -42.54 20.73
C GLY F 16 13.17 -41.07 20.99
N SER F 17 11.94 -40.75 21.37
CA SER F 17 11.54 -39.35 21.49
C SER F 17 10.56 -39.15 22.64
N LEU F 18 10.55 -37.96 23.22
CA LEU F 18 9.85 -37.70 24.50
C LEU F 18 9.58 -36.20 24.70
N ARG F 19 8.46 -35.86 25.33
CA ARG F 19 8.12 -34.44 25.51
C ARG F 19 7.83 -34.05 26.95
N LEU F 20 8.62 -33.12 27.44
CA LEU F 20 8.45 -32.66 28.80
C LEU F 20 7.65 -31.39 28.82
N SER F 21 6.80 -31.25 29.82
CA SER F 21 6.08 -30.02 29.99
C SER F 21 6.33 -29.52 31.39
N CYS F 22 6.19 -28.22 31.56
CA CYS F 22 6.36 -27.62 32.88
C CYS F 22 5.26 -26.60 33.04
N ALA F 23 4.40 -26.82 34.02
CA ALA F 23 3.28 -25.93 34.27
C ALA F 23 3.74 -24.89 35.28
N ALA F 24 3.52 -23.62 34.96
CA ALA F 24 3.99 -22.53 35.80
C ALA F 24 2.81 -21.85 36.42
N SER F 25 2.91 -21.53 37.70
CA SER F 25 1.88 -20.71 38.34
C SER F 25 2.50 -19.71 39.30
N GLY F 26 1.70 -18.74 39.73
CA GLY F 26 2.08 -17.77 40.78
C GLY F 26 2.96 -16.62 40.32
N PHE F 27 3.13 -16.48 39.00
CA PHE F 27 3.87 -15.36 38.44
C PHE F 27 3.43 -15.10 37.02
N THR F 28 3.88 -13.97 36.51
CA THR F 28 3.41 -13.44 35.22
C THR F 28 4.20 -14.13 34.12
N PHE F 29 3.68 -15.27 33.67
CA PHE F 29 4.48 -16.24 32.95
C PHE F 29 5.19 -15.67 31.74
N SER F 30 4.46 -14.98 30.88
CA SER F 30 5.00 -14.54 29.61
C SER F 30 6.01 -13.37 29.69
N SER F 31 6.34 -12.91 30.89
CA SER F 31 7.35 -11.86 31.10
C SER F 31 8.67 -12.43 31.57
N TYR F 32 8.76 -13.76 31.59
CA TYR F 32 9.95 -14.44 32.04
C TYR F 32 10.55 -15.39 31.02
N ALA F 33 11.86 -15.22 30.80
CA ALA F 33 12.65 -16.23 30.15
C ALA F 33 12.63 -17.50 31.01
N MET F 34 12.75 -18.65 30.37
CA MET F 34 12.64 -19.93 31.07
C MET F 34 13.74 -20.82 30.56
N SER F 35 14.09 -21.85 31.31
CA SER F 35 15.16 -22.73 30.89
C SER F 35 14.99 -24.13 31.42
N TRP F 36 15.77 -25.05 30.86
CA TRP F 36 15.82 -26.44 31.26
C TRP F 36 17.28 -26.76 31.59
N VAL F 37 17.45 -27.43 32.72
CA VAL F 37 18.76 -27.79 33.26
C VAL F 37 18.59 -29.22 33.74
N ARG F 38 19.59 -30.05 33.56
CA ARG F 38 19.42 -31.46 33.88
C ARG F 38 20.53 -31.92 34.81
N GLN F 39 20.39 -33.14 35.31
CA GLN F 39 21.30 -33.70 36.30
C GLN F 39 21.30 -35.22 36.30
N ALA F 40 22.38 -35.80 35.79
CA ALA F 40 22.54 -37.23 35.76
C ALA F 40 22.78 -37.73 37.20
N PRO F 41 22.27 -38.93 37.53
CA PRO F 41 22.37 -39.43 38.91
C PRO F 41 23.82 -39.41 39.42
N GLY F 42 24.07 -38.63 40.48
CA GLY F 42 25.41 -38.56 41.10
C GLY F 42 26.41 -37.60 40.45
N LYS F 43 25.99 -36.92 39.39
CA LYS F 43 26.84 -35.95 38.68
C LYS F 43 26.39 -34.49 38.90
N GLY F 44 27.05 -33.55 38.24
CA GLY F 44 26.72 -32.13 38.38
C GLY F 44 25.56 -31.64 37.52
N LEU F 45 25.12 -30.40 37.78
CA LEU F 45 24.07 -29.78 37.01
C LEU F 45 24.61 -29.45 35.63
N GLU F 46 23.74 -29.57 34.62
CA GLU F 46 24.11 -29.32 33.24
C GLU F 46 23.00 -28.53 32.51
N TRP F 47 23.35 -27.35 32.01
CA TRP F 47 22.39 -26.54 31.26
C TRP F 47 21.99 -27.21 29.96
N VAL F 48 20.72 -27.19 29.65
CA VAL F 48 20.24 -27.84 28.45
C VAL F 48 19.81 -26.81 27.39
N SER F 49 18.94 -25.88 27.79
CA SER F 49 18.22 -25.03 26.84
C SER F 49 17.60 -23.85 27.56
N ALA F 50 17.21 -22.83 26.80
CA ALA F 50 16.56 -21.64 27.38
C ALA F 50 15.72 -20.94 26.31
N ILE F 51 14.76 -20.14 26.72
CA ILE F 51 13.91 -19.44 25.78
C ILE F 51 13.54 -18.10 26.42
N SER F 52 13.46 -17.07 25.60
CA SER F 52 12.99 -15.74 26.00
C SER F 52 11.48 -15.81 26.24
N GLY F 53 10.95 -14.84 26.99
CA GLY F 53 9.52 -14.73 27.32
C GLY F 53 8.55 -14.81 26.17
N SER F 54 8.88 -14.13 25.07
CA SER F 54 8.05 -14.20 23.87
C SER F 54 8.19 -15.52 23.10
N GLY F 55 9.23 -16.30 23.41
CA GLY F 55 9.52 -17.50 22.61
C GLY F 55 10.31 -17.23 21.34
N GLY F 56 10.64 -15.96 21.07
CA GLY F 56 11.22 -15.56 19.78
C GLY F 56 12.71 -15.85 19.68
N SER F 57 13.29 -16.26 20.79
CA SER F 57 14.72 -16.39 20.88
C SER F 57 15.09 -17.65 21.70
N THR F 58 15.73 -18.63 21.05
CA THR F 58 15.97 -19.94 21.68
C THR F 58 17.43 -20.37 21.68
N TYR F 59 17.85 -21.01 22.78
CA TYR F 59 19.25 -21.30 23.08
C TYR F 59 19.45 -22.78 23.43
N TYR F 60 20.57 -23.38 23.04
CA TYR F 60 20.75 -24.82 23.29
C TYR F 60 22.19 -25.18 23.58
N ALA F 61 22.42 -26.05 24.54
CA ALA F 61 23.78 -26.55 24.78
C ALA F 61 24.23 -27.37 23.59
N ASP F 62 25.53 -27.35 23.34
CA ASP F 62 26.07 -28.00 22.16
C ASP F 62 25.69 -29.48 22.05
N SER F 63 25.55 -30.13 23.21
CA SER F 63 25.30 -31.57 23.24
C SER F 63 23.86 -31.98 22.96
N VAL F 64 22.97 -31.01 22.73
CA VAL F 64 21.56 -31.28 22.36
C VAL F 64 21.10 -30.44 21.16
N LYS F 65 21.96 -29.51 20.70
CA LYS F 65 21.70 -28.70 19.53
C LYS F 65 21.29 -29.64 18.40
N GLY F 66 20.14 -29.38 17.78
CA GLY F 66 19.63 -30.22 16.68
C GLY F 66 18.80 -31.44 17.05
N ARG F 67 18.79 -31.86 18.32
CA ARG F 67 18.01 -33.03 18.75
C ARG F 67 16.83 -32.56 19.60
N PHE F 68 17.03 -31.48 20.34
CA PHE F 68 16.07 -30.97 21.29
C PHE F 68 15.44 -29.67 20.78
N THR F 69 14.18 -29.43 21.13
CA THR F 69 13.51 -28.17 20.82
C THR F 69 12.69 -27.64 21.98
N ILE F 70 13.09 -26.47 22.48
CA ILE F 70 12.36 -25.76 23.53
C ILE F 70 11.27 -24.90 22.91
N SER F 71 10.17 -24.73 23.62
CA SER F 71 9.09 -23.85 23.18
C SER F 71 8.10 -23.63 24.32
N ARG F 72 7.20 -22.68 24.11
CA ARG F 72 6.29 -22.32 25.16
C ARG F 72 4.92 -21.99 24.63
N ASP F 73 3.90 -22.31 25.42
CA ASP F 73 2.58 -21.82 25.10
C ASP F 73 2.19 -20.84 26.19
N ASN F 74 2.33 -19.55 25.89
CA ASN F 74 2.10 -18.54 26.90
C ASN F 74 0.65 -18.51 27.37
N SER F 75 -0.29 -18.79 26.48
CA SER F 75 -1.69 -18.87 26.87
C SER F 75 -1.96 -19.97 27.90
N LYS F 76 -1.08 -20.97 27.95
CA LYS F 76 -1.28 -22.12 28.81
C LYS F 76 -0.30 -22.15 30.00
N ASN F 77 0.50 -21.10 30.19
CA ASN F 77 1.54 -21.08 31.22
C ASN F 77 2.35 -22.37 31.15
N THR F 78 2.79 -22.77 29.96
CA THR F 78 3.45 -24.06 29.84
C THR F 78 4.73 -23.99 29.03
N LEU F 79 5.77 -24.62 29.57
CA LEU F 79 7.05 -24.70 28.90
C LEU F 79 7.23 -26.15 28.45
N TYR F 80 7.75 -26.32 27.23
CA TYR F 80 7.97 -27.65 26.69
C TYR F 80 9.46 -27.92 26.40
N LEU F 81 9.82 -29.19 26.41
CA LEU F 81 11.09 -29.60 25.87
C LEU F 81 10.80 -30.81 25.03
N GLN F 82 11.12 -30.72 23.75
CA GLN F 82 10.90 -31.83 22.83
C GLN F 82 12.27 -32.46 22.60
N MET F 83 12.39 -33.73 22.96
CA MET F 83 13.67 -34.44 22.96
C MET F 83 13.61 -35.54 21.92
N ASN F 84 14.38 -35.39 20.85
CA ASN F 84 14.40 -36.41 19.81
C ASN F 84 15.74 -37.12 19.81
N SER F 85 15.83 -38.22 19.07
CA SER F 85 17.07 -38.96 18.95
C SER F 85 17.78 -39.09 20.28
N LEU F 86 17.09 -39.65 21.27
CA LEU F 86 17.60 -39.68 22.62
C LEU F 86 18.74 -40.66 22.79
N ARG F 87 19.76 -40.26 23.53
CA ARG F 87 20.85 -41.18 23.81
C ARG F 87 21.02 -41.49 25.29
N ALA F 88 21.78 -42.55 25.60
CA ALA F 88 22.07 -42.91 27.00
C ALA F 88 22.54 -41.69 27.82
N GLU F 89 23.49 -40.92 27.29
CA GLU F 89 23.98 -39.71 27.99
C GLU F 89 22.93 -38.61 28.25
N ASP F 90 21.70 -38.78 27.75
CA ASP F 90 20.59 -37.90 28.09
C ASP F 90 19.77 -38.36 29.32
N THR F 91 20.11 -39.52 29.88
CA THR F 91 19.47 -40.00 31.11
C THR F 91 19.77 -39.03 32.25
N ALA F 92 18.73 -38.53 32.92
CA ALA F 92 18.89 -37.51 33.97
C ALA F 92 17.57 -37.05 34.55
N VAL F 93 17.63 -36.35 35.69
CA VAL F 93 16.46 -35.63 36.17
C VAL F 93 16.47 -34.31 35.43
N TYR F 94 15.33 -33.93 34.87
CA TYR F 94 15.25 -32.65 34.17
C TYR F 94 14.51 -31.62 34.99
N TYR F 95 15.13 -30.46 35.13
CA TYR F 95 14.56 -29.34 35.88
C TYR F 95 14.14 -28.16 34.98
N CYS F 96 13.00 -27.60 35.32
CA CYS F 96 12.44 -26.44 34.69
C CYS F 96 12.76 -25.29 35.64
N ALA F 97 13.19 -24.16 35.08
CA ALA F 97 13.67 -23.04 35.90
C ALA F 97 13.26 -21.70 35.33
N ARG F 98 12.94 -20.75 36.20
CA ARG F 98 12.55 -19.40 35.77
C ARG F 98 13.70 -18.37 35.87
N ASP F 99 13.93 -17.61 34.81
CA ASP F 99 15.05 -16.66 34.77
C ASP F 99 14.61 -15.21 34.83
N LEU F 100 15.29 -14.39 35.64
CA LEU F 100 14.99 -12.95 35.73
C LEU F 100 15.42 -12.21 34.45
N ILE F 101 16.52 -12.68 33.87
CA ILE F 101 17.02 -12.27 32.57
C ILE F 101 17.78 -13.50 32.03
N HIS F 102 18.04 -13.53 30.73
CA HIS F 102 18.82 -14.63 30.19
C HIS F 102 20.02 -14.94 31.09
N GLY F 103 20.08 -16.18 31.55
CA GLY F 103 21.21 -16.66 32.34
C GLY F 103 21.14 -16.41 33.84
N VAL F 104 20.09 -15.77 34.34
CA VAL F 104 19.99 -15.50 35.76
C VAL F 104 18.78 -16.24 36.30
N THR F 105 18.99 -17.45 36.80
CA THR F 105 17.84 -18.26 37.18
C THR F 105 17.51 -18.09 38.68
N ARG F 106 16.22 -18.03 39.00
CA ARG F 106 15.74 -17.53 40.30
C ARG F 106 14.95 -18.60 41.08
N ASN F 107 14.28 -19.48 40.36
CA ASN F 107 13.45 -20.55 40.93
C ASN F 107 13.64 -21.89 40.20
N TRP F 108 13.45 -22.99 40.91
CA TRP F 108 13.54 -24.31 40.29
C TRP F 108 12.26 -25.10 40.44
N GLY F 109 11.96 -25.93 39.43
CA GLY F 109 10.94 -26.95 39.55
C GLY F 109 11.45 -28.06 40.44
N GLN F 110 10.65 -29.10 40.62
CA GLN F 110 11.14 -30.21 41.44
C GLN F 110 11.64 -31.40 40.60
N GLY F 111 11.60 -31.27 39.28
CA GLY F 111 12.20 -32.28 38.41
C GLY F 111 11.33 -33.42 37.92
N THR F 112 11.82 -34.13 36.92
CA THR F 112 11.10 -35.20 36.24
C THR F 112 12.15 -36.18 35.70
N LEU F 113 12.00 -37.46 35.99
CA LEU F 113 13.05 -38.42 35.64
C LEU F 113 12.98 -38.90 34.18
N VAL F 114 14.06 -38.73 33.45
CA VAL F 114 14.14 -39.28 32.09
C VAL F 114 15.19 -40.40 32.04
N THR F 115 14.75 -41.60 31.72
CA THR F 115 15.62 -42.78 31.66
C THR F 115 15.69 -43.26 30.21
N VAL F 116 16.86 -43.14 29.58
CA VAL F 116 17.05 -43.67 28.23
C VAL F 116 17.76 -45.03 28.32
N SER F 117 17.02 -46.10 28.06
CA SER F 117 17.56 -47.45 28.17
C SER F 117 16.75 -48.40 27.29
N SER F 118 17.37 -49.51 26.90
CA SER F 118 16.74 -50.53 26.06
C SER F 118 15.95 -51.58 26.85
N ALA F 119 16.17 -51.63 28.16
CA ALA F 119 15.50 -52.60 29.03
C ALA F 119 13.99 -52.35 29.13
N SER F 120 13.24 -53.40 29.47
CA SER F 120 11.80 -53.29 29.66
C SER F 120 11.42 -52.86 31.10
N THR F 121 10.25 -52.24 31.23
CA THR F 121 9.65 -51.95 32.51
C THR F 121 9.37 -53.28 33.23
N LYS F 122 9.74 -53.35 34.51
CA LYS F 122 9.40 -54.51 35.32
C LYS F 122 8.80 -54.08 36.64
N GLY F 123 7.63 -54.62 36.97
CA GLY F 123 7.00 -54.38 38.27
C GLY F 123 7.80 -55.01 39.40
N PRO F 124 7.77 -54.41 40.60
CA PRO F 124 8.41 -55.07 41.72
C PRO F 124 7.59 -56.23 42.28
N SER F 125 8.27 -57.18 42.91
CA SER F 125 7.56 -58.06 43.80
C SER F 125 7.82 -57.59 45.25
N VAL F 126 6.82 -57.76 46.11
CA VAL F 126 6.85 -57.14 47.42
C VAL F 126 6.82 -58.17 48.52
N PHE F 127 7.82 -58.14 49.39
CA PHE F 127 7.90 -59.13 50.46
C PHE F 127 7.90 -58.48 51.84
N PRO F 128 7.08 -59.00 52.76
CA PRO F 128 7.09 -58.45 54.11
C PRO F 128 8.37 -58.86 54.83
N LEU F 129 8.90 -58.00 55.69
CA LEU F 129 10.06 -58.36 56.54
C LEU F 129 9.64 -58.44 58.00
N ALA F 130 9.33 -59.65 58.44
CA ALA F 130 8.71 -59.86 59.73
C ALA F 130 9.54 -59.38 60.91
N PRO F 131 8.88 -58.72 61.89
CA PRO F 131 9.55 -58.30 63.10
C PRO F 131 10.13 -59.48 63.84
N SER F 132 11.35 -59.32 64.35
CA SER F 132 12.02 -60.36 65.13
C SER F 132 11.29 -60.60 66.46
N SER F 133 11.22 -61.85 66.87
CA SER F 133 10.57 -62.24 68.12
C SER F 133 11.29 -61.69 69.36
N LYS F 134 12.50 -61.19 69.16
CA LYS F 134 13.35 -60.72 70.26
C LYS F 134 13.19 -59.23 70.45
N SER F 135 12.91 -58.83 71.69
CA SER F 135 12.74 -57.42 72.03
C SER F 135 14.03 -56.81 72.58
N THR F 136 14.33 -55.62 72.10
CA THR F 136 15.49 -54.86 72.55
C THR F 136 15.26 -54.34 73.99
N SER F 137 16.34 -53.91 74.64
CA SER F 137 16.25 -53.27 75.95
C SER F 137 15.41 -51.96 75.94
N GLY F 138 15.13 -51.44 74.74
CA GLY F 138 14.30 -50.26 74.56
C GLY F 138 12.87 -50.61 74.19
N GLY F 139 12.59 -51.90 74.03
CA GLY F 139 11.24 -52.41 73.75
C GLY F 139 10.69 -52.15 72.36
N THR F 140 11.58 -52.09 71.37
CA THR F 140 11.17 -51.80 70.01
C THR F 140 11.47 -52.96 69.06
N ALA F 141 10.66 -53.09 68.01
CA ALA F 141 10.88 -54.05 66.94
C ALA F 141 10.99 -53.36 65.58
N ALA F 142 11.91 -53.85 64.77
CA ALA F 142 12.04 -53.38 63.41
C ALA F 142 11.18 -54.29 62.52
N LEU F 143 10.43 -53.70 61.60
CA LEU F 143 9.74 -54.49 60.57
C LEU F 143 9.71 -53.72 59.27
N GLY F 144 9.56 -54.42 58.16
CA GLY F 144 9.68 -53.79 56.86
C GLY F 144 9.07 -54.47 55.65
N CYS F 145 9.41 -53.91 54.49
CA CYS F 145 9.04 -54.37 53.17
C CYS F 145 10.23 -54.40 52.25
N LEU F 146 10.39 -55.53 51.57
CA LEU F 146 11.35 -55.67 50.50
C LEU F 146 10.65 -55.43 49.16
N VAL F 147 11.20 -54.49 48.40
CA VAL F 147 10.69 -54.14 47.08
C VAL F 147 11.76 -54.56 46.09
N LYS F 148 11.61 -55.77 45.59
CA LYS F 148 12.66 -56.44 44.87
C LYS F 148 12.48 -56.37 43.34
N ASP F 149 13.60 -56.16 42.64
CA ASP F 149 13.70 -56.32 41.19
C ASP F 149 12.69 -55.52 40.35
N TYR F 150 12.81 -54.21 40.40
CA TYR F 150 11.97 -53.36 39.58
C TYR F 150 12.80 -52.47 38.65
N PHE F 151 12.13 -51.88 37.67
CA PHE F 151 12.77 -50.98 36.72
C PHE F 151 11.70 -50.24 35.92
N PRO F 152 11.91 -48.92 35.71
CA PRO F 152 12.95 -48.10 36.30
C PRO F 152 12.49 -47.52 37.65
N GLN F 153 13.24 -46.52 38.12
CA GLN F 153 12.88 -45.67 39.24
C GLN F 153 11.76 -44.70 38.86
N PRO F 154 10.95 -44.26 39.85
CA PRO F 154 11.00 -44.56 41.27
C PRO F 154 9.87 -45.47 41.79
N VAL F 155 10.16 -46.19 42.87
CA VAL F 155 9.12 -46.75 43.72
C VAL F 155 8.92 -45.81 44.88
N THR F 156 7.74 -45.86 45.48
CA THR F 156 7.41 -45.02 46.60
C THR F 156 6.79 -45.92 47.65
N VAL F 157 7.13 -45.70 48.91
CA VAL F 157 6.64 -46.57 49.97
C VAL F 157 6.10 -45.74 51.11
N SER F 158 5.01 -46.21 51.71
CA SER F 158 4.44 -45.56 52.88
C SER F 158 3.83 -46.63 53.77
N TRP F 159 3.47 -46.24 54.98
CA TRP F 159 2.93 -47.19 55.95
C TRP F 159 1.55 -46.75 56.40
N ASN F 160 0.65 -47.72 56.49
CA ASN F 160 -0.76 -47.50 56.82
C ASN F 160 -1.34 -46.31 56.08
N SER F 161 -1.18 -46.32 54.76
CA SER F 161 -1.70 -45.25 53.90
C SER F 161 -1.29 -43.84 54.33
N GLY F 162 -0.12 -43.70 54.96
CA GLY F 162 0.41 -42.39 55.32
C GLY F 162 0.27 -42.01 56.78
N ALA F 163 -0.57 -42.74 57.52
CA ALA F 163 -0.80 -42.49 58.93
C ALA F 163 0.44 -42.71 59.80
N LEU F 164 1.31 -43.63 59.39
CA LEU F 164 2.48 -44.00 60.16
C LEU F 164 3.75 -43.40 59.54
N THR F 165 4.32 -42.42 60.23
CA THR F 165 5.47 -41.68 59.70
C THR F 165 6.69 -41.67 60.62
N SER F 166 6.47 -41.81 61.93
CA SER F 166 7.54 -41.96 62.91
C SER F 166 8.25 -43.30 62.83
N GLY F 167 9.58 -43.25 62.89
CA GLY F 167 10.42 -44.43 62.83
C GLY F 167 10.48 -45.09 61.47
N VAL F 168 9.91 -44.44 60.45
CA VAL F 168 9.95 -44.95 59.09
C VAL F 168 11.26 -44.54 58.43
N HIS F 169 11.96 -45.51 57.86
CA HIS F 169 13.17 -45.23 57.11
C HIS F 169 13.19 -46.05 55.81
N THR F 170 12.99 -45.35 54.70
CA THR F 170 13.05 -45.94 53.36
C THR F 170 14.44 -45.77 52.75
N PHE F 171 15.09 -46.87 52.42
CA PHE F 171 16.48 -46.84 52.00
C PHE F 171 16.60 -46.58 50.51
N PRO F 172 17.54 -45.72 50.10
CA PRO F 172 17.86 -45.62 48.67
C PRO F 172 18.10 -47.01 48.05
N ALA F 173 17.62 -47.21 46.83
CA ALA F 173 17.62 -48.51 46.20
C ALA F 173 19.03 -48.95 45.84
N VAL F 174 19.23 -50.27 45.79
CA VAL F 174 20.41 -50.84 45.17
C VAL F 174 20.11 -51.13 43.69
N LEU F 175 21.08 -50.89 42.81
CA LEU F 175 20.99 -51.22 41.41
C LEU F 175 21.82 -52.48 41.19
N GLN F 176 21.19 -53.61 40.94
CA GLN F 176 21.95 -54.83 40.78
C GLN F 176 22.65 -54.94 39.41
N SER F 177 23.65 -55.81 39.34
CA SER F 177 24.29 -56.19 38.08
C SER F 177 23.30 -56.47 36.94
N SER F 178 22.09 -56.89 37.30
CA SER F 178 21.12 -57.33 36.31
C SER F 178 20.43 -56.14 35.65
N GLY F 179 20.58 -54.97 36.26
CA GLY F 179 19.96 -53.77 35.73
C GLY F 179 18.73 -53.37 36.51
N LEU F 180 18.24 -54.28 37.35
CA LEU F 180 17.05 -54.05 38.16
C LEU F 180 17.39 -53.49 39.54
N TYR F 181 16.51 -52.67 40.07
CA TYR F 181 16.63 -52.11 41.41
C TYR F 181 15.96 -52.94 42.49
N SER F 182 16.38 -52.70 43.73
CA SER F 182 15.71 -53.22 44.91
C SER F 182 15.87 -52.17 45.99
N LEU F 183 14.81 -51.94 46.78
CA LEU F 183 14.94 -51.15 48.01
C LEU F 183 14.18 -51.76 49.18
N SER F 184 14.50 -51.30 50.38
CA SER F 184 13.80 -51.73 51.55
C SER F 184 13.19 -50.55 52.27
N SER F 185 12.13 -50.82 53.01
CA SER F 185 11.56 -49.84 53.90
C SER F 185 11.31 -50.48 55.29
N VAL F 186 11.75 -49.78 56.34
CA VAL F 186 11.67 -50.28 57.71
C VAL F 186 11.00 -49.27 58.64
N VAL F 187 10.25 -49.79 59.61
CA VAL F 187 9.69 -48.99 60.69
C VAL F 187 10.12 -49.58 62.00
N THR F 188 10.42 -48.73 62.96
CA THR F 188 10.63 -49.18 64.31
C THR F 188 9.34 -48.94 65.05
N VAL F 189 8.80 -49.98 65.65
CA VAL F 189 7.54 -49.85 66.37
C VAL F 189 7.71 -50.37 67.80
N PRO F 190 6.75 -50.08 68.71
CA PRO F 190 6.89 -50.75 70.02
C PRO F 190 6.47 -52.22 69.94
N SER F 191 7.29 -53.10 70.52
CA SER F 191 7.06 -54.54 70.53
C SER F 191 5.72 -54.89 71.14
N SER F 192 5.27 -54.05 72.05
CA SER F 192 4.03 -54.26 72.75
C SER F 192 2.81 -54.03 71.86
N SER F 193 3.02 -53.48 70.67
CA SER F 193 1.96 -53.24 69.72
C SER F 193 1.78 -54.38 68.71
N LEU F 194 2.72 -55.34 68.68
CA LEU F 194 2.74 -56.33 67.61
C LEU F 194 1.54 -57.24 67.56
N GLY F 195 0.91 -57.45 68.72
CA GLY F 195 -0.26 -58.30 68.81
C GLY F 195 -1.54 -57.64 68.38
N THR F 196 -1.55 -56.31 68.31
CA THR F 196 -2.78 -55.53 68.26
C THR F 196 -2.85 -54.58 67.06
N GLN F 197 -1.72 -54.07 66.62
CA GLN F 197 -1.69 -53.05 65.61
C GLN F 197 -1.30 -53.62 64.29
N THR F 198 -2.13 -53.39 63.30
CA THR F 198 -1.83 -53.86 61.96
C THR F 198 -0.88 -52.92 61.23
N TYR F 199 0.12 -53.50 60.59
CA TYR F 199 1.12 -52.71 59.87
C TYR F 199 1.10 -53.07 58.41
N ILE F 200 0.67 -52.12 57.59
CA ILE F 200 0.55 -52.31 56.16
C ILE F 200 1.54 -51.44 55.42
N CYS F 201 2.12 -52.03 54.41
CA CYS F 201 3.15 -51.41 53.65
C CYS F 201 2.57 -51.14 52.26
N ASN F 202 2.60 -49.88 51.84
CA ASN F 202 1.98 -49.44 50.59
C ASN F 202 3.04 -49.05 49.59
N VAL F 203 3.18 -49.86 48.55
CA VAL F 203 4.24 -49.70 47.56
C VAL F 203 3.67 -49.24 46.23
N ASN F 204 4.17 -48.12 45.73
CA ASN F 204 3.74 -47.64 44.41
C ASN F 204 4.90 -47.67 43.44
N HIS F 205 4.67 -48.26 42.28
CA HIS F 205 5.63 -48.22 41.18
C HIS F 205 4.92 -47.69 39.96
N LYS F 206 4.84 -46.37 39.87
CA LYS F 206 4.06 -45.72 38.82
C LYS F 206 4.59 -45.97 37.40
N PRO F 207 5.90 -46.22 37.23
CA PRO F 207 6.31 -46.63 35.88
C PRO F 207 5.69 -47.94 35.34
N SER F 208 5.22 -48.85 36.20
CA SER F 208 4.48 -50.03 35.74
C SER F 208 3.01 -50.03 36.16
N ASN F 209 2.56 -48.90 36.71
CA ASN F 209 1.17 -48.70 37.16
C ASN F 209 0.65 -49.81 38.07
N THR F 210 1.50 -50.13 39.05
CA THR F 210 1.30 -51.23 39.97
C THR F 210 1.40 -50.69 41.38
N LYS F 211 0.36 -50.92 42.17
CA LYS F 211 0.35 -50.58 43.58
C LYS F 211 0.13 -51.86 44.37
N VAL F 212 0.91 -52.06 45.43
CA VAL F 212 0.72 -53.23 46.30
C VAL F 212 0.64 -52.84 47.77
N ASP F 213 -0.34 -53.40 48.48
CA ASP F 213 -0.49 -53.27 49.92
C ASP F 213 -0.23 -54.60 50.61
N LYS F 214 0.76 -54.66 51.49
CA LYS F 214 1.10 -55.91 52.14
C LYS F 214 1.08 -55.72 53.64
N LYS F 215 0.37 -56.60 54.32
CA LYS F 215 0.40 -56.59 55.78
C LYS F 215 1.62 -57.34 56.24
N VAL F 216 2.36 -56.75 57.16
CA VAL F 216 3.50 -57.46 57.70
C VAL F 216 3.23 -57.86 59.13
N GLU F 217 3.19 -59.17 59.33
CA GLU F 217 2.82 -59.81 60.58
C GLU F 217 4.04 -60.45 61.24
N PRO F 218 3.95 -60.73 62.54
CA PRO F 218 4.99 -61.54 63.18
C PRO F 218 4.95 -62.98 62.64
N LYS F 219 6.12 -63.58 62.37
CA LYS F 219 6.16 -64.94 61.78
C LYS F 219 5.43 -65.91 62.70
N SER F 220 4.57 -66.72 62.08
CA SER F 220 3.62 -67.53 62.82
C SER F 220 4.11 -68.97 63.02
N CYS F 221 4.15 -69.37 64.29
CA CYS F 221 4.70 -70.66 64.71
C CYS F 221 3.63 -71.66 65.17
N GLU G 1 -26.39 -9.40 -5.76
CA GLU G 1 -27.80 -9.63 -6.13
C GLU G 1 -28.45 -8.30 -6.43
N VAL G 2 -28.90 -8.10 -7.67
CA VAL G 2 -29.58 -6.86 -8.05
C VAL G 2 -30.84 -6.62 -7.20
N GLN G 3 -30.95 -5.40 -6.68
CA GLN G 3 -32.05 -5.03 -5.81
C GLN G 3 -32.50 -3.62 -6.10
N LEU G 4 -33.81 -3.42 -6.19
CA LEU G 4 -34.41 -2.14 -6.53
C LEU G 4 -35.62 -1.92 -5.63
N LEU G 5 -35.57 -0.89 -4.78
CA LEU G 5 -36.64 -0.65 -3.80
C LEU G 5 -37.31 0.69 -4.03
N GLU G 6 -38.48 0.66 -4.65
CA GLU G 6 -39.29 1.87 -4.84
C GLU G 6 -39.83 2.39 -3.51
N SER G 7 -40.25 3.66 -3.50
CA SER G 7 -40.54 4.39 -2.26
C SER G 7 -41.26 5.68 -2.61
N GLY G 8 -42.10 6.16 -1.69
CA GLY G 8 -42.80 7.44 -1.89
C GLY G 8 -44.17 7.37 -2.55
N GLY G 9 -44.72 6.17 -2.63
CA GLY G 9 -46.11 6.01 -3.06
C GLY G 9 -47.06 6.36 -1.92
N GLY G 10 -48.26 6.79 -2.29
CA GLY G 10 -49.30 7.12 -1.33
C GLY G 10 -50.46 7.75 -2.06
N LEU G 11 -51.23 8.58 -1.35
CA LEU G 11 -52.38 9.26 -1.94
C LEU G 11 -52.09 10.72 -2.32
N VAL G 12 -52.50 11.11 -3.53
CA VAL G 12 -52.37 12.49 -4.02
C VAL G 12 -53.70 13.02 -4.54
N GLN G 13 -53.94 14.32 -4.36
CA GLN G 13 -55.09 15.00 -4.97
C GLN G 13 -54.92 15.18 -6.48
N PRO G 14 -56.01 15.02 -7.26
CA PRO G 14 -55.93 15.35 -8.69
C PRO G 14 -55.40 16.77 -8.92
N GLY G 15 -54.55 16.92 -9.93
CA GLY G 15 -53.80 18.16 -10.13
C GLY G 15 -52.61 18.36 -9.20
N GLY G 16 -52.30 17.35 -8.39
CA GLY G 16 -51.26 17.45 -7.37
C GLY G 16 -49.92 16.83 -7.74
N SER G 17 -49.04 16.75 -6.75
CA SER G 17 -47.62 16.50 -6.96
C SER G 17 -47.06 15.42 -6.03
N LEU G 18 -46.24 14.53 -6.59
CA LEU G 18 -45.64 13.42 -5.84
C LEU G 18 -44.27 13.03 -6.40
N ARG G 19 -43.33 12.68 -5.51
CA ARG G 19 -42.02 12.21 -5.97
C ARG G 19 -41.67 10.82 -5.46
N LEU G 20 -41.29 9.94 -6.39
CA LEU G 20 -40.91 8.56 -6.04
C LEU G 20 -39.39 8.40 -5.96
N SER G 21 -38.94 7.46 -5.15
CA SER G 21 -37.52 7.18 -4.98
C SER G 21 -37.22 5.69 -5.10
N CYS G 22 -36.19 5.35 -5.85
CA CYS G 22 -35.78 3.96 -5.97
C CYS G 22 -34.33 3.84 -5.57
N ALA G 23 -34.10 3.07 -4.51
CA ALA G 23 -32.76 2.80 -4.00
C ALA G 23 -32.21 1.50 -4.60
N ALA G 24 -31.22 1.64 -5.48
CA ALA G 24 -30.67 0.48 -6.18
C ALA G 24 -29.46 -0.02 -5.43
N SER G 25 -29.24 -1.33 -5.50
CA SER G 25 -28.03 -1.98 -4.99
C SER G 25 -27.76 -3.27 -5.79
N GLY G 26 -26.52 -3.75 -5.73
CA GLY G 26 -26.12 -5.03 -6.33
C GLY G 26 -25.40 -4.89 -7.66
N PHE G 27 -25.11 -3.65 -8.05
CA PHE G 27 -24.55 -3.35 -9.37
C PHE G 27 -24.09 -1.90 -9.45
N THR G 28 -23.11 -1.66 -10.29
CA THR G 28 -22.58 -0.32 -10.55
C THR G 28 -23.65 0.55 -11.20
N PHE G 29 -24.36 1.30 -10.35
CA PHE G 29 -25.52 2.07 -10.74
C PHE G 29 -25.26 3.07 -11.86
N SER G 30 -24.08 3.67 -11.86
CA SER G 30 -23.72 4.70 -12.83
C SER G 30 -23.60 4.18 -14.29
N SER G 31 -23.48 2.86 -14.46
CA SER G 31 -23.31 2.27 -15.79
C SER G 31 -24.62 1.78 -16.42
N TYR G 32 -25.75 2.12 -15.78
CA TYR G 32 -27.03 1.62 -16.24
C TYR G 32 -28.05 2.70 -16.50
N ALA G 33 -28.68 2.59 -17.66
CA ALA G 33 -29.89 3.35 -17.93
C ALA G 33 -30.99 2.78 -17.04
N MET G 34 -31.89 3.63 -16.58
CA MET G 34 -33.00 3.20 -15.74
C MET G 34 -34.28 3.73 -16.35
N SER G 35 -35.40 3.13 -15.99
CA SER G 35 -36.70 3.58 -16.45
C SER G 35 -37.75 3.35 -15.39
N TRP G 36 -38.90 3.96 -15.60
CA TRP G 36 -40.07 3.74 -14.78
C TRP G 36 -41.10 3.14 -15.69
N VAL G 37 -41.73 2.08 -15.21
CA VAL G 37 -42.85 1.48 -15.89
C VAL G 37 -44.00 1.44 -14.90
N ARG G 38 -45.21 1.75 -15.36
CA ARG G 38 -46.37 1.61 -14.49
C ARG G 38 -47.43 0.59 -14.97
N GLN G 39 -48.30 0.20 -14.06
CA GLN G 39 -49.41 -0.69 -14.38
C GLN G 39 -50.62 -0.30 -13.53
N ALA G 40 -51.68 0.19 -14.18
CA ALA G 40 -52.98 0.44 -13.53
C ALA G 40 -53.65 -0.86 -13.06
N PRO G 41 -54.26 -0.86 -11.85
CA PRO G 41 -54.95 -2.04 -11.28
C PRO G 41 -55.72 -2.89 -12.31
N GLY G 42 -55.30 -4.15 -12.47
CA GLY G 42 -55.94 -5.07 -13.41
C GLY G 42 -55.70 -4.78 -14.89
N LYS G 43 -54.76 -3.89 -15.19
CA LYS G 43 -54.45 -3.54 -16.58
C LYS G 43 -53.01 -3.88 -16.96
N GLY G 44 -52.60 -3.48 -18.17
CA GLY G 44 -51.28 -3.85 -18.70
C GLY G 44 -50.12 -2.97 -18.25
N LEU G 45 -48.90 -3.41 -18.59
CA LEU G 45 -47.70 -2.64 -18.28
C LEU G 45 -47.54 -1.51 -19.29
N GLU G 46 -47.19 -0.34 -18.80
CA GLU G 46 -47.08 0.87 -19.62
C GLU G 46 -45.78 1.63 -19.30
N TRP G 47 -44.90 1.68 -20.28
CA TRP G 47 -43.67 2.45 -20.12
C TRP G 47 -44.01 3.88 -19.79
N VAL G 48 -43.26 4.44 -18.84
CA VAL G 48 -43.46 5.81 -18.37
C VAL G 48 -42.31 6.75 -18.83
N SER G 49 -41.08 6.39 -18.51
CA SER G 49 -39.98 7.32 -18.70
C SER G 49 -38.63 6.61 -18.55
N ALA G 50 -37.58 7.10 -19.24
CA ALA G 50 -36.22 6.52 -19.12
C ALA G 50 -35.12 7.57 -19.04
N ILE G 51 -33.97 7.13 -18.54
CA ILE G 51 -32.84 8.00 -18.32
C ILE G 51 -31.53 7.24 -18.57
N SER G 52 -30.57 7.91 -19.22
CA SER G 52 -29.25 7.37 -19.46
C SER G 52 -28.47 7.29 -18.17
N GLY G 53 -27.43 6.46 -18.17
CA GLY G 53 -26.47 6.34 -17.06
C GLY G 53 -25.94 7.64 -16.46
N SER G 54 -25.58 8.58 -17.34
CA SER G 54 -25.03 9.86 -16.88
C SER G 54 -26.12 10.75 -16.28
N GLY G 55 -27.34 10.62 -16.80
CA GLY G 55 -28.45 11.47 -16.39
C GLY G 55 -28.68 12.58 -17.39
N GLY G 56 -27.86 12.58 -18.46
CA GLY G 56 -27.86 13.64 -19.46
C GLY G 56 -28.77 13.37 -20.64
N SER G 57 -29.53 12.27 -20.58
CA SER G 57 -30.47 11.93 -21.64
C SER G 57 -31.79 11.44 -21.06
N THR G 58 -32.88 12.00 -21.60
CA THR G 58 -34.16 11.93 -20.93
C THR G 58 -35.27 11.55 -21.91
N TYR G 59 -36.18 10.67 -21.48
CA TYR G 59 -37.22 10.10 -22.35
C TYR G 59 -38.55 9.95 -21.62
N TYR G 60 -39.63 10.27 -22.33
CA TYR G 60 -40.98 10.25 -21.73
C TYR G 60 -42.03 9.72 -22.70
N ALA G 61 -43.03 9.03 -22.16
CA ALA G 61 -44.19 8.60 -22.93
C ALA G 61 -45.06 9.81 -23.21
N ASP G 62 -45.81 9.77 -24.30
CA ASP G 62 -46.66 10.92 -24.67
C ASP G 62 -47.62 11.38 -23.55
N SER G 63 -48.19 10.42 -22.81
CA SER G 63 -49.15 10.73 -21.74
C SER G 63 -48.58 11.54 -20.58
N VAL G 64 -47.25 11.59 -20.45
CA VAL G 64 -46.62 12.19 -19.26
C VAL G 64 -45.63 13.31 -19.53
N LYS G 65 -45.42 13.63 -20.81
CA LYS G 65 -44.53 14.72 -21.21
C LYS G 65 -44.87 16.02 -20.52
N GLY G 66 -43.85 16.74 -20.07
CA GLY G 66 -44.02 18.06 -19.45
C GLY G 66 -44.57 18.02 -18.03
N ARG G 67 -45.33 16.98 -17.73
CA ARG G 67 -45.87 16.76 -16.39
C ARG G 67 -44.81 16.09 -15.52
N PHE G 68 -44.27 14.98 -16.02
CA PHE G 68 -43.28 14.17 -15.28
C PHE G 68 -41.85 14.61 -15.57
N THR G 69 -40.97 14.40 -14.59
CA THR G 69 -39.54 14.61 -14.78
C THR G 69 -38.75 13.50 -14.07
N ILE G 70 -38.03 12.71 -14.86
CA ILE G 70 -37.15 11.66 -14.34
C ILE G 70 -35.74 12.21 -14.06
N SER G 71 -35.15 11.81 -12.94
CA SER G 71 -33.79 12.20 -12.61
C SER G 71 -33.09 11.15 -11.75
N ARG G 72 -31.83 11.41 -11.38
CA ARG G 72 -30.99 10.43 -10.69
C ARG G 72 -29.80 11.07 -10.00
N ASP G 73 -29.27 10.36 -9.01
CA ASP G 73 -28.13 10.83 -8.24
C ASP G 73 -27.17 9.66 -7.96
N ASN G 74 -26.12 9.58 -8.78
CA ASN G 74 -25.26 8.40 -8.79
C ASN G 74 -24.42 8.26 -7.54
N SER G 75 -24.13 9.40 -6.88
CA SER G 75 -23.49 9.42 -5.58
C SER G 75 -24.42 8.87 -4.47
N LYS G 76 -25.72 9.08 -4.62
CA LYS G 76 -26.69 8.55 -3.67
C LYS G 76 -27.38 7.27 -4.17
N ASN G 77 -26.94 6.74 -5.33
CA ASN G 77 -27.46 5.48 -5.90
C ASN G 77 -28.97 5.40 -6.04
N THR G 78 -29.59 6.53 -6.37
CA THR G 78 -31.03 6.67 -6.33
C THR G 78 -31.62 7.20 -7.63
N LEU G 79 -32.75 6.63 -8.02
CA LEU G 79 -33.49 7.07 -9.17
C LEU G 79 -34.73 7.79 -8.68
N TYR G 80 -35.10 8.87 -9.37
CA TYR G 80 -36.28 9.68 -9.04
C TYR G 80 -37.28 9.84 -10.19
N LEU G 81 -38.55 10.01 -9.83
CA LEU G 81 -39.58 10.47 -10.75
C LEU G 81 -40.35 11.58 -10.08
N GLN G 82 -40.35 12.77 -10.67
CA GLN G 82 -41.10 13.92 -10.17
C GLN G 82 -42.42 14.06 -10.91
N MET G 83 -43.52 13.90 -10.19
CA MET G 83 -44.87 13.82 -10.81
C MET G 83 -45.72 15.05 -10.52
N ASN G 84 -45.89 15.87 -11.56
CA ASN G 84 -46.70 17.09 -11.47
C ASN G 84 -48.03 16.97 -12.22
N SER G 85 -49.01 17.75 -11.75
CA SER G 85 -50.34 17.81 -12.36
C SER G 85 -50.95 16.42 -12.58
N LEU G 86 -51.07 15.67 -11.49
CA LEU G 86 -51.56 14.30 -11.54
C LEU G 86 -53.05 14.20 -11.92
N ARG G 87 -53.39 13.17 -12.68
CA ARG G 87 -54.78 12.88 -13.05
C ARG G 87 -55.18 11.53 -12.48
N ALA G 88 -56.48 11.28 -12.39
CA ALA G 88 -57.03 9.99 -11.96
C ALA G 88 -56.40 8.79 -12.71
N GLU G 89 -56.03 9.01 -13.98
CA GLU G 89 -55.48 7.98 -14.84
C GLU G 89 -53.98 7.71 -14.62
N ASP G 90 -53.37 8.42 -13.65
CA ASP G 90 -51.99 8.15 -13.23
C ASP G 90 -51.93 7.14 -12.09
N THR G 91 -53.09 6.76 -11.58
CA THR G 91 -53.22 5.77 -10.51
C THR G 91 -52.73 4.39 -10.97
N ALA G 92 -51.67 3.90 -10.32
CA ALA G 92 -50.96 2.69 -10.76
C ALA G 92 -49.96 2.23 -9.71
N VAL G 93 -49.38 1.06 -9.93
CA VAL G 93 -48.19 0.63 -9.22
C VAL G 93 -47.02 1.08 -10.08
N TYR G 94 -46.05 1.78 -9.51
CA TYR G 94 -44.91 2.24 -10.31
C TYR G 94 -43.66 1.42 -10.10
N TYR G 95 -43.09 0.92 -11.20
CA TYR G 95 -41.94 0.03 -11.13
C TYR G 95 -40.66 0.74 -11.58
N CYS G 96 -39.58 0.44 -10.86
CA CYS G 96 -38.23 0.88 -11.13
C CYS G 96 -37.60 -0.27 -11.92
N ALA G 97 -36.87 0.02 -12.99
CA ALA G 97 -36.30 -1.05 -13.81
C ALA G 97 -34.91 -0.70 -14.30
N ARG G 98 -34.06 -1.70 -14.47
CA ARG G 98 -32.67 -1.44 -14.90
C ARG G 98 -32.47 -1.88 -16.36
N ASP G 99 -31.82 -1.03 -17.15
CA ASP G 99 -31.59 -1.30 -18.56
C ASP G 99 -30.14 -1.69 -18.85
N LEU G 100 -29.97 -2.78 -19.60
CA LEU G 100 -28.69 -3.11 -20.22
C LEU G 100 -28.28 -2.06 -21.29
N ILE G 101 -29.22 -1.71 -22.17
CA ILE G 101 -29.13 -0.54 -23.06
C ILE G 101 -30.52 0.09 -23.12
N HIS G 102 -30.63 1.30 -23.62
CA HIS G 102 -31.93 1.90 -23.82
C HIS G 102 -32.87 0.86 -24.42
N GLY G 103 -34.00 0.64 -23.74
CA GLY G 103 -35.05 -0.25 -24.19
C GLY G 103 -35.00 -1.72 -23.79
N VAL G 104 -33.93 -2.14 -23.13
CA VAL G 104 -33.76 -3.56 -22.78
C VAL G 104 -33.67 -3.68 -21.25
N THR G 105 -34.79 -3.98 -20.61
CA THR G 105 -34.80 -4.03 -19.15
C THR G 105 -34.57 -5.45 -18.65
N ARG G 106 -33.66 -5.56 -17.68
CA ARG G 106 -33.19 -6.84 -17.16
C ARG G 106 -33.66 -7.09 -15.71
N ASN G 107 -34.08 -6.03 -15.03
CA ASN G 107 -34.49 -6.14 -13.62
C ASN G 107 -35.60 -5.19 -13.26
N TRP G 108 -36.50 -5.66 -12.41
CA TRP G 108 -37.64 -4.87 -11.97
C TRP G 108 -37.62 -4.75 -10.45
N GLY G 109 -38.16 -3.65 -9.93
CA GLY G 109 -38.37 -3.52 -8.50
C GLY G 109 -39.65 -4.23 -8.08
N GLN G 110 -40.11 -3.98 -6.86
CA GLN G 110 -41.36 -4.56 -6.35
C GLN G 110 -42.55 -3.60 -6.48
N GLY G 111 -42.26 -2.35 -6.84
CA GLY G 111 -43.31 -1.38 -7.12
C GLY G 111 -43.90 -0.70 -5.91
N THR G 112 -44.57 0.42 -6.18
CA THR G 112 -45.20 1.26 -5.15
C THR G 112 -46.48 1.87 -5.72
N LEU G 113 -47.56 1.82 -4.95
CA LEU G 113 -48.86 2.22 -5.46
C LEU G 113 -49.09 3.73 -5.36
N VAL G 114 -49.42 4.34 -6.49
CA VAL G 114 -49.80 5.74 -6.53
C VAL G 114 -51.31 5.83 -6.76
N THR G 115 -51.98 6.54 -5.87
CA THR G 115 -53.43 6.67 -5.95
C THR G 115 -53.74 8.15 -6.11
N VAL G 116 -54.20 8.52 -7.31
CA VAL G 116 -54.66 9.90 -7.55
C VAL G 116 -56.19 9.96 -7.44
N SER G 117 -56.64 10.40 -6.27
CA SER G 117 -58.05 10.52 -5.94
C SER G 117 -58.32 11.75 -5.07
N SER G 118 -59.59 12.17 -5.04
CA SER G 118 -60.02 13.33 -4.26
C SER G 118 -60.60 12.90 -2.91
N ALA G 119 -60.58 11.59 -2.66
CA ALA G 119 -61.10 11.02 -1.42
C ALA G 119 -60.10 11.18 -0.29
N SER G 120 -60.62 11.27 0.93
CA SER G 120 -59.81 11.43 2.12
C SER G 120 -59.21 10.11 2.54
N THR G 121 -58.01 10.20 3.10
CA THR G 121 -57.37 9.08 3.78
C THR G 121 -58.23 8.62 4.96
N LYS G 122 -58.50 7.32 5.00
CA LYS G 122 -59.23 6.75 6.12
C LYS G 122 -58.47 5.51 6.59
N GLY G 123 -58.11 5.51 7.88
CA GLY G 123 -57.51 4.34 8.51
C GLY G 123 -58.55 3.28 8.83
N PRO G 124 -58.20 1.99 8.65
CA PRO G 124 -59.13 0.91 8.97
C PRO G 124 -59.19 0.64 10.47
N SER G 125 -60.31 0.09 10.93
CA SER G 125 -60.33 -0.59 12.23
C SER G 125 -60.23 -2.11 12.02
N VAL G 126 -59.63 -2.78 13.00
CA VAL G 126 -59.34 -4.20 12.88
C VAL G 126 -60.24 -4.97 13.83
N PHE G 127 -60.94 -5.95 13.28
CA PHE G 127 -61.80 -6.81 14.10
C PHE G 127 -61.31 -8.24 14.07
N PRO G 128 -61.23 -8.89 15.25
CA PRO G 128 -60.77 -10.27 15.27
C PRO G 128 -61.85 -11.21 14.74
N LEU G 129 -61.43 -12.32 14.14
CA LEU G 129 -62.38 -13.33 13.74
C LEU G 129 -62.21 -14.56 14.63
N ALA G 130 -63.06 -14.59 15.66
CA ALA G 130 -63.03 -15.64 16.70
C ALA G 130 -63.43 -17.01 16.16
N PRO G 131 -62.65 -18.06 16.53
CA PRO G 131 -63.01 -19.46 16.19
C PRO G 131 -64.36 -19.90 16.79
N SER G 132 -64.94 -20.95 16.23
CA SER G 132 -66.18 -21.55 16.75
C SER G 132 -65.89 -22.84 17.55
N THR G 140 -58.35 -29.22 13.16
CA THR G 140 -58.14 -27.88 12.64
C THR G 140 -59.20 -26.91 13.17
N ALA G 141 -58.86 -25.62 13.10
CA ALA G 141 -59.79 -24.51 13.31
C ALA G 141 -59.19 -23.25 12.69
N ALA G 142 -60.05 -22.31 12.32
CA ALA G 142 -59.63 -21.11 11.62
C ALA G 142 -59.92 -19.84 12.42
N LEU G 143 -58.99 -18.90 12.35
CA LEU G 143 -59.13 -17.60 13.00
C LEU G 143 -58.47 -16.55 12.12
N GLY G 144 -58.85 -15.30 12.29
CA GLY G 144 -58.29 -14.23 11.46
C GLY G 144 -58.66 -12.80 11.80
N CYS G 145 -58.44 -11.90 10.85
CA CYS G 145 -58.73 -10.49 11.05
C CYS G 145 -59.60 -9.89 9.95
N LEU G 146 -60.49 -8.99 10.35
CA LEU G 146 -61.22 -8.17 9.40
C LEU G 146 -60.62 -6.77 9.44
N VAL G 147 -60.11 -6.33 8.29
CA VAL G 147 -59.48 -5.02 8.13
C VAL G 147 -60.47 -4.16 7.34
N LYS G 148 -61.30 -3.42 8.07
CA LYS G 148 -62.51 -2.81 7.50
C LYS G 148 -62.42 -1.29 7.26
N ASP G 149 -63.03 -0.85 6.17
CA ASP G 149 -63.28 0.58 5.87
C ASP G 149 -62.01 1.42 5.76
N TYR G 150 -61.12 1.09 4.83
CA TYR G 150 -59.89 1.86 4.63
C TYR G 150 -59.69 2.42 3.22
N PHE G 151 -58.96 3.52 3.14
CA PHE G 151 -58.64 4.15 1.86
C PHE G 151 -57.40 5.03 1.96
N PRO G 152 -56.48 4.92 0.98
CA PRO G 152 -56.54 3.99 -0.15
C PRO G 152 -55.81 2.67 0.14
N GLN G 153 -55.65 1.86 -0.91
CA GLN G 153 -54.78 0.69 -0.89
C GLN G 153 -53.31 1.12 -0.76
N PRO G 154 -52.44 0.26 -0.19
CA PRO G 154 -52.69 -1.08 0.31
C PRO G 154 -52.63 -1.23 1.85
N VAL G 155 -53.00 -2.42 2.36
CA VAL G 155 -52.72 -2.79 3.76
C VAL G 155 -51.78 -3.99 3.84
N THR G 156 -51.09 -4.09 4.97
CA THR G 156 -50.17 -5.19 5.27
C THR G 156 -50.72 -5.98 6.45
N VAL G 157 -50.81 -7.29 6.27
CA VAL G 157 -51.18 -8.20 7.34
C VAL G 157 -50.12 -9.28 7.40
N SER G 158 -49.68 -9.59 8.61
CA SER G 158 -48.88 -10.78 8.86
C SER G 158 -49.35 -11.36 10.18
N TRP G 159 -48.89 -12.55 10.53
CA TRP G 159 -49.29 -13.18 11.78
C TRP G 159 -48.10 -13.42 12.69
N ASN G 160 -48.32 -13.28 14.00
CA ASN G 160 -47.28 -13.43 15.03
C ASN G 160 -45.97 -12.77 14.64
N SER G 161 -45.97 -11.44 14.62
CA SER G 161 -44.81 -10.62 14.24
C SER G 161 -43.99 -11.14 13.04
N GLY G 162 -44.64 -11.94 12.19
CA GLY G 162 -44.00 -12.51 11.01
C GLY G 162 -43.61 -13.98 11.13
N ALA G 163 -43.65 -14.52 12.36
CA ALA G 163 -43.23 -15.91 12.63
C ALA G 163 -44.23 -16.96 12.11
N LEU G 164 -45.51 -16.59 12.00
CA LEU G 164 -46.51 -17.47 11.42
C LEU G 164 -46.64 -17.22 9.90
N THR G 165 -46.51 -18.29 9.13
CA THR G 165 -46.59 -18.24 7.66
C THR G 165 -47.55 -19.30 7.14
N SER G 166 -47.60 -20.43 7.85
CA SER G 166 -48.29 -21.63 7.40
C SER G 166 -49.79 -21.55 7.68
N GLY G 167 -50.58 -21.99 6.70
CA GLY G 167 -52.04 -21.91 6.75
C GLY G 167 -52.57 -20.48 6.76
N VAL G 168 -51.69 -19.53 6.44
CA VAL G 168 -52.06 -18.11 6.36
C VAL G 168 -52.60 -17.83 4.98
N HIS G 169 -53.80 -17.25 4.95
CA HIS G 169 -54.48 -16.96 3.70
C HIS G 169 -55.03 -15.54 3.76
N THR G 170 -54.43 -14.64 2.99
CA THR G 170 -54.79 -13.23 3.02
C THR G 170 -55.59 -12.85 1.76
N PHE G 171 -56.86 -12.53 1.96
CA PHE G 171 -57.79 -12.30 0.85
C PHE G 171 -57.73 -10.91 0.22
N PRO G 172 -57.61 -10.87 -1.14
CA PRO G 172 -57.68 -9.60 -1.89
C PRO G 172 -58.89 -8.78 -1.48
N ALA G 173 -58.67 -7.48 -1.30
CA ALA G 173 -59.66 -6.56 -0.76
C ALA G 173 -60.92 -6.45 -1.63
N VAL G 174 -62.01 -6.03 -1.00
CA VAL G 174 -63.24 -5.69 -1.69
C VAL G 174 -63.36 -4.17 -1.77
N LEU G 175 -63.83 -3.66 -2.90
CA LEU G 175 -64.13 -2.24 -3.02
C LEU G 175 -65.63 -2.10 -2.80
N GLN G 176 -66.00 -1.40 -1.74
CA GLN G 176 -67.42 -1.17 -1.41
C GLN G 176 -67.91 0.11 -2.07
N SER G 177 -69.17 0.11 -2.49
CA SER G 177 -69.80 1.22 -3.22
C SER G 177 -69.54 2.64 -2.66
N SER G 178 -69.44 2.77 -1.33
CA SER G 178 -69.04 4.04 -0.67
C SER G 178 -67.66 4.55 -1.12
N GLY G 179 -66.79 3.62 -1.55
CA GLY G 179 -65.46 3.96 -2.04
C GLY G 179 -64.33 3.50 -1.15
N LEU G 180 -64.69 2.84 -0.04
CA LEU G 180 -63.69 2.33 0.90
C LEU G 180 -63.40 0.86 0.65
N TYR G 181 -62.38 0.37 1.34
CA TYR G 181 -61.86 -0.97 1.14
C TYR G 181 -62.00 -1.81 2.41
N SER G 182 -62.01 -3.11 2.21
CA SER G 182 -62.17 -4.06 3.28
C SER G 182 -61.49 -5.36 2.84
N LEU G 183 -60.68 -5.94 3.72
CA LEU G 183 -60.11 -7.29 3.49
C LEU G 183 -59.98 -8.13 4.75
N SER G 184 -59.72 -9.42 4.56
CA SER G 184 -59.59 -10.33 5.67
C SER G 184 -58.35 -11.21 5.55
N SER G 185 -57.86 -11.67 6.69
CA SER G 185 -56.81 -12.67 6.72
C SER G 185 -57.37 -13.82 7.51
N VAL G 186 -57.04 -15.05 7.09
CA VAL G 186 -57.39 -16.26 7.83
C VAL G 186 -56.19 -17.18 8.02
N VAL G 187 -56.11 -17.76 9.22
CA VAL G 187 -55.11 -18.80 9.52
C VAL G 187 -55.82 -20.06 10.01
N THR G 188 -55.48 -21.19 9.39
CA THR G 188 -55.90 -22.52 9.84
C THR G 188 -54.85 -23.08 10.81
N VAL G 189 -55.23 -23.18 12.08
CA VAL G 189 -54.31 -23.68 13.12
C VAL G 189 -54.78 -25.05 13.63
N PRO G 190 -53.92 -25.80 14.35
CA PRO G 190 -54.41 -27.04 14.98
C PRO G 190 -55.48 -26.74 16.04
N SER G 191 -56.59 -27.48 16.01
CA SER G 191 -57.69 -27.31 16.95
C SER G 191 -57.19 -27.02 18.37
N SER G 192 -56.22 -27.85 18.79
CA SER G 192 -55.56 -27.79 20.10
C SER G 192 -55.24 -26.40 20.69
N SER G 193 -54.61 -25.54 19.88
CA SER G 193 -53.92 -24.34 20.37
C SER G 193 -54.83 -23.11 20.65
N LEU G 194 -55.73 -23.28 21.62
CA LEU G 194 -56.66 -22.24 22.08
C LEU G 194 -56.43 -21.94 23.57
N GLY G 195 -55.26 -22.35 24.06
CA GLY G 195 -54.83 -22.13 25.43
C GLY G 195 -53.32 -22.18 25.54
N THR G 196 -52.68 -22.58 24.43
CA THR G 196 -51.21 -22.68 24.33
C THR G 196 -50.61 -21.57 23.43
N GLN G 197 -50.92 -21.61 22.14
CA GLN G 197 -50.42 -20.61 21.19
C GLN G 197 -51.21 -19.30 21.29
N THR G 198 -50.50 -18.21 21.02
CA THR G 198 -51.05 -16.85 21.13
C THR G 198 -51.00 -16.14 19.77
N TYR G 199 -52.10 -16.20 19.03
CA TYR G 199 -52.13 -15.74 17.64
C TYR G 199 -52.42 -14.24 17.50
N ILE G 200 -51.47 -13.54 16.88
CA ILE G 200 -51.54 -12.09 16.72
C ILE G 200 -51.46 -11.68 15.25
N CYS G 201 -52.45 -10.92 14.78
CA CYS G 201 -52.43 -10.37 13.44
C CYS G 201 -51.90 -8.92 13.41
N ASN G 202 -50.97 -8.67 12.50
CA ASN G 202 -50.26 -7.41 12.43
C ASN G 202 -50.77 -6.59 11.26
N VAL G 203 -51.70 -5.69 11.53
CA VAL G 203 -52.32 -4.93 10.47
C VAL G 203 -51.71 -3.54 10.33
N ASN G 204 -51.13 -3.29 9.16
CA ASN G 204 -50.48 -2.02 8.89
C ASN G 204 -51.02 -1.31 7.65
N HIS G 205 -51.41 -0.05 7.83
CA HIS G 205 -51.90 0.81 6.76
C HIS G 205 -51.01 2.06 6.72
N LYS G 206 -50.00 1.97 5.86
CA LYS G 206 -49.00 3.03 5.62
C LYS G 206 -49.60 4.43 5.37
N PRO G 207 -50.58 4.54 4.44
CA PRO G 207 -51.18 5.85 4.11
C PRO G 207 -51.85 6.64 5.25
N SER G 208 -52.14 5.99 6.39
CA SER G 208 -52.77 6.66 7.54
C SER G 208 -51.97 6.51 8.83
N ASN G 209 -50.78 5.91 8.72
CA ASN G 209 -49.93 5.58 9.87
C ASN G 209 -50.64 4.74 10.94
N THR G 210 -51.43 3.79 10.45
CA THR G 210 -52.08 2.79 11.28
C THR G 210 -51.11 1.62 11.38
N LYS G 211 -50.90 1.14 12.60
CA LYS G 211 -50.17 -0.08 12.84
C LYS G 211 -50.82 -0.75 14.04
N VAL G 212 -51.63 -1.77 13.76
CA VAL G 212 -52.36 -2.48 14.80
C VAL G 212 -51.90 -3.94 14.88
N ASP G 213 -51.58 -4.36 16.10
CA ASP G 213 -51.33 -5.76 16.40
C ASP G 213 -52.53 -6.27 17.15
N LYS G 214 -52.97 -7.49 16.83
CA LYS G 214 -54.21 -7.99 17.42
C LYS G 214 -54.16 -9.47 17.81
N LYS G 215 -54.22 -9.68 19.12
CA LYS G 215 -54.58 -10.98 19.67
C LYS G 215 -56.02 -11.33 19.22
N VAL G 216 -56.20 -12.57 18.76
CA VAL G 216 -57.51 -13.14 18.46
C VAL G 216 -57.64 -14.49 19.17
N GLU G 217 -58.76 -14.70 19.86
CA GLU G 217 -58.91 -15.82 20.78
C GLU G 217 -60.36 -16.29 20.85
N PRO G 218 -60.61 -17.44 21.51
CA PRO G 218 -61.97 -17.83 21.85
C PRO G 218 -62.56 -16.93 22.95
N GLU H 1 -3.62 18.15 -46.41
CA GLU H 1 -3.32 16.87 -47.09
C GLU H 1 -2.36 16.00 -46.25
N VAL H 2 -2.76 14.74 -46.06
CA VAL H 2 -1.88 13.72 -45.47
C VAL H 2 -0.58 13.70 -46.27
N GLN H 3 0.55 13.79 -45.58
CA GLN H 3 1.84 13.66 -46.24
C GLN H 3 2.82 12.80 -45.45
N LEU H 4 3.48 11.87 -46.16
CA LEU H 4 4.42 10.94 -45.57
C LEU H 4 5.74 11.08 -46.32
N LEU H 5 6.76 11.57 -45.62
CA LEU H 5 8.07 11.78 -46.22
C LEU H 5 9.09 10.80 -45.66
N GLU H 6 9.46 9.80 -46.44
CA GLU H 6 10.42 8.79 -46.00
C GLU H 6 11.85 9.26 -46.29
N SER H 7 12.77 8.92 -45.39
CA SER H 7 14.20 9.10 -45.67
C SER H 7 15.05 8.06 -44.95
N GLY H 8 16.32 8.03 -45.32
CA GLY H 8 17.29 7.12 -44.71
C GLY H 8 17.80 6.06 -45.69
N GLY H 9 17.10 5.87 -46.80
CA GLY H 9 17.54 4.85 -47.74
C GLY H 9 18.93 5.15 -48.28
N GLY H 10 19.60 4.12 -48.79
CA GLY H 10 20.90 4.27 -49.41
C GLY H 10 21.61 2.93 -49.54
N LEU H 11 22.91 3.00 -49.81
CA LEU H 11 23.74 1.82 -50.03
C LEU H 11 24.36 1.26 -48.74
N VAL H 12 24.09 -0.02 -48.47
CA VAL H 12 24.74 -0.78 -47.40
C VAL H 12 25.27 -2.10 -47.93
N GLN H 13 26.32 -2.59 -47.29
CA GLN H 13 26.88 -3.90 -47.57
C GLN H 13 25.96 -5.00 -47.06
N PRO H 14 26.04 -6.22 -47.65
CA PRO H 14 25.36 -7.36 -47.01
C PRO H 14 25.88 -7.50 -45.59
N GLY H 15 25.00 -7.84 -44.65
CA GLY H 15 25.35 -7.98 -43.25
C GLY H 15 25.25 -6.68 -42.50
N GLY H 16 25.24 -5.57 -43.24
CA GLY H 16 25.26 -4.22 -42.67
C GLY H 16 23.93 -3.79 -42.11
N SER H 17 23.87 -2.54 -41.67
CA SER H 17 22.74 -2.06 -40.89
C SER H 17 22.29 -0.65 -41.32
N LEU H 18 20.99 -0.36 -41.19
CA LEU H 18 20.43 0.87 -41.81
C LEU H 18 19.10 1.32 -41.21
N ARG H 19 18.91 2.61 -40.98
CA ARG H 19 17.64 3.05 -40.37
C ARG H 19 16.80 4.03 -41.17
N LEU H 20 15.56 3.63 -41.46
CA LEU H 20 14.63 4.48 -42.19
C LEU H 20 13.77 5.35 -41.28
N SER H 21 13.36 6.51 -41.79
CA SER H 21 12.50 7.42 -41.08
C SER H 21 11.36 7.82 -41.97
N CYS H 22 10.25 8.14 -41.34
CA CYS H 22 9.09 8.62 -42.04
C CYS H 22 8.55 9.76 -41.20
N ALA H 23 8.66 10.98 -41.71
CA ALA H 23 8.09 12.15 -41.04
C ALA H 23 6.67 12.28 -41.55
N ALA H 24 5.71 12.25 -40.63
CA ALA H 24 4.30 12.37 -41.00
C ALA H 24 3.75 13.75 -40.68
N SER H 25 2.87 14.21 -41.57
CA SER H 25 2.15 15.46 -41.37
C SER H 25 0.79 15.36 -42.02
N GLY H 26 -0.09 16.30 -41.68
CA GLY H 26 -1.42 16.38 -42.28
C GLY H 26 -2.52 15.70 -41.47
N PHE H 27 -2.17 15.10 -40.34
CA PHE H 27 -3.10 14.24 -39.57
C PHE H 27 -2.61 13.94 -38.14
N THR H 28 -3.54 13.45 -37.31
CA THR H 28 -3.32 13.19 -35.90
C THR H 28 -2.55 11.87 -35.70
N PHE H 29 -1.24 11.97 -35.64
CA PHE H 29 -0.31 10.85 -35.84
C PHE H 29 -0.49 9.65 -34.93
N SER H 30 -0.57 9.91 -33.62
CA SER H 30 -0.57 8.83 -32.63
C SER H 30 -1.86 8.02 -32.60
N SER H 31 -2.86 8.43 -33.38
CA SER H 31 -4.14 7.69 -33.52
C SER H 31 -4.16 6.74 -34.70
N TYR H 32 -3.02 6.61 -35.37
CA TYR H 32 -2.91 5.78 -36.55
C TYR H 32 -1.89 4.69 -36.44
N ALA H 33 -2.33 3.49 -36.80
CA ALA H 33 -1.44 2.39 -37.02
C ALA H 33 -0.67 2.72 -38.29
N MET H 34 0.59 2.29 -38.35
CA MET H 34 1.47 2.60 -39.46
C MET H 34 2.22 1.36 -39.93
N SER H 35 2.52 1.26 -41.22
CA SER H 35 3.24 0.09 -41.74
C SER H 35 4.36 0.48 -42.67
N TRP H 36 5.21 -0.48 -42.99
CA TRP H 36 6.21 -0.31 -44.03
C TRP H 36 5.95 -1.39 -45.07
N VAL H 37 6.04 -1.02 -46.35
CA VAL H 37 5.80 -1.95 -47.45
C VAL H 37 6.88 -1.72 -48.47
N ARG H 38 7.40 -2.78 -49.08
CA ARG H 38 8.59 -2.67 -49.92
C ARG H 38 8.36 -3.22 -51.32
N GLN H 39 9.25 -2.84 -52.26
CA GLN H 39 9.12 -3.25 -53.65
C GLN H 39 10.46 -3.36 -54.37
N ALA H 40 10.90 -4.58 -54.60
CA ALA H 40 12.06 -4.86 -55.42
C ALA H 40 11.84 -4.33 -56.87
N PRO H 41 12.90 -3.78 -57.49
CA PRO H 41 12.72 -3.18 -58.82
C PRO H 41 12.12 -4.18 -59.80
N GLY H 42 11.04 -3.76 -60.48
CA GLY H 42 10.33 -4.60 -61.45
C GLY H 42 9.50 -5.74 -60.88
N LYS H 43 9.32 -5.79 -59.56
CA LYS H 43 8.54 -6.85 -58.89
C LYS H 43 7.38 -6.33 -58.03
N GLY H 44 6.62 -7.22 -57.42
CA GLY H 44 5.43 -6.82 -56.66
C GLY H 44 5.63 -6.14 -55.31
N LEU H 45 4.53 -5.69 -54.72
CA LEU H 45 4.52 -5.14 -53.37
C LEU H 45 4.67 -6.26 -52.36
N GLU H 46 5.32 -5.94 -51.23
CA GLU H 46 5.63 -6.90 -50.20
C GLU H 46 5.55 -6.23 -48.83
N TRP H 47 4.66 -6.71 -47.99
CA TRP H 47 4.48 -6.17 -46.64
C TRP H 47 5.69 -6.52 -45.75
N VAL H 48 6.18 -5.53 -45.01
CA VAL H 48 7.35 -5.72 -44.17
C VAL H 48 6.97 -5.77 -42.69
N SER H 49 6.29 -4.73 -42.23
CA SER H 49 6.12 -4.53 -40.81
C SER H 49 4.92 -3.65 -40.57
N ALA H 50 4.42 -3.66 -39.34
CA ALA H 50 3.29 -2.80 -38.95
C ALA H 50 3.38 -2.50 -37.45
N ILE H 51 2.81 -1.38 -37.03
CA ILE H 51 2.77 -1.01 -35.62
C ILE H 51 1.43 -0.35 -35.28
N SER H 52 0.96 -0.55 -34.04
CA SER H 52 -0.23 0.15 -33.55
C SER H 52 0.09 1.61 -33.20
N GLY H 53 -0.96 2.42 -33.10
CA GLY H 53 -0.85 3.83 -32.73
C GLY H 53 -0.01 4.06 -31.48
N SER H 54 -0.27 3.29 -30.43
CA SER H 54 0.48 3.42 -29.17
C SER H 54 1.90 2.94 -29.29
N GLY H 55 2.17 2.09 -30.28
CA GLY H 55 3.46 1.40 -30.38
C GLY H 55 3.54 0.12 -29.55
N GLY H 56 2.42 -0.24 -28.90
CA GLY H 56 2.33 -1.42 -28.04
C GLY H 56 2.26 -2.73 -28.79
N SER H 57 1.77 -2.69 -30.03
CA SER H 57 1.73 -3.90 -30.85
C SER H 57 2.61 -3.73 -32.06
N THR H 58 3.33 -4.78 -32.37
CA THR H 58 4.40 -4.70 -33.33
C THR H 58 4.31 -5.95 -34.22
N TYR H 59 4.30 -5.79 -35.55
CA TYR H 59 4.08 -6.93 -36.46
C TYR H 59 5.17 -7.03 -37.52
N TYR H 60 5.50 -8.24 -37.94
CA TYR H 60 6.58 -8.42 -38.91
C TYR H 60 6.29 -9.55 -39.87
N ALA H 61 6.65 -9.36 -41.14
CA ALA H 61 6.61 -10.44 -42.12
C ALA H 61 7.64 -11.48 -41.76
N ASP H 62 7.37 -12.71 -42.17
CA ASP H 62 8.28 -13.80 -41.85
C ASP H 62 9.70 -13.62 -42.38
N SER H 63 9.86 -12.93 -43.49
CA SER H 63 11.18 -12.81 -44.09
C SER H 63 12.08 -11.79 -43.38
N VAL H 64 11.50 -10.97 -42.50
CA VAL H 64 12.28 -9.95 -41.75
C VAL H 64 12.26 -10.15 -40.24
N LYS H 65 11.32 -10.96 -39.76
CA LYS H 65 11.22 -11.33 -38.35
C LYS H 65 12.60 -11.51 -37.74
N GLY H 66 12.88 -10.84 -36.62
CA GLY H 66 14.17 -10.99 -35.95
C GLY H 66 15.30 -10.07 -36.44
N ARG H 67 15.25 -9.65 -37.70
CA ARG H 67 16.28 -8.76 -38.25
C ARG H 67 15.90 -7.28 -38.24
N PHE H 68 14.59 -7.01 -38.34
CA PHE H 68 14.08 -5.65 -38.44
C PHE H 68 13.40 -5.27 -37.14
N THR H 69 13.46 -3.99 -36.79
CA THR H 69 12.62 -3.45 -35.72
C THR H 69 11.89 -2.17 -36.16
N ILE H 70 10.57 -2.22 -36.10
CA ILE H 70 9.74 -1.04 -36.28
C ILE H 70 9.51 -0.38 -34.93
N SER H 71 9.40 0.93 -34.93
CA SER H 71 9.01 1.69 -33.74
C SER H 71 8.60 3.07 -34.21
N ARG H 72 8.07 3.87 -33.30
CA ARG H 72 7.57 5.19 -33.66
C ARG H 72 7.87 6.15 -32.53
N ASP H 73 8.13 7.40 -32.88
CA ASP H 73 8.26 8.44 -31.87
C ASP H 73 7.06 9.37 -32.02
N ASN H 74 6.04 9.13 -31.22
CA ASN H 74 4.77 9.86 -31.36
C ASN H 74 4.83 11.35 -31.10
N SER H 75 5.69 11.77 -30.17
CA SER H 75 5.90 13.19 -29.89
C SER H 75 6.65 13.89 -31.02
N LYS H 76 7.11 13.12 -32.02
CA LYS H 76 7.83 13.67 -33.18
C LYS H 76 7.19 13.39 -34.55
N ASN H 77 6.02 12.73 -34.57
CA ASN H 77 5.38 12.26 -35.81
C ASN H 77 6.35 11.50 -36.71
N THR H 78 7.13 10.62 -36.11
CA THR H 78 8.13 9.90 -36.88
C THR H 78 8.01 8.41 -36.64
N LEU H 79 8.09 7.66 -37.73
CA LEU H 79 8.02 6.21 -37.72
C LEU H 79 9.39 5.76 -38.12
N TYR H 80 9.88 4.69 -37.51
CA TYR H 80 11.21 4.18 -37.84
C TYR H 80 11.21 2.72 -38.30
N LEU H 81 12.30 2.34 -38.97
CA LEU H 81 12.53 0.93 -39.28
C LEU H 81 13.99 0.67 -39.18
N GLN H 82 14.38 -0.03 -38.13
CA GLN H 82 15.76 -0.44 -37.94
C GLN H 82 15.92 -1.73 -38.72
N MET H 83 16.86 -1.72 -39.66
CA MET H 83 17.18 -2.88 -40.48
C MET H 83 18.60 -3.32 -40.15
N ASN H 84 18.70 -4.54 -39.64
CA ASN H 84 19.98 -5.15 -39.31
C ASN H 84 20.21 -6.40 -40.11
N SER H 85 21.48 -6.80 -40.20
CA SER H 85 21.80 -8.06 -40.82
C SER H 85 21.18 -8.11 -42.23
N LEU H 86 21.39 -7.04 -43.00
CA LEU H 86 20.78 -6.87 -44.32
C LEU H 86 21.32 -7.84 -45.39
N ARG H 87 20.42 -8.23 -46.30
CA ARG H 87 20.73 -9.16 -47.39
C ARG H 87 20.41 -8.57 -48.77
N ALA H 88 20.98 -9.16 -49.82
CA ALA H 88 20.74 -8.72 -51.20
C ALA H 88 19.26 -8.65 -51.56
N GLU H 89 18.49 -9.63 -51.10
CA GLU H 89 17.03 -9.66 -51.36
C GLU H 89 16.22 -8.62 -50.56
N ASP H 90 16.88 -7.86 -49.67
CA ASP H 90 16.23 -6.79 -48.93
C ASP H 90 16.26 -5.50 -49.80
N THR H 91 16.96 -5.57 -50.94
CA THR H 91 17.08 -4.44 -51.88
C THR H 91 15.70 -4.11 -52.44
N ALA H 92 15.19 -2.91 -52.15
CA ALA H 92 13.84 -2.51 -52.58
C ALA H 92 13.62 -1.03 -52.36
N VAL H 93 12.59 -0.48 -53.00
CA VAL H 93 12.07 0.80 -52.58
C VAL H 93 11.21 0.53 -51.36
N TYR H 94 11.47 1.23 -50.27
CA TYR H 94 10.67 1.05 -49.04
C TYR H 94 9.67 2.18 -48.88
N TYR H 95 8.40 1.84 -48.77
CA TYR H 95 7.31 2.79 -48.59
C TYR H 95 6.78 2.75 -47.15
N CYS H 96 6.35 3.91 -46.69
CA CYS H 96 5.76 4.14 -45.39
C CYS H 96 4.29 4.44 -45.67
N ALA H 97 3.41 4.00 -44.78
CA ALA H 97 1.97 4.03 -45.09
C ALA H 97 1.10 4.15 -43.84
N ARG H 98 -0.01 4.88 -43.95
CA ARG H 98 -0.98 5.05 -42.84
C ARG H 98 -2.12 4.04 -42.90
N ASP H 99 -2.55 3.54 -41.73
CA ASP H 99 -3.42 2.36 -41.68
C ASP H 99 -4.91 2.49 -41.37
N LEU H 100 -5.37 3.37 -40.50
CA LEU H 100 -6.86 3.45 -40.28
C LEU H 100 -7.35 2.40 -39.28
N ILE H 101 -7.17 1.13 -39.64
CA ILE H 101 -7.11 0.01 -38.71
C ILE H 101 -6.01 -0.89 -39.21
N HIS H 102 -5.58 -1.82 -38.37
CA HIS H 102 -4.58 -2.78 -38.76
C HIS H 102 -5.00 -3.47 -40.06
N GLY H 103 -4.12 -3.41 -41.05
CA GLY H 103 -4.33 -4.12 -42.31
C GLY H 103 -5.08 -3.35 -43.37
N VAL H 104 -5.51 -2.11 -43.10
CA VAL H 104 -6.16 -1.35 -44.19
C VAL H 104 -5.45 0.00 -44.41
N THR H 105 -4.45 0.00 -45.29
CA THR H 105 -3.65 1.20 -45.48
C THR H 105 -4.39 2.19 -46.40
N ARG H 106 -4.36 3.49 -46.05
CA ARG H 106 -5.14 4.53 -46.74
C ARG H 106 -4.25 5.47 -47.55
N ASN H 107 -3.01 5.67 -47.12
CA ASN H 107 -2.11 6.62 -47.76
C ASN H 107 -0.74 6.03 -47.89
N TRP H 108 -0.04 6.34 -48.99
CA TRP H 108 1.36 5.95 -49.14
C TRP H 108 2.32 7.14 -49.24
N GLY H 109 3.55 6.95 -48.75
CA GLY H 109 4.65 7.90 -49.01
C GLY H 109 5.20 7.77 -50.42
N GLN H 110 6.32 8.42 -50.72
CA GLN H 110 6.85 8.30 -52.07
C GLN H 110 8.03 7.34 -52.18
N GLY H 111 8.47 6.82 -51.03
CA GLY H 111 9.49 5.78 -51.00
C GLY H 111 10.93 6.23 -50.82
N THR H 112 11.79 5.28 -50.49
CA THR H 112 13.20 5.53 -50.28
C THR H 112 13.97 4.29 -50.69
N LEU H 113 14.99 4.47 -51.52
CA LEU H 113 15.67 3.34 -52.12
C LEU H 113 16.72 2.75 -51.15
N VAL H 114 16.63 1.45 -50.91
CA VAL H 114 17.63 0.75 -50.14
C VAL H 114 18.33 -0.27 -51.03
N THR H 115 19.65 -0.10 -51.19
CA THR H 115 20.46 -0.96 -52.04
C THR H 115 21.43 -1.74 -51.18
N VAL H 116 21.32 -3.07 -51.24
CA VAL H 116 22.19 -3.94 -50.45
C VAL H 116 23.08 -4.66 -51.43
N SER H 117 24.38 -4.35 -51.39
CA SER H 117 25.30 -4.79 -52.39
C SER H 117 26.68 -4.54 -51.85
N SER H 118 27.64 -5.36 -52.24
CA SER H 118 29.03 -5.19 -51.82
C SER H 118 29.80 -4.25 -52.77
N ALA H 119 29.14 -3.83 -53.85
CA ALA H 119 29.73 -2.92 -54.82
C ALA H 119 29.89 -1.51 -54.25
N SER H 120 30.97 -0.85 -54.65
CA SER H 120 31.23 0.50 -54.19
C SER H 120 30.49 1.57 -55.00
N THR H 121 30.24 2.69 -54.32
CA THR H 121 29.69 3.88 -54.91
C THR H 121 30.64 4.40 -55.99
N LYS H 122 30.07 4.76 -57.13
CA LYS H 122 30.81 5.33 -58.23
C LYS H 122 29.99 6.47 -58.82
N GLY H 123 30.61 7.65 -58.89
CA GLY H 123 30.02 8.81 -59.51
C GLY H 123 30.09 8.65 -61.00
N PRO H 124 29.14 9.25 -61.74
CA PRO H 124 29.14 9.12 -63.19
C PRO H 124 30.15 10.05 -63.87
N SER H 125 30.51 9.74 -65.11
CA SER H 125 31.09 10.75 -65.98
C SER H 125 29.96 11.30 -66.86
N VAL H 126 29.97 12.61 -67.09
CA VAL H 126 28.90 13.25 -67.84
C VAL H 126 29.48 13.71 -69.17
N PHE H 127 28.89 13.24 -70.27
CA PHE H 127 29.38 13.60 -71.59
C PHE H 127 28.31 14.27 -72.42
N PRO H 128 28.67 15.38 -73.06
CA PRO H 128 27.72 16.08 -73.93
C PRO H 128 27.44 15.28 -75.21
N LEU H 129 26.16 15.20 -75.59
CA LEU H 129 25.79 14.63 -76.88
C LEU H 129 25.41 15.76 -77.82
N ALA H 130 26.36 16.14 -78.66
CA ALA H 130 26.21 17.27 -79.55
C ALA H 130 25.07 17.05 -80.56
N PRO H 131 24.32 18.13 -80.86
CA PRO H 131 23.30 18.12 -81.88
C PRO H 131 23.89 17.92 -83.27
N SER H 132 23.23 17.10 -84.09
CA SER H 132 23.56 16.94 -85.50
C SER H 132 23.27 18.24 -86.26
N SER H 133 23.89 18.39 -87.44
CA SER H 133 23.78 19.60 -88.29
C SER H 133 22.60 19.55 -89.28
N LYS H 134 22.04 18.37 -89.51
CA LYS H 134 20.97 18.26 -90.49
C LYS H 134 19.63 18.38 -89.79
N GLY H 138 10.67 20.08 -90.62
CA GLY H 138 10.99 19.78 -89.22
C GLY H 138 11.52 21.00 -88.44
N GLY H 139 12.81 21.29 -88.58
CA GLY H 139 13.42 22.47 -87.96
C GLY H 139 14.00 22.18 -86.58
N THR H 140 14.14 20.90 -86.29
CA THR H 140 14.38 20.40 -84.95
C THR H 140 15.73 19.71 -84.84
N ALA H 141 16.33 19.84 -83.66
CA ALA H 141 17.61 19.22 -83.36
C ALA H 141 17.55 18.52 -82.02
N ALA H 142 18.13 17.32 -81.95
CA ALA H 142 18.22 16.60 -80.69
C ALA H 142 19.61 16.81 -80.07
N LEU H 143 19.65 17.23 -78.79
CA LEU H 143 20.91 17.32 -78.04
C LEU H 143 20.74 16.68 -76.67
N GLY H 144 21.84 16.23 -76.06
CA GLY H 144 21.75 15.53 -74.79
C GLY H 144 22.97 15.42 -73.90
N CYS H 145 22.79 14.77 -72.76
CA CYS H 145 23.86 14.40 -71.82
C CYS H 145 23.88 12.91 -71.63
N LEU H 146 25.05 12.34 -71.78
CA LEU H 146 25.27 10.96 -71.43
C LEU H 146 25.86 10.89 -70.00
N VAL H 147 25.21 10.10 -69.15
CA VAL H 147 25.61 9.92 -67.76
C VAL H 147 26.05 8.47 -67.57
N LYS H 148 27.36 8.23 -67.63
CA LYS H 148 27.90 6.89 -67.78
C LYS H 148 28.54 6.29 -66.51
N ASP H 149 28.28 5.00 -66.29
CA ASP H 149 28.93 4.20 -65.25
C ASP H 149 28.81 4.75 -63.84
N TYR H 150 27.61 4.73 -63.28
CA TYR H 150 27.46 5.18 -61.91
C TYR H 150 26.82 4.08 -61.06
N PHE H 151 26.92 4.23 -59.73
CA PHE H 151 26.30 3.30 -58.80
C PHE H 151 26.29 3.91 -57.40
N PRO H 152 25.17 3.76 -56.67
CA PRO H 152 23.91 3.15 -57.10
C PRO H 152 23.00 4.17 -57.76
N GLN H 153 21.80 3.74 -58.12
CA GLN H 153 20.72 4.64 -58.48
C GLN H 153 20.33 5.51 -57.27
N PRO H 154 19.72 6.70 -57.50
CA PRO H 154 19.35 7.32 -58.78
C PRO H 154 20.20 8.53 -59.19
N VAL H 155 20.16 8.86 -60.49
CA VAL H 155 20.65 10.12 -61.01
C VAL H 155 19.46 11.05 -61.23
N THR H 156 19.72 12.34 -61.27
CA THR H 156 18.69 13.34 -61.55
C THR H 156 19.26 14.17 -62.67
N VAL H 157 18.43 14.55 -63.63
CA VAL H 157 18.91 15.35 -64.73
C VAL H 157 17.96 16.48 -65.00
N SER H 158 18.49 17.69 -65.12
CA SER H 158 17.67 18.79 -65.56
C SER H 158 18.40 19.63 -66.58
N TRP H 159 17.67 20.48 -67.27
CA TRP H 159 18.27 21.35 -68.27
C TRP H 159 18.09 22.79 -67.86
N ASN H 160 19.15 23.58 -68.04
CA ASN H 160 19.20 24.99 -67.67
C ASN H 160 18.62 25.21 -66.30
N SER H 161 19.10 24.42 -65.33
CA SER H 161 18.64 24.50 -63.92
C SER H 161 17.14 24.22 -63.66
N GLY H 162 16.43 23.70 -64.67
CA GLY H 162 14.99 23.44 -64.55
C GLY H 162 14.16 24.34 -65.47
N ALA H 163 14.79 25.43 -65.97
CA ALA H 163 14.09 26.41 -66.80
C ALA H 163 13.57 25.80 -68.11
N LEU H 164 14.28 24.78 -68.61
CA LEU H 164 13.90 24.08 -69.83
C LEU H 164 13.24 22.75 -69.50
N THR H 165 11.93 22.64 -69.76
CA THR H 165 11.21 21.37 -69.54
C THR H 165 10.54 20.79 -70.78
N SER H 166 10.14 21.65 -71.71
CA SER H 166 9.57 21.20 -72.99
C SER H 166 10.54 20.42 -73.86
N GLY H 167 10.09 19.31 -74.41
CA GLY H 167 10.89 18.51 -75.33
C GLY H 167 11.97 17.68 -74.67
N VAL H 168 11.99 17.66 -73.33
CA VAL H 168 12.96 16.86 -72.54
C VAL H 168 12.47 15.44 -72.31
N HIS H 169 13.39 14.48 -72.48
CA HIS H 169 13.08 13.07 -72.22
C HIS H 169 14.31 12.44 -71.57
N THR H 170 14.22 12.15 -70.28
CA THR H 170 15.28 11.44 -69.59
C THR H 170 14.91 9.97 -69.61
N PHE H 171 15.86 9.15 -70.04
CA PHE H 171 15.60 7.73 -70.30
C PHE H 171 15.84 6.86 -69.08
N PRO H 172 14.98 5.88 -68.85
CA PRO H 172 15.35 4.92 -67.81
C PRO H 172 16.78 4.44 -68.04
N ALA H 173 17.54 4.30 -66.96
CA ALA H 173 18.91 3.80 -66.99
C ALA H 173 19.03 2.34 -67.42
N VAL H 174 20.16 2.01 -68.05
CA VAL H 174 20.54 0.63 -68.35
C VAL H 174 21.50 0.12 -67.25
N LEU H 175 21.35 -1.15 -66.87
CA LEU H 175 22.22 -1.79 -65.89
C LEU H 175 23.14 -2.80 -66.58
N GLN H 176 24.41 -2.45 -66.67
CA GLN H 176 25.33 -3.17 -67.53
C GLN H 176 25.95 -4.38 -66.82
N SER H 177 26.57 -5.26 -67.59
CA SER H 177 27.25 -6.46 -67.06
C SER H 177 28.24 -6.13 -65.96
N SER H 178 28.92 -5.00 -66.10
CA SER H 178 29.86 -4.52 -65.08
C SER H 178 29.21 -4.35 -63.72
N GLY H 179 27.89 -4.14 -63.71
CA GLY H 179 27.14 -3.84 -62.49
C GLY H 179 26.87 -2.35 -62.35
N LEU H 180 27.41 -1.55 -63.27
CA LEU H 180 27.25 -0.11 -63.20
C LEU H 180 26.13 0.37 -64.10
N TYR H 181 25.58 1.54 -63.78
CA TYR H 181 24.48 2.14 -64.54
C TYR H 181 24.93 3.20 -65.54
N SER H 182 24.14 3.36 -66.61
CA SER H 182 24.24 4.49 -67.51
C SER H 182 22.85 5.00 -67.88
N LEU H 183 22.71 6.30 -68.10
CA LEU H 183 21.49 6.81 -68.73
C LEU H 183 21.82 7.98 -69.63
N SER H 184 20.80 8.42 -70.35
CA SER H 184 20.91 9.52 -71.27
C SER H 184 19.70 10.41 -71.11
N SER H 185 19.91 11.71 -71.24
CA SER H 185 18.80 12.66 -71.29
C SER H 185 18.93 13.43 -72.59
N VAL H 186 17.79 13.68 -73.24
CA VAL H 186 17.76 14.35 -74.54
C VAL H 186 16.71 15.46 -74.52
N VAL H 187 17.01 16.56 -75.19
CA VAL H 187 16.05 17.62 -75.41
C VAL H 187 15.90 17.85 -76.90
N THR H 188 14.67 18.05 -77.34
CA THR H 188 14.42 18.45 -78.72
C THR H 188 14.25 19.97 -78.72
N VAL H 189 15.13 20.67 -79.43
CA VAL H 189 15.11 22.13 -79.48
C VAL H 189 15.07 22.65 -80.92
N PRO H 190 14.62 23.90 -81.14
CA PRO H 190 14.65 24.40 -82.52
C PRO H 190 16.08 24.61 -83.01
N SER H 191 16.36 24.09 -84.20
CA SER H 191 17.67 24.20 -84.82
C SER H 191 18.20 25.63 -84.91
N SER H 192 17.27 26.58 -84.99
CA SER H 192 17.61 27.98 -85.12
C SER H 192 18.06 28.64 -83.81
N SER H 193 17.99 27.91 -82.70
CA SER H 193 18.50 28.43 -81.44
C SER H 193 19.96 28.01 -81.18
N LEU H 194 20.50 27.08 -81.98
CA LEU H 194 21.82 26.51 -81.71
C LEU H 194 22.98 27.50 -81.67
N GLY H 195 22.85 28.63 -82.36
CA GLY H 195 23.88 29.65 -82.35
C GLY H 195 23.73 30.69 -81.25
N THR H 196 22.66 30.60 -80.47
CA THR H 196 22.21 31.70 -79.61
C THR H 196 21.96 31.26 -78.20
N GLN H 197 21.22 30.16 -78.06
CA GLN H 197 20.76 29.67 -76.78
C GLN H 197 21.73 28.68 -76.21
N THR H 198 22.17 28.94 -74.99
CA THR H 198 23.03 28.00 -74.31
C THR H 198 22.19 26.88 -73.67
N TYR H 199 22.68 25.66 -73.83
CA TYR H 199 22.02 24.49 -73.25
C TYR H 199 22.97 23.78 -72.29
N ILE H 200 22.59 23.73 -71.03
CA ILE H 200 23.40 23.10 -69.98
C ILE H 200 22.59 22.02 -69.30
N CYS H 201 23.14 20.82 -69.21
CA CYS H 201 22.49 19.82 -68.43
C CYS H 201 23.13 19.78 -67.05
N ASN H 202 22.29 19.54 -66.04
CA ASN H 202 22.71 19.52 -64.67
C ASN H 202 22.42 18.13 -64.17
N VAL H 203 23.46 17.41 -63.77
CA VAL H 203 23.36 16.01 -63.34
C VAL H 203 23.63 15.88 -61.86
N ASN H 204 22.68 15.28 -61.16
CA ASN H 204 22.85 15.02 -59.74
C ASN H 204 22.98 13.54 -59.46
N HIS H 205 23.93 13.18 -58.61
CA HIS H 205 24.04 11.83 -58.13
C HIS H 205 24.28 11.93 -56.64
N LYS H 206 23.22 12.08 -55.85
CA LYS H 206 23.37 12.26 -54.39
C LYS H 206 24.07 11.10 -53.64
N PRO H 207 23.94 9.85 -54.14
CA PRO H 207 24.70 8.77 -53.53
C PRO H 207 26.22 8.98 -53.48
N SER H 208 26.80 9.65 -54.46
CA SER H 208 28.23 10.00 -54.41
C SER H 208 28.46 11.49 -54.14
N ASN H 209 27.39 12.18 -53.75
CA ASN H 209 27.36 13.64 -53.60
C ASN H 209 28.06 14.42 -54.72
N THR H 210 27.69 14.14 -55.96
CA THR H 210 28.32 14.77 -57.13
C THR H 210 27.29 15.51 -57.95
N LYS H 211 27.56 16.78 -58.21
CA LYS H 211 26.78 17.55 -59.17
C LYS H 211 27.70 18.03 -60.28
N VAL H 212 27.31 17.77 -61.52
CA VAL H 212 28.02 18.23 -62.69
C VAL H 212 27.09 19.04 -63.56
N ASP H 213 27.51 20.26 -63.95
CA ASP H 213 26.82 21.09 -64.94
C ASP H 213 27.66 21.08 -66.21
N LYS H 214 27.05 20.72 -67.33
CA LYS H 214 27.80 20.69 -68.59
C LYS H 214 27.10 21.43 -69.72
N LYS H 215 27.83 22.31 -70.38
CA LYS H 215 27.30 22.97 -71.57
C LYS H 215 27.42 22.06 -72.78
N VAL H 216 26.33 21.89 -73.52
CA VAL H 216 26.41 21.08 -74.72
C VAL H 216 26.27 21.92 -75.99
N GLU H 217 27.32 21.94 -76.79
CA GLU H 217 27.47 22.81 -77.94
C GLU H 217 27.39 22.00 -79.24
N PRO H 218 27.02 22.66 -80.36
CA PRO H 218 27.23 22.02 -81.65
C PRO H 218 28.73 21.82 -81.95
N LYS H 219 29.09 20.70 -82.57
CA LYS H 219 30.48 20.42 -82.95
C LYS H 219 30.94 21.33 -84.09
N SER H 220 32.10 21.98 -83.92
CA SER H 220 32.66 22.81 -84.98
C SER H 220 34.15 22.60 -85.14
N ASN I 1 19.04 22.92 46.99
CA ASN I 1 19.69 23.81 45.98
C ASN I 1 21.24 23.80 45.99
N PHE I 2 21.86 24.16 44.87
CA PHE I 2 23.32 24.20 44.78
C PHE I 2 23.75 25.35 43.88
N MET I 3 24.98 25.83 44.06
CA MET I 3 25.57 26.88 43.21
C MET I 3 26.80 26.35 42.43
N LEU I 4 27.17 27.02 41.36
CA LEU I 4 28.28 26.58 40.54
C LEU I 4 29.30 27.69 40.33
N THR I 5 30.55 27.45 40.74
CA THR I 5 31.50 28.54 40.73
C THR I 5 32.59 28.34 39.71
N GLN I 6 32.64 29.29 38.78
CA GLN I 6 33.73 29.42 37.85
C GLN I 6 34.33 30.82 37.98
N PRO I 7 35.63 30.99 37.61
CA PRO I 7 36.27 32.30 37.77
C PRO I 7 35.67 33.31 36.79
N HIS I 8 35.57 34.58 37.18
CA HIS I 8 34.93 35.62 36.32
C HIS I 8 35.68 35.85 35.01
N SER I 9 36.97 35.55 34.98
CA SER I 9 37.74 35.65 33.76
C SER I 9 39.11 34.98 33.83
N VAL I 10 39.58 34.55 32.67
CA VAL I 10 40.86 33.86 32.50
C VAL I 10 41.56 34.39 31.23
N SER I 11 42.85 34.66 31.33
CA SER I 11 43.66 35.09 30.19
C SER I 11 44.72 34.05 29.86
N GLU I 12 45.04 33.91 28.57
CA GLU I 12 46.21 33.15 28.15
C GLU I 12 46.64 33.50 26.73
N SER I 13 47.80 32.99 26.32
CA SER I 13 48.36 33.41 25.04
C SER I 13 48.12 32.38 23.92
N PRO I 14 48.09 32.85 22.65
CA PRO I 14 47.89 31.91 21.57
C PRO I 14 48.85 30.72 21.67
N GLY I 15 48.31 29.53 21.40
CA GLY I 15 49.09 28.30 21.32
C GLY I 15 49.09 27.47 22.59
N LYS I 16 48.87 28.12 23.74
CA LYS I 16 48.94 27.42 25.01
C LYS I 16 47.58 26.82 25.42
N THR I 17 47.59 26.13 26.55
CA THR I 17 46.41 25.49 27.06
C THR I 17 45.81 26.42 28.12
N VAL I 18 44.51 26.64 28.05
CA VAL I 18 43.76 27.25 29.15
C VAL I 18 42.81 26.23 29.71
N THR I 19 42.59 26.33 31.02
CA THR I 19 41.59 25.50 31.65
C THR I 19 40.64 26.36 32.54
N ILE I 20 39.35 26.19 32.35
CA ILE I 20 38.32 26.86 33.13
C ILE I 20 37.57 25.82 33.92
N SER I 21 37.56 25.97 35.24
CA SER I 21 36.93 24.96 36.08
C SER I 21 35.63 25.49 36.74
N CYS I 22 34.85 24.58 37.31
CA CYS I 22 33.50 24.88 37.72
C CYS I 22 33.20 23.96 38.89
N THR I 23 33.03 24.56 40.08
CA THR I 23 32.83 23.79 41.30
C THR I 23 31.37 23.77 41.75
N ARG I 24 30.88 22.58 42.03
CA ARG I 24 29.52 22.39 42.52
C ARG I 24 29.50 22.50 44.06
N SER I 25 28.62 23.35 44.58
CA SER I 25 28.58 23.71 46.01
C SER I 25 28.11 22.59 46.93
N SER I 26 27.24 21.74 46.41
CA SER I 26 26.66 20.67 47.21
C SER I 26 26.10 19.61 46.28
N GLY I 27 25.91 18.40 46.80
CA GLY I 27 25.52 17.27 45.97
C GLY I 27 26.77 16.72 45.32
N SER I 28 26.63 15.62 44.59
CA SER I 28 27.81 14.94 44.06
C SER I 28 27.88 15.14 42.57
N LEU I 29 28.85 15.94 42.15
CA LEU I 29 28.99 16.29 40.74
C LEU I 29 28.79 15.11 39.80
N ALA I 30 29.44 13.98 40.09
CA ALA I 30 29.41 12.81 39.19
C ALA I 30 28.05 12.14 39.05
N ASN I 31 27.09 12.48 39.91
CA ASN I 31 25.75 11.96 39.77
C ASN I 31 24.95 12.58 38.60
N TYR I 32 25.47 13.66 37.99
CA TYR I 32 24.75 14.46 36.99
C TYR I 32 25.70 15.07 35.95
N TYR I 33 25.32 14.97 34.69
CA TYR I 33 26.15 15.43 33.58
C TYR I 33 26.39 16.92 33.57
N VAL I 34 27.54 17.32 33.04
CA VAL I 34 27.94 18.71 33.00
C VAL I 34 28.04 19.17 31.55
N GLN I 35 27.37 20.27 31.21
CA GLN I 35 27.46 20.83 29.88
C GLN I 35 28.31 22.11 29.88
N TRP I 36 28.87 22.48 28.73
CA TRP I 36 29.62 23.72 28.56
C TRP I 36 29.17 24.49 27.32
N TYR I 37 28.90 25.78 27.51
CA TYR I 37 28.41 26.67 26.45
C TYR I 37 29.37 27.81 26.18
N GLN I 38 29.44 28.22 24.91
CA GLN I 38 30.18 29.38 24.49
C GLN I 38 29.16 30.42 24.03
N GLN I 39 29.39 31.65 24.42
CA GLN I 39 28.53 32.72 23.97
C GLN I 39 29.42 33.85 23.48
N ARG I 40 29.24 34.18 22.20
CA ARG I 40 29.93 35.27 21.54
C ARG I 40 29.06 36.51 21.63
N PRO I 41 29.66 37.71 21.56
CA PRO I 41 28.88 38.96 21.76
C PRO I 41 27.69 39.05 20.79
N GLY I 42 26.52 39.41 21.32
CA GLY I 42 25.32 39.50 20.51
C GLY I 42 24.74 38.18 19.99
N SER I 43 25.16 37.05 20.55
CA SER I 43 24.72 35.74 20.02
C SER I 43 24.09 34.84 21.06
N SER I 44 23.42 33.80 20.58
CA SER I 44 22.97 32.69 21.38
C SER I 44 24.14 31.86 21.90
N PRO I 45 23.96 31.22 23.06
CA PRO I 45 24.94 30.22 23.44
C PRO I 45 24.95 29.09 22.39
N THR I 46 26.08 28.42 22.27
CA THR I 46 26.20 27.25 21.41
C THR I 46 26.90 26.27 22.29
N ILE I 47 26.58 25.00 22.11
CA ILE I 47 27.11 24.02 22.99
C ILE I 47 28.52 23.62 22.51
N VAL I 48 29.43 23.42 23.47
CA VAL I 48 30.81 23.05 23.20
C VAL I 48 30.99 21.62 23.68
N ILE I 49 30.51 21.34 24.88
CA ILE I 49 30.61 20.02 25.50
C ILE I 49 29.27 19.72 26.17
N PHE I 50 28.78 18.50 25.97
CA PHE I 50 27.62 18.02 26.72
C PHE I 50 27.92 16.66 27.28
N ALA I 51 27.16 16.26 28.31
CA ALA I 51 27.30 14.96 28.95
C ALA I 51 28.72 14.73 29.47
N ASN I 52 29.26 15.73 30.16
CA ASN I 52 30.64 15.74 30.68
C ASN I 52 31.75 15.98 29.67
N ASN I 53 31.79 15.18 28.62
CA ASN I 53 32.94 15.15 27.70
C ASN I 53 32.64 14.93 26.21
N GLN I 54 31.36 14.78 25.85
CA GLN I 54 30.97 14.65 24.45
C GLN I 54 31.05 15.96 23.69
N ARG I 55 31.68 15.90 22.54
CA ARG I 55 31.92 17.06 21.68
C ARG I 55 31.03 16.96 20.43
N PRO I 56 30.15 17.94 20.18
CA PRO I 56 29.36 17.87 18.93
C PRO I 56 30.23 17.98 17.69
N SER I 57 29.83 17.27 16.66
CA SER I 57 30.51 17.30 15.37
C SER I 57 30.76 18.74 14.98
N GLY I 58 31.99 19.04 14.62
CA GLY I 58 32.33 20.38 14.17
C GLY I 58 32.54 21.38 15.28
N VAL I 59 32.62 20.89 16.51
CA VAL I 59 33.31 21.63 17.57
C VAL I 59 34.73 21.09 17.56
N PRO I 60 35.73 21.98 17.38
CA PRO I 60 37.12 21.56 17.20
C PRO I 60 37.67 20.65 18.30
N ASP I 61 38.32 19.59 17.87
CA ASP I 61 39.18 18.70 18.66
C ASP I 61 39.82 19.25 19.96
N ARG I 62 40.25 20.52 19.93
CA ARG I 62 41.06 21.09 21.01
C ARG I 62 40.25 21.54 22.22
N PHE I 63 38.94 21.38 22.12
CA PHE I 63 38.04 21.53 23.26
C PHE I 63 37.79 20.16 23.87
N SER I 64 37.91 20.06 25.19
CA SER I 64 37.65 18.79 25.84
C SER I 64 37.15 19.06 27.25
N GLY I 65 36.26 18.20 27.72
CA GLY I 65 35.65 18.33 29.03
C GLY I 65 35.99 17.14 29.92
N SER I 66 36.11 17.39 31.23
CA SER I 66 36.45 16.36 32.21
C SER I 66 35.74 16.62 33.53
N ILE I 67 35.74 15.62 34.41
CA ILE I 67 35.19 15.80 35.74
C ILE I 67 36.18 15.34 36.80
N ASP I 68 36.04 15.88 38.00
CA ASP I 68 36.93 15.59 39.13
C ASP I 68 36.04 15.50 40.39
N SER I 69 35.53 14.31 40.67
CA SER I 69 34.52 14.16 41.72
C SER I 69 35.06 14.42 43.13
N SER I 70 36.26 13.92 43.44
CA SER I 70 36.73 14.05 44.80
C SER I 70 36.87 15.53 45.23
N SER I 71 37.06 16.42 44.26
CA SER I 71 37.04 17.87 44.54
C SER I 71 35.73 18.53 44.05
N ASN I 72 34.83 17.70 43.52
CA ASN I 72 33.50 18.10 43.12
C ASN I 72 33.44 19.20 42.07
N SER I 73 34.31 19.10 41.07
CA SER I 73 34.36 20.10 40.01
C SER I 73 34.47 19.51 38.63
N ALA I 74 34.05 20.30 37.64
CA ALA I 74 34.21 19.95 36.24
C ALA I 74 35.03 21.02 35.56
N SER I 75 35.71 20.60 34.49
CA SER I 75 36.73 21.42 33.90
C SER I 75 36.56 21.49 32.38
N LEU I 76 36.83 22.66 31.82
CA LEU I 76 36.89 22.82 30.36
C LEU I 76 38.30 23.21 29.97
N THR I 77 38.92 22.38 29.16
CA THR I 77 40.27 22.64 28.79
C THR I 77 40.38 22.88 27.29
N ILE I 78 41.07 23.97 26.94
CA ILE I 78 41.28 24.37 25.55
C ILE I 78 42.76 24.39 25.24
N SER I 79 43.22 23.39 24.50
CA SER I 79 44.62 23.31 24.08
C SER I 79 44.80 24.12 22.79
N GLY I 80 46.04 24.37 22.39
CA GLY I 80 46.31 25.20 21.21
C GLY I 80 45.37 26.38 21.05
N LEU I 81 45.28 27.20 22.11
CA LEU I 81 44.42 28.38 22.12
C LEU I 81 44.54 29.18 20.82
N LYS I 82 43.41 29.58 20.25
CA LYS I 82 43.42 30.47 19.09
C LYS I 82 42.63 31.74 19.41
N THR I 83 43.01 32.84 18.77
CA THR I 83 42.37 34.13 19.00
C THR I 83 40.83 34.13 18.77
N GLU I 84 40.32 33.18 17.99
CA GLU I 84 38.87 33.05 17.79
C GLU I 84 38.11 32.44 18.97
N ASP I 85 38.82 32.00 20.00
CA ASP I 85 38.22 31.36 21.17
C ASP I 85 37.70 32.36 22.19
N GLU I 86 38.19 33.59 22.09
CA GLU I 86 37.71 34.70 22.89
C GLU I 86 36.19 34.68 22.88
N ALA I 87 35.59 34.60 24.08
CA ALA I 87 34.13 34.56 24.27
C ALA I 87 33.85 34.25 25.73
N ASP I 88 32.57 34.20 26.12
CA ASP I 88 32.13 33.78 27.46
C ASP I 88 31.93 32.28 27.47
N TYR I 89 32.15 31.64 28.61
CA TYR I 89 31.89 30.21 28.73
C TYR I 89 31.11 29.91 30.01
N TYR I 90 30.01 29.16 29.85
CA TYR I 90 29.12 28.82 30.97
C TYR I 90 29.11 27.32 31.23
N CYS I 91 29.34 26.90 32.47
CA CYS I 91 29.15 25.49 32.79
C CYS I 91 27.74 25.35 33.27
N GLN I 92 27.21 24.14 33.17
CA GLN I 92 25.85 23.87 33.55
C GLN I 92 25.66 22.44 33.99
N THR I 93 24.95 22.27 35.09
CA THR I 93 24.48 20.96 35.51
C THR I 93 23.10 21.07 36.17
N TYR I 94 22.73 20.09 36.99
CA TYR I 94 21.35 19.98 37.49
C TYR I 94 21.30 18.98 38.64
N ASP I 95 20.11 18.73 39.13
CA ASP I 95 19.81 17.63 40.04
C ASP I 95 18.37 17.16 39.72
N PRO I 96 17.73 16.33 40.59
CA PRO I 96 16.39 15.87 40.22
C PRO I 96 15.39 16.98 39.86
N TYR I 97 15.59 18.20 40.34
CA TYR I 97 14.60 19.25 40.13
C TYR I 97 15.12 20.52 39.45
N SER I 98 16.30 21.00 39.84
CA SER I 98 16.85 22.26 39.35
C SER I 98 17.80 22.06 38.19
N VAL I 99 17.95 23.12 37.38
CA VAL I 99 19.00 23.23 36.41
C VAL I 99 19.72 24.47 36.86
N VAL I 100 21.06 24.47 36.81
CA VAL I 100 21.83 25.61 37.31
C VAL I 100 23.01 25.95 36.40
N PHE I 101 23.16 27.23 36.08
CA PHE I 101 24.23 27.74 35.24
C PHE I 101 25.28 28.36 36.13
N GLY I 102 26.53 28.26 35.72
CA GLY I 102 27.61 28.97 36.41
C GLY I 102 27.51 30.43 36.08
N GLY I 103 28.31 31.26 36.75
CA GLY I 103 28.29 32.70 36.53
C GLY I 103 28.93 33.16 35.24
N GLY I 104 29.55 32.25 34.49
CA GLY I 104 30.27 32.62 33.28
C GLY I 104 31.71 33.00 33.54
N THR I 105 32.54 32.76 32.53
CA THR I 105 33.93 33.13 32.55
C THR I 105 34.24 33.81 31.21
N LYS I 106 34.74 35.05 31.27
CA LYS I 106 35.27 35.72 30.10
C LYS I 106 36.70 35.25 29.82
N LEU I 107 36.95 34.80 28.59
CA LEU I 107 38.26 34.34 28.18
C LEU I 107 38.92 35.38 27.26
N THR I 108 40.18 35.68 27.54
CA THR I 108 40.91 36.58 26.70
C THR I 108 42.17 35.91 26.17
N VAL I 109 42.44 36.18 24.91
CA VAL I 109 43.67 35.79 24.25
C VAL I 109 44.61 36.99 24.39
N LEU I 110 45.67 36.80 25.16
CA LEU I 110 46.72 37.79 25.33
C LEU I 110 47.54 37.94 24.05
N GLY I 111 48.24 39.08 23.92
CA GLY I 111 49.21 39.29 22.83
C GLY I 111 48.68 39.90 21.56
N GLN I 112 47.39 40.22 21.52
CA GLN I 112 46.75 40.79 20.33
C GLN I 112 47.26 42.18 19.96
N PRO I 113 47.55 42.43 18.66
CA PRO I 113 48.13 43.71 18.29
C PRO I 113 47.26 44.85 18.75
N LYS I 114 47.90 45.87 19.28
CA LYS I 114 47.28 47.13 19.63
C LYS I 114 46.80 47.78 18.32
N ALA I 115 45.68 48.50 18.37
CA ALA I 115 45.12 49.16 17.18
C ALA I 115 44.44 50.47 17.53
N ALA I 116 44.74 51.52 16.76
CA ALA I 116 44.11 52.84 16.88
C ALA I 116 42.67 52.81 16.36
N PRO I 117 41.79 53.67 16.92
CA PRO I 117 40.38 53.63 16.49
C PRO I 117 40.15 54.30 15.13
N SER I 118 39.24 53.73 14.35
CA SER I 118 38.71 54.40 13.16
C SER I 118 37.51 55.21 13.57
N VAL I 119 37.52 56.50 13.22
CA VAL I 119 36.50 57.45 13.66
C VAL I 119 35.82 58.09 12.48
N THR I 120 34.49 58.07 12.47
CA THR I 120 33.74 58.83 11.47
C THR I 120 32.63 59.67 12.10
N LEU I 121 32.60 60.95 11.79
CA LEU I 121 31.68 61.89 12.42
C LEU I 121 30.73 62.53 11.40
N PHE I 122 29.43 62.44 11.68
CA PHE I 122 28.41 63.02 10.81
C PHE I 122 27.75 64.22 11.47
N PRO I 123 27.43 65.26 10.67
CA PRO I 123 26.73 66.43 11.21
C PRO I 123 25.25 66.09 11.36
N PRO I 124 24.42 67.01 11.90
CA PRO I 124 23.00 66.71 11.83
C PRO I 124 22.53 66.77 10.38
N SER I 125 21.64 65.86 10.01
CA SER I 125 21.06 65.80 8.68
C SER I 125 20.08 66.95 8.49
N SER I 126 19.66 67.15 7.25
CA SER I 126 18.68 68.18 6.89
C SER I 126 17.32 67.88 7.50
N GLU I 127 16.94 66.61 7.47
CA GLU I 127 15.63 66.21 7.95
C GLU I 127 15.54 66.51 9.43
N GLU I 128 16.61 66.23 10.16
CA GLU I 128 16.64 66.51 11.59
C GLU I 128 16.49 68.01 11.89
N LEU I 129 17.29 68.84 11.23
CA LEU I 129 17.19 70.30 11.40
C LEU I 129 15.79 70.79 11.04
N GLN I 130 15.20 70.16 10.03
CA GLN I 130 13.83 70.44 9.61
C GLN I 130 12.79 70.18 10.69
N ALA I 131 13.10 69.27 11.60
CA ALA I 131 12.26 69.02 12.76
C ALA I 131 12.86 69.62 14.04
N ASN I 132 13.63 70.69 13.87
CA ASN I 132 14.13 71.51 14.97
C ASN I 132 15.03 70.78 15.97
N LYS I 133 15.74 69.77 15.49
CA LYS I 133 16.66 69.01 16.32
C LYS I 133 18.03 68.90 15.66
N ALA I 134 19.03 68.54 16.45
CA ALA I 134 20.39 68.45 15.97
C ALA I 134 21.19 67.41 16.77
N THR I 135 21.55 66.32 16.10
CA THR I 135 22.40 65.28 16.67
C THR I 135 23.67 65.06 15.84
N LEU I 136 24.82 65.23 16.46
CA LEU I 136 26.09 64.86 15.86
C LEU I 136 26.43 63.43 16.27
N VAL I 137 26.86 62.62 15.30
CA VAL I 137 27.09 61.21 15.52
C VAL I 137 28.55 60.88 15.34
N CYS I 138 29.16 60.32 16.36
CA CYS I 138 30.57 60.00 16.30
C CYS I 138 30.73 58.50 16.43
N LEU I 139 31.19 57.87 15.36
CA LEU I 139 31.26 56.43 15.30
C LEU I 139 32.71 55.91 15.33
N ILE I 140 32.99 55.06 16.31
CA ILE I 140 34.34 54.63 16.61
C ILE I 140 34.40 53.12 16.51
N SER I 141 35.32 52.59 15.70
CA SER I 141 35.45 51.15 15.50
C SER I 141 36.89 50.65 15.37
N ASP I 142 37.05 49.33 15.53
CA ASP I 142 38.31 48.62 15.27
C ASP I 142 39.49 48.98 16.19
N PHE I 143 39.22 49.46 17.39
CA PHE I 143 40.30 49.75 18.32
C PHE I 143 40.59 48.57 19.23
N TYR I 144 41.85 48.45 19.63
CA TYR I 144 42.25 47.45 20.61
C TYR I 144 43.43 47.95 21.43
N PRO I 145 43.41 47.73 22.77
CA PRO I 145 42.39 47.12 23.63
C PRO I 145 41.13 47.96 23.72
N GLY I 146 40.16 47.48 24.51
CA GLY I 146 38.80 48.00 24.48
C GLY I 146 38.48 49.12 25.45
N ALA I 147 39.22 50.22 25.37
CA ALA I 147 39.02 51.34 26.26
C ALA I 147 39.36 52.63 25.54
N VAL I 148 38.38 53.54 25.53
CA VAL I 148 38.45 54.75 24.75
C VAL I 148 37.83 55.89 25.55
N THR I 149 38.35 57.09 25.34
CA THR I 149 37.86 58.30 25.97
C THR I 149 37.42 59.27 24.87
N VAL I 150 36.23 59.84 25.03
CA VAL I 150 35.68 60.75 24.02
C VAL I 150 35.45 62.11 24.63
N ALA I 151 35.93 63.16 23.98
CA ALA I 151 35.69 64.52 24.42
C ALA I 151 35.29 65.36 23.21
N TRP I 152 34.27 66.20 23.38
CA TRP I 152 33.77 67.02 22.30
C TRP I 152 34.26 68.45 22.41
N LYS I 153 34.27 69.13 21.27
CA LYS I 153 34.63 70.56 21.23
C LYS I 153 33.71 71.35 20.31
N ALA I 154 33.34 72.54 20.74
CA ALA I 154 32.65 73.49 19.90
C ALA I 154 33.63 74.62 19.62
N ASP I 155 34.07 74.73 18.36
CA ASP I 155 35.25 75.53 17.99
C ASP I 155 36.44 74.97 18.78
N SER I 156 36.97 75.74 19.72
CA SER I 156 38.05 75.28 20.59
C SER I 156 37.63 75.16 22.04
N SER I 157 36.33 74.98 22.28
CA SER I 157 35.79 74.92 23.64
C SER I 157 35.23 73.53 23.99
N PRO I 158 35.62 72.99 25.17
CA PRO I 158 35.06 71.74 25.65
C PRO I 158 33.57 71.92 25.87
N VAL I 159 32.76 70.96 25.41
CA VAL I 159 31.33 70.97 25.74
C VAL I 159 30.94 69.69 26.49
N LYS I 160 30.55 69.84 27.75
CA LYS I 160 30.12 68.68 28.56
C LYS I 160 28.63 68.38 28.47
N ALA I 161 27.83 69.39 28.17
CA ALA I 161 26.38 69.24 28.10
C ALA I 161 25.92 68.57 26.80
N GLY I 162 25.04 67.60 26.94
CA GLY I 162 24.41 66.95 25.79
C GLY I 162 25.18 65.80 25.19
N VAL I 163 26.16 65.26 25.92
CA VAL I 163 26.91 64.11 25.40
C VAL I 163 26.48 62.78 26.03
N GLU I 164 26.31 61.80 25.15
CA GLU I 164 25.96 60.44 25.52
C GLU I 164 26.88 59.52 24.74
N THR I 165 27.71 58.78 25.47
CA THR I 165 28.70 57.88 24.91
C THR I 165 28.37 56.44 25.32
N THR I 166 28.58 55.50 24.42
CA THR I 166 28.33 54.11 24.75
C THR I 166 29.55 53.55 25.46
N THR I 167 29.34 52.40 26.09
CA THR I 167 30.38 51.54 26.58
C THR I 167 31.00 50.83 25.36
N PRO I 168 32.28 50.46 25.44
CA PRO I 168 32.87 49.76 24.29
C PRO I 168 32.42 48.30 24.16
N SER I 169 32.08 47.87 22.95
CA SER I 169 31.61 46.50 22.73
C SER I 169 32.44 45.72 21.72
N LYS I 170 32.58 44.42 21.97
CA LYS I 170 33.37 43.55 21.12
C LYS I 170 32.73 43.28 19.75
N GLN I 171 33.51 43.55 18.72
CA GLN I 171 33.24 43.09 17.36
C GLN I 171 33.63 41.61 17.22
N SER I 172 33.10 40.95 16.19
CA SER I 172 33.40 39.54 15.95
C SER I 172 34.89 39.28 15.67
N ASN I 173 35.58 40.28 15.11
CA ASN I 173 37.04 40.23 14.88
C ASN I 173 37.88 40.47 16.15
N ASN I 174 37.17 40.64 17.28
CA ASN I 174 37.77 40.71 18.61
C ASN I 174 38.33 42.09 18.96
N LYS I 175 38.11 43.06 18.07
CA LYS I 175 38.40 44.46 18.40
C LYS I 175 37.08 45.13 18.84
N TYR I 176 37.04 46.47 18.88
CA TYR I 176 35.98 47.14 19.62
C TYR I 176 35.26 48.25 18.88
N ALA I 177 34.00 48.47 19.22
CA ALA I 177 33.19 49.55 18.66
C ALA I 177 32.69 50.43 19.80
N ALA I 178 32.43 51.69 19.52
CA ALA I 178 31.75 52.57 20.46
C ALA I 178 31.16 53.75 19.70
N SER I 179 30.12 54.35 20.26
CA SER I 179 29.58 55.59 19.68
C SER I 179 29.38 56.71 20.69
N SER I 180 29.33 57.92 20.19
CA SER I 180 29.01 59.07 21.01
C SER I 180 28.11 60.01 20.24
N TYR I 181 27.09 60.52 20.95
CA TYR I 181 26.09 61.40 20.38
C TYR I 181 26.12 62.75 21.12
N LEU I 182 26.19 63.82 20.34
CA LEU I 182 26.09 65.16 20.88
C LEU I 182 24.77 65.74 20.42
N SER I 183 23.89 66.07 21.36
CA SER I 183 22.62 66.72 21.07
C SER I 183 22.73 68.24 21.24
N LEU I 184 22.39 68.96 20.16
CA LEU I 184 22.43 70.41 20.15
C LEU I 184 21.06 70.96 19.76
N THR I 185 20.79 72.21 20.14
CA THR I 185 19.69 72.96 19.53
C THR I 185 20.20 73.39 18.15
N PRO I 186 19.29 73.53 17.16
CA PRO I 186 19.74 74.00 15.84
C PRO I 186 20.55 75.29 15.92
N GLU I 187 20.18 76.18 16.84
CA GLU I 187 20.84 77.45 17.05
C GLU I 187 22.30 77.23 17.45
N GLN I 188 22.56 76.28 18.35
CA GLN I 188 23.91 75.97 18.79
C GLN I 188 24.78 75.45 17.64
N TRP I 189 24.19 74.56 16.84
CA TRP I 189 24.83 74.04 15.66
C TRP I 189 25.21 75.15 14.68
N LYS I 190 24.31 76.12 14.51
CA LYS I 190 24.51 77.19 13.51
C LYS I 190 25.33 78.37 14.03
N SER I 191 25.51 78.47 15.35
CA SER I 191 26.18 79.62 15.95
C SER I 191 27.69 79.43 15.99
N HIS I 192 28.13 78.18 15.98
CA HIS I 192 29.55 77.87 15.97
C HIS I 192 29.96 77.56 14.55
N ARG I 193 31.25 77.74 14.24
CA ARG I 193 31.78 77.47 12.91
C ARG I 193 32.27 76.03 12.72
N SER I 194 32.45 75.29 13.82
CA SER I 194 32.75 73.85 13.76
C SER I 194 32.54 73.10 15.08
N TYR I 195 32.34 71.79 14.97
CA TYR I 195 32.38 70.87 16.09
C TYR I 195 33.33 69.70 15.83
N SER I 196 33.90 69.16 16.90
CA SER I 196 34.91 68.13 16.80
C SER I 196 34.69 66.97 17.74
N CYS I 197 34.94 65.77 17.23
CA CYS I 197 34.95 64.58 18.05
C CYS I 197 36.40 64.18 18.26
N GLN I 198 36.85 64.06 19.49
CA GLN I 198 38.21 63.61 19.74
C GLN I 198 38.17 62.36 20.56
N VAL I 199 38.71 61.29 19.99
CA VAL I 199 38.77 60.04 20.70
C VAL I 199 40.22 59.74 21.07
N THR I 200 40.43 59.41 22.34
CA THR I 200 41.75 59.14 22.86
C THR I 200 41.82 57.67 23.19
N HIS I 201 42.90 57.04 22.75
CA HIS I 201 43.10 55.63 22.94
C HIS I 201 44.55 55.32 23.26
N GLU I 202 44.78 54.57 24.33
CA GLU I 202 46.13 54.17 24.74
C GLU I 202 47.15 55.31 24.61
N GLY I 203 46.72 56.53 24.95
CA GLY I 203 47.58 57.71 24.88
C GLY I 203 47.54 58.51 23.58
N SER I 204 47.21 57.87 22.46
CA SER I 204 47.05 58.56 21.16
C SER I 204 45.64 59.11 20.98
N THR I 205 45.54 60.28 20.35
CA THR I 205 44.24 60.90 20.03
C THR I 205 44.03 61.08 18.53
N VAL I 206 42.96 60.48 18.03
CA VAL I 206 42.47 60.77 16.69
C VAL I 206 41.22 61.65 16.77
N GLU I 207 41.04 62.51 15.76
CA GLU I 207 40.07 63.59 15.79
C GLU I 207 39.34 63.76 14.45
N LYS I 208 38.08 64.19 14.48
CA LYS I 208 37.34 64.54 13.27
C LYS I 208 36.49 65.77 13.52
N THR I 209 36.32 66.60 12.49
CA THR I 209 35.63 67.88 12.62
C THR I 209 34.52 68.00 11.57
N VAL I 210 33.47 68.75 11.89
CA VAL I 210 32.38 69.04 10.95
C VAL I 210 31.86 70.46 11.15
N ALA I 211 31.28 71.02 10.08
CA ALA I 211 30.75 72.39 10.08
C ALA I 211 29.34 72.43 9.50
N PRO I 212 28.56 73.50 9.79
CA PRO I 212 27.25 73.72 9.15
C PRO I 212 27.33 73.77 7.64
N THR I 213 26.47 72.99 6.97
CA THR I 213 26.52 72.73 5.50
C THR I 213 27.94 72.52 4.91
N ASN J 1 32.36 -20.37 23.98
CA ASN J 1 32.53 -21.52 24.92
C ASN J 1 33.51 -21.18 26.05
N PHE J 2 33.03 -21.23 27.28
CA PHE J 2 33.88 -21.07 28.46
C PHE J 2 33.53 -22.13 29.47
N MET J 3 34.35 -22.28 30.49
CA MET J 3 33.99 -23.12 31.62
C MET J 3 34.19 -22.41 32.95
N LEU J 4 33.59 -22.99 33.99
CA LEU J 4 33.63 -22.52 35.36
C LEU J 4 34.29 -23.55 36.26
N THR J 5 35.40 -23.20 36.89
CA THR J 5 36.12 -24.12 37.78
C THR J 5 35.85 -23.81 39.24
N GLN J 6 35.43 -24.83 39.98
CA GLN J 6 35.29 -24.80 41.43
C GLN J 6 36.18 -25.87 42.03
N PRO J 7 36.58 -25.70 43.30
CA PRO J 7 37.20 -26.85 43.98
C PRO J 7 36.15 -27.95 44.22
N HIS J 8 36.58 -29.21 44.33
CA HIS J 8 35.67 -30.32 44.65
C HIS J 8 35.24 -30.28 46.09
N SER J 9 36.15 -29.83 46.97
CA SER J 9 35.89 -29.86 48.40
C SER J 9 36.31 -28.58 49.11
N VAL J 10 35.48 -28.15 50.06
CA VAL J 10 35.90 -27.19 51.10
C VAL J 10 35.39 -27.67 52.44
N SER J 11 36.23 -27.55 53.45
CA SER J 11 35.84 -27.94 54.80
C SER J 11 36.25 -26.88 55.82
N GLU J 12 35.53 -26.83 56.94
CA GLU J 12 35.86 -25.90 58.02
C GLU J 12 35.03 -26.19 59.27
N SER J 13 35.55 -25.77 60.42
CA SER J 13 34.94 -26.08 61.71
C SER J 13 33.71 -25.22 61.93
N PRO J 14 32.78 -25.68 62.78
CA PRO J 14 31.62 -24.86 63.14
C PRO J 14 32.03 -23.44 63.60
N GLY J 15 31.24 -22.45 63.20
CA GLY J 15 31.43 -21.08 63.63
C GLY J 15 32.47 -20.33 62.83
N LYS J 16 33.21 -21.04 62.00
CA LYS J 16 34.23 -20.41 61.14
C LYS J 16 33.62 -20.04 59.79
N THR J 17 34.46 -19.52 58.89
CA THR J 17 33.98 -19.04 57.61
C THR J 17 34.73 -19.72 56.47
N VAL J 18 33.98 -20.19 55.48
CA VAL J 18 34.59 -20.80 54.30
C VAL J 18 34.36 -19.96 53.09
N THR J 19 35.27 -20.01 52.15
CA THR J 19 35.02 -19.40 50.87
C THR J 19 35.21 -20.40 49.72
N ILE J 20 34.18 -20.49 48.87
CA ILE J 20 34.19 -21.31 47.67
C ILE J 20 34.36 -20.39 46.46
N SER J 21 35.39 -20.61 45.65
CA SER J 21 35.69 -19.76 44.49
C SER J 21 35.18 -20.36 43.19
N CYS J 22 35.00 -19.53 42.16
CA CYS J 22 34.47 -19.99 40.89
C CYS J 22 35.16 -19.20 39.79
N THR J 23 36.14 -19.81 39.13
CA THR J 23 36.99 -19.14 38.13
C THR J 23 36.55 -19.37 36.67
N ARG J 24 36.48 -18.28 35.90
CA ARG J 24 35.98 -18.34 34.51
C ARG J 24 37.14 -18.37 33.54
N SER J 25 37.15 -19.35 32.64
CA SER J 25 38.29 -19.60 31.74
C SER J 25 38.41 -18.65 30.53
N SER J 26 37.32 -18.03 30.11
CA SER J 26 37.40 -17.05 29.03
C SER J 26 36.14 -16.23 28.98
N GLY J 27 36.22 -15.07 28.33
CA GLY J 27 35.23 -14.00 28.52
C GLY J 27 35.53 -13.33 29.85
N SER J 28 35.07 -12.10 30.04
CA SER J 28 35.32 -11.49 31.33
C SER J 28 34.11 -11.64 32.29
N LEU J 29 34.41 -12.20 33.45
CA LEU J 29 33.40 -12.50 34.47
C LEU J 29 32.51 -11.30 34.81
N ALA J 30 33.10 -10.11 34.85
CA ALA J 30 32.42 -8.83 35.17
C ALA J 30 31.37 -8.35 34.15
N ASN J 31 31.31 -8.95 32.97
CA ASN J 31 30.22 -8.65 32.03
C ASN J 31 28.92 -9.47 32.29
N TYR J 32 28.99 -10.49 33.14
CA TYR J 32 27.83 -11.36 33.32
C TYR J 32 27.59 -11.76 34.77
N TYR J 33 26.35 -11.60 35.22
CA TYR J 33 25.98 -11.96 36.59
C TYR J 33 26.30 -13.43 36.93
N VAL J 34 26.65 -13.62 38.20
CA VAL J 34 27.01 -14.93 38.72
C VAL J 34 25.98 -15.32 39.78
N GLN J 35 25.42 -16.52 39.63
CA GLN J 35 24.45 -17.04 40.62
C GLN J 35 25.06 -18.19 41.41
N TRP J 36 24.66 -18.34 42.68
CA TRP J 36 25.06 -19.52 43.46
C TRP J 36 23.87 -20.34 43.92
N TYR J 37 24.01 -21.67 43.81
CA TYR J 37 22.94 -22.62 44.16
C TYR J 37 23.38 -23.60 45.26
N GLN J 38 22.44 -23.98 46.11
CA GLN J 38 22.62 -25.01 47.11
C GLN J 38 21.84 -26.25 46.68
N GLN J 39 22.42 -27.40 46.90
CA GLN J 39 21.68 -28.62 46.65
C GLN J 39 21.89 -29.58 47.80
N ARG J 40 20.81 -29.99 48.43
CA ARG J 40 20.87 -31.01 49.47
C ARG J 40 20.52 -32.33 48.81
N PRO J 41 21.12 -33.43 49.30
CA PRO J 41 20.83 -34.77 48.73
C PRO J 41 19.33 -35.01 48.63
N GLY J 42 18.88 -35.46 47.44
CA GLY J 42 17.46 -35.74 47.22
C GLY J 42 16.66 -34.57 46.66
N SER J 43 17.15 -33.34 46.83
CA SER J 43 16.32 -32.12 46.71
C SER J 43 16.66 -31.27 45.49
N SER J 44 15.69 -30.49 45.00
CA SER J 44 15.97 -29.52 43.96
C SER J 44 17.04 -28.54 44.42
N PRO J 45 17.76 -27.93 43.47
CA PRO J 45 18.63 -26.83 43.81
C PRO J 45 17.82 -25.64 44.33
N THR J 46 18.47 -24.79 45.10
CA THR J 46 17.80 -23.71 45.79
C THR J 46 18.73 -22.55 45.57
N ILE J 47 18.18 -21.35 45.42
CA ILE J 47 19.06 -20.22 45.14
C ILE J 47 19.58 -19.62 46.44
N VAL J 48 20.89 -19.44 46.50
CA VAL J 48 21.55 -18.78 47.63
C VAL J 48 21.93 -17.30 47.33
N ILE J 49 22.51 -17.07 46.16
CA ILE J 49 22.92 -15.74 45.74
C ILE J 49 22.61 -15.62 44.27
N PHE J 50 21.99 -14.53 43.89
CA PHE J 50 21.79 -14.25 42.48
C PHE J 50 22.33 -12.88 42.17
N ALA J 51 22.71 -12.69 40.91
CA ALA J 51 23.29 -11.45 40.38
C ALA J 51 24.44 -10.97 41.22
N ASN J 52 25.46 -11.83 41.33
CA ASN J 52 26.68 -11.55 42.11
C ASN J 52 26.47 -11.59 43.61
N ASN J 53 25.48 -10.87 44.13
CA ASN J 53 25.39 -10.64 45.57
C ASN J 53 24.00 -10.42 46.12
N GLN J 54 22.98 -10.48 45.28
CA GLN J 54 21.64 -10.33 45.80
C GLN J 54 21.26 -11.62 46.52
N ARG J 55 20.67 -11.46 47.70
CA ARG J 55 20.31 -12.55 48.54
C ARG J 55 18.79 -12.55 48.71
N PRO J 56 18.13 -13.68 48.38
CA PRO J 56 16.69 -13.81 48.60
C PRO J 56 16.31 -13.72 50.08
N SER J 57 15.04 -13.41 50.33
CA SER J 57 14.47 -13.59 51.67
C SER J 57 14.55 -15.06 52.05
N GLY J 58 14.93 -15.32 53.29
CA GLY J 58 14.99 -16.71 53.74
C GLY J 58 16.41 -17.24 53.82
N VAL J 59 17.31 -16.68 53.03
CA VAL J 59 18.72 -17.01 53.14
C VAL J 59 19.36 -16.10 54.18
N PRO J 60 19.94 -16.70 55.25
CA PRO J 60 20.67 -15.95 56.28
C PRO J 60 21.78 -15.08 55.70
N ASP J 61 22.03 -13.92 56.30
CA ASP J 61 23.00 -12.97 55.75
C ASP J 61 24.46 -13.41 55.91
N ARG J 62 24.67 -14.59 56.47
CA ARG J 62 26.01 -15.17 56.59
C ARG J 62 26.51 -15.73 55.26
N PHE J 63 25.58 -15.98 54.34
CA PHE J 63 25.94 -16.25 52.95
C PHE J 63 26.09 -14.91 52.22
N SER J 64 27.22 -14.72 51.56
CA SER J 64 27.41 -13.51 50.76
C SER J 64 28.30 -13.82 49.57
N GLY J 65 28.00 -13.19 48.44
CA GLY J 65 28.75 -13.42 47.20
C GLY J 65 29.52 -12.18 46.79
N SER J 66 30.63 -12.37 46.08
CA SER J 66 31.40 -11.28 45.56
C SER J 66 32.06 -11.70 44.26
N ILE J 67 32.53 -10.71 43.50
CA ILE J 67 33.27 -10.98 42.26
C ILE J 67 34.62 -10.30 42.28
N ASP J 68 35.61 -10.95 41.69
CA ASP J 68 36.92 -10.36 41.48
C ASP J 68 37.30 -10.34 39.99
N SER J 69 37.04 -9.21 39.36
CA SER J 69 37.24 -9.03 37.93
C SER J 69 38.67 -9.34 37.48
N SER J 70 39.66 -8.80 38.19
CA SER J 70 41.06 -9.02 37.82
C SER J 70 41.53 -10.50 37.84
N SER J 71 40.95 -11.33 38.72
CA SER J 71 41.25 -12.76 38.70
C SER J 71 40.17 -13.56 37.95
N ASN J 72 39.18 -12.84 37.43
CA ASN J 72 38.12 -13.43 36.63
C ASN J 72 37.40 -14.53 37.40
N SER J 73 37.15 -14.29 38.67
CA SER J 73 36.46 -15.27 39.48
C SER J 73 35.39 -14.62 40.31
N ALA J 74 34.52 -15.48 40.84
CA ALA J 74 33.51 -15.08 41.77
C ALA J 74 33.75 -15.94 43.00
N SER J 75 33.24 -15.52 44.15
CA SER J 75 33.30 -16.40 45.30
C SER J 75 32.03 -16.35 46.18
N LEU J 76 31.77 -17.44 46.89
CA LEU J 76 30.70 -17.50 47.85
C LEU J 76 31.34 -17.73 49.20
N THR J 77 31.02 -16.87 50.15
CA THR J 77 31.57 -17.06 51.47
C THR J 77 30.44 -17.19 52.50
N ILE J 78 30.60 -18.18 53.38
CA ILE J 78 29.67 -18.46 54.48
C ILE J 78 30.39 -18.29 55.81
N SER J 79 29.88 -17.38 56.64
CA SER J 79 30.44 -17.11 57.97
C SER J 79 29.58 -17.73 59.07
N GLY J 80 30.14 -17.82 60.28
CA GLY J 80 29.46 -18.50 61.37
C GLY J 80 28.90 -19.83 60.90
N LEU J 81 29.73 -20.61 60.20
CA LEU J 81 29.38 -21.95 59.65
C LEU J 81 28.51 -22.80 60.58
N LYS J 82 27.54 -23.49 59.98
CA LYS J 82 26.70 -24.45 60.73
C LYS J 82 26.67 -25.83 60.10
N THR J 83 26.33 -26.82 60.91
CA THR J 83 26.22 -28.20 60.49
C THR J 83 25.26 -28.33 59.30
N GLU J 84 24.19 -27.54 59.32
CA GLU J 84 23.13 -27.62 58.33
C GLU J 84 23.56 -27.09 56.97
N ASP J 85 24.72 -26.44 56.93
CA ASP J 85 25.27 -25.90 55.70
C ASP J 85 25.95 -26.96 54.84
N GLU J 86 26.25 -28.12 55.44
CA GLU J 86 26.73 -29.28 54.69
C GLU J 86 25.82 -29.50 53.48
N ALA J 87 26.39 -29.43 52.28
CA ALA J 87 25.65 -29.55 51.01
C ALA J 87 26.57 -29.29 49.82
N ASP J 88 26.06 -29.49 48.61
CA ASP J 88 26.79 -29.17 47.37
C ASP J 88 26.42 -27.76 46.91
N TYR J 89 27.41 -27.04 46.39
CA TYR J 89 27.21 -25.68 45.89
C TYR J 89 27.70 -25.45 44.46
N TYR J 90 26.85 -24.87 43.64
CA TYR J 90 27.18 -24.62 42.26
C TYR J 90 27.21 -23.15 41.94
N CYS J 91 28.18 -22.74 41.16
CA CYS J 91 28.15 -21.42 40.60
C CYS J 91 27.66 -21.53 39.13
N GLN J 92 27.13 -20.43 38.61
CA GLN J 92 26.50 -20.41 37.30
C GLN J 92 26.57 -19.02 36.72
N THR J 93 26.85 -18.94 35.43
CA THR J 93 26.86 -17.66 34.73
C THR J 93 26.65 -17.93 33.24
N TYR J 94 26.95 -16.97 32.39
CA TYR J 94 26.49 -17.09 31.01
C TYR J 94 27.33 -16.22 30.08
N ASP J 95 26.95 -16.23 28.80
CA ASP J 95 27.46 -15.29 27.85
C ASP J 95 26.24 -14.91 27.00
N PRO J 96 26.42 -14.13 25.92
CA PRO J 96 25.22 -13.70 25.18
C PRO J 96 24.37 -14.87 24.73
N TYR J 97 24.94 -16.07 24.70
CA TYR J 97 24.23 -17.26 24.24
C TYR J 97 24.13 -18.44 25.26
N SER J 98 25.26 -19.02 25.65
CA SER J 98 25.21 -20.24 26.46
C SER J 98 25.16 -19.94 27.97
N VAL J 99 24.69 -20.91 28.75
CA VAL J 99 24.68 -20.80 30.19
C VAL J 99 25.56 -21.93 30.67
N VAL J 100 26.36 -21.71 31.70
CA VAL J 100 27.35 -22.70 32.12
C VAL J 100 27.35 -22.82 33.63
N PHE J 101 27.30 -24.05 34.12
CA PHE J 101 27.41 -24.35 35.56
C PHE J 101 28.83 -24.77 35.93
N GLY J 102 29.27 -24.41 37.14
CA GLY J 102 30.49 -24.98 37.71
C GLY J 102 30.31 -26.47 37.97
N GLY J 103 31.40 -27.14 38.31
CA GLY J 103 31.36 -28.58 38.58
C GLY J 103 30.77 -28.98 39.91
N GLY J 104 30.59 -28.02 40.81
CA GLY J 104 30.06 -28.29 42.16
C GLY J 104 31.14 -28.45 43.21
N THR J 105 30.86 -27.94 44.40
CA THR J 105 31.78 -28.05 45.52
C THR J 105 31.04 -28.68 46.70
N LYS J 106 31.57 -29.78 47.23
CA LYS J 106 31.01 -30.37 48.45
C LYS J 106 31.57 -29.65 49.67
N LEU J 107 30.68 -29.10 50.49
CA LEU J 107 31.09 -28.45 51.73
C LEU J 107 30.96 -29.38 52.93
N THR J 108 32.10 -29.71 53.55
CA THR J 108 32.20 -30.55 54.76
C THR J 108 32.43 -29.68 56.01
N VAL J 109 31.56 -29.82 57.01
CA VAL J 109 31.78 -29.16 58.31
C VAL J 109 32.49 -30.16 59.23
N LEU J 110 33.75 -29.88 59.53
CA LEU J 110 34.62 -30.79 60.29
C LEU J 110 34.15 -30.92 61.73
N GLY J 111 34.70 -31.92 62.42
CA GLY J 111 34.48 -32.09 63.84
C GLY J 111 33.11 -32.58 64.24
N GLN J 112 32.41 -33.26 63.34
CA GLN J 112 31.16 -33.91 63.72
C GLN J 112 31.44 -35.24 64.41
N PRO J 113 30.66 -35.59 65.45
CA PRO J 113 30.98 -36.80 66.22
C PRO J 113 30.89 -38.05 65.35
N LYS J 114 31.95 -38.87 65.43
CA LYS J 114 31.97 -40.21 64.84
C LYS J 114 30.79 -40.97 65.40
N ALA J 115 30.28 -41.92 64.61
CA ALA J 115 29.14 -42.71 65.00
C ALA J 115 29.15 -44.08 64.33
N ALA J 116 28.97 -45.11 65.15
CA ALA J 116 28.89 -46.49 64.68
C ALA J 116 27.57 -46.73 63.96
N PRO J 117 27.56 -47.67 62.99
CA PRO J 117 26.32 -48.03 62.28
C PRO J 117 25.36 -48.90 63.10
N SER J 118 24.06 -48.66 62.95
CA SER J 118 23.04 -49.59 63.43
C SER J 118 22.76 -50.58 62.33
N VAL J 119 22.82 -51.86 62.68
CA VAL J 119 22.59 -52.88 61.69
C VAL J 119 21.38 -53.70 62.10
N THR J 120 20.43 -53.81 61.17
CA THR J 120 19.39 -54.78 61.32
C THR J 120 19.39 -55.69 60.10
N LEU J 121 19.29 -56.99 60.35
CA LEU J 121 19.44 -58.00 59.33
C LEU J 121 18.18 -58.83 59.27
N PHE J 122 17.61 -58.93 58.07
CA PHE J 122 16.41 -59.70 57.84
C PHE J 122 16.68 -60.99 57.06
N PRO J 123 16.09 -62.11 57.52
CA PRO J 123 16.20 -63.34 56.77
C PRO J 123 15.22 -63.34 55.57
N PRO J 124 15.29 -64.41 54.74
CA PRO J 124 14.33 -64.54 53.64
C PRO J 124 12.92 -64.69 54.19
N SER J 125 11.96 -64.00 53.60
CA SER J 125 10.60 -64.22 54.02
C SER J 125 10.09 -65.57 53.54
N SER J 126 9.06 -66.06 54.22
CA SER J 126 8.31 -67.23 53.79
C SER J 126 7.71 -67.06 52.41
N GLU J 127 7.16 -65.86 52.15
CA GLU J 127 6.61 -65.51 50.85
C GLU J 127 7.66 -65.69 49.73
N GLU J 128 8.90 -65.24 49.97
CA GLU J 128 9.98 -65.40 49.00
C GLU J 128 10.45 -66.84 48.82
N LEU J 129 10.68 -67.57 49.92
CA LEU J 129 10.99 -68.97 49.83
C LEU J 129 9.92 -69.71 49.05
N GLN J 130 8.68 -69.27 49.19
CA GLN J 130 7.59 -69.91 48.48
C GLN J 130 7.73 -69.75 46.96
N ALA J 131 8.33 -68.65 46.54
CA ALA J 131 8.65 -68.45 45.12
C ALA J 131 10.02 -69.02 44.73
N ASN J 132 10.70 -69.69 45.67
CA ASN J 132 11.97 -70.38 45.40
C ASN J 132 13.13 -69.44 45.23
N LYS J 133 13.09 -68.38 46.01
CA LYS J 133 14.19 -67.44 46.08
C LYS J 133 14.42 -67.01 47.50
N ALA J 134 15.57 -66.40 47.74
CA ALA J 134 16.00 -66.09 49.10
C ALA J 134 16.92 -64.89 49.04
N THR J 135 16.53 -63.81 49.71
CA THR J 135 17.35 -62.62 49.84
C THR J 135 17.50 -62.26 51.31
N LEU J 136 18.74 -62.11 51.77
CA LEU J 136 19.03 -61.52 53.05
C LEU J 136 19.20 -60.02 52.88
N VAL J 137 18.64 -59.25 53.82
CA VAL J 137 18.60 -57.79 53.70
C VAL J 137 19.31 -57.22 54.90
N CYS J 138 20.40 -56.50 54.63
CA CYS J 138 21.20 -55.90 55.70
C CYS J 138 21.11 -54.39 55.63
N LEU J 139 20.38 -53.79 56.57
CA LEU J 139 20.18 -52.35 56.58
C LEU J 139 21.07 -51.66 57.61
N ILE J 140 21.79 -50.65 57.14
CA ILE J 140 22.82 -49.97 57.91
C ILE J 140 22.54 -48.46 57.97
N SER J 141 22.48 -47.91 59.18
CA SER J 141 22.10 -46.49 59.34
C SER J 141 22.87 -45.73 60.42
N ASP J 142 22.74 -44.41 60.36
CA ASP J 142 23.27 -43.48 61.35
C ASP J 142 24.77 -43.64 61.60
N PHE J 143 25.55 -43.82 60.53
CA PHE J 143 27.01 -43.88 60.67
C PHE J 143 27.71 -42.63 60.16
N TYR J 144 28.84 -42.31 60.78
CA TYR J 144 29.62 -41.16 60.39
C TYR J 144 31.06 -41.34 60.82
N PRO J 145 32.03 -41.05 59.91
CA PRO J 145 31.88 -40.58 58.51
C PRO J 145 31.33 -41.65 57.57
N GLY J 146 31.17 -41.28 56.31
CA GLY J 146 30.40 -42.07 55.34
C GLY J 146 31.12 -43.15 54.55
N ALA J 147 32.03 -43.88 55.17
CA ALA J 147 32.59 -45.09 54.52
C ALA J 147 32.37 -46.33 55.36
N VAL J 148 31.95 -47.40 54.69
CA VAL J 148 31.56 -48.60 55.36
C VAL J 148 31.99 -49.77 54.49
N THR J 149 32.37 -50.86 55.13
CA THR J 149 32.72 -52.10 54.42
C THR J 149 31.79 -53.22 54.89
N VAL J 150 31.26 -53.98 53.94
CA VAL J 150 30.30 -55.02 54.27
C VAL J 150 30.80 -56.37 53.80
N ALA J 151 30.77 -57.34 54.70
CA ALA J 151 31.17 -58.70 54.40
C ALA J 151 30.13 -59.70 54.92
N TRP J 152 29.83 -60.70 54.11
CA TRP J 152 28.85 -61.71 54.46
C TRP J 152 29.53 -63.02 54.82
N LYS J 153 28.91 -63.78 55.73
CA LYS J 153 29.40 -65.12 56.07
C LYS J 153 28.27 -66.14 56.03
N ALA J 154 28.61 -67.35 55.58
CA ALA J 154 27.74 -68.51 55.63
C ALA J 154 28.39 -69.39 56.66
N ASP J 155 27.71 -69.59 57.79
CA ASP J 155 28.35 -70.09 59.02
C ASP J 155 29.59 -69.24 59.31
N SER J 156 30.78 -69.82 59.21
CA SER J 156 32.02 -69.05 59.45
C SER J 156 32.73 -68.56 58.19
N SER J 157 32.22 -68.93 57.02
CA SER J 157 32.98 -68.82 55.77
C SER J 157 32.57 -67.61 54.94
N PRO J 158 33.54 -66.89 54.37
CA PRO J 158 33.21 -65.70 53.58
C PRO J 158 32.45 -66.04 52.30
N VAL J 159 31.39 -65.30 52.02
CA VAL J 159 30.69 -65.49 50.76
C VAL J 159 30.89 -64.28 49.85
N LYS J 160 31.34 -64.57 48.63
CA LYS J 160 31.61 -63.56 47.59
C LYS J 160 30.45 -63.40 46.58
N ALA J 161 29.87 -64.53 46.15
CA ALA J 161 28.77 -64.51 45.19
C ALA J 161 27.46 -63.96 45.78
N GLY J 162 26.72 -63.24 44.94
CA GLY J 162 25.38 -62.79 45.25
C GLY J 162 25.25 -61.57 46.13
N VAL J 163 26.34 -60.85 46.39
CA VAL J 163 26.26 -59.63 47.19
C VAL J 163 26.23 -58.33 46.36
N GLU J 164 25.25 -57.48 46.68
CA GLU J 164 25.11 -56.13 46.14
C GLU J 164 24.90 -55.17 47.30
N THR J 165 25.76 -54.16 47.36
CA THR J 165 25.82 -53.22 48.46
C THR J 165 25.70 -51.82 47.87
N THR J 166 24.85 -50.99 48.46
CA THR J 166 24.74 -49.63 47.94
C THR J 166 25.99 -48.82 48.30
N THR J 167 26.10 -47.71 47.61
CA THR J 167 27.02 -46.64 47.93
C THR J 167 26.36 -45.87 49.10
N PRO J 168 27.17 -45.42 50.09
CA PRO J 168 26.55 -44.75 51.25
C PRO J 168 25.84 -43.48 50.83
N SER J 169 24.68 -43.21 51.39
CA SER J 169 24.00 -41.95 51.10
C SER J 169 23.72 -41.08 52.34
N LYS J 170 23.90 -39.79 52.17
CA LYS J 170 23.76 -38.83 53.25
C LYS J 170 22.30 -38.60 53.67
N GLN J 171 22.05 -38.80 54.98
CA GLN J 171 20.75 -38.51 55.57
C GLN J 171 20.68 -37.03 55.92
N SER J 172 19.47 -36.54 56.19
CA SER J 172 19.27 -35.12 56.56
C SER J 172 19.89 -34.74 57.91
N ASN J 173 20.12 -35.73 58.78
CA ASN J 173 20.86 -35.51 60.04
C ASN J 173 22.40 -35.51 59.89
N ASN J 174 22.85 -35.49 58.62
CA ASN J 174 24.28 -35.54 58.21
C ASN J 174 24.99 -36.89 58.30
N LYS J 175 24.37 -37.85 58.97
CA LYS J 175 24.92 -39.20 59.00
C LYS J 175 24.49 -39.96 57.73
N TYR J 176 24.94 -41.21 57.62
CA TYR J 176 24.81 -41.92 56.38
C TYR J 176 24.06 -43.22 56.53
N ALA J 177 23.49 -43.68 55.42
CA ALA J 177 22.78 -44.96 55.36
C ALA J 177 23.25 -45.75 54.18
N ALA J 178 23.16 -47.07 54.30
CA ALA J 178 23.44 -48.00 53.21
C ALA J 178 22.72 -49.32 53.46
N SER J 179 22.72 -50.16 52.44
CA SER J 179 22.15 -51.50 52.54
C SER J 179 22.90 -52.49 51.66
N SER J 180 22.84 -53.75 52.06
CA SER J 180 23.49 -54.81 51.33
C SER J 180 22.51 -55.95 51.26
N TYR J 181 22.43 -56.57 50.09
CA TYR J 181 21.51 -57.65 49.84
C TYR J 181 22.31 -58.84 49.36
N LEU J 182 22.04 -60.00 49.96
CA LEU J 182 22.68 -61.23 49.54
C LEU J 182 21.64 -62.16 48.91
N SER J 183 21.84 -62.51 47.65
CA SER J 183 20.99 -63.48 46.94
C SER J 183 21.47 -64.92 47.11
N LEU J 184 20.62 -65.75 47.70
CA LEU J 184 20.93 -67.17 47.86
C LEU J 184 19.89 -68.00 47.14
N THR J 185 20.23 -69.26 46.90
CA THR J 185 19.23 -70.26 46.58
C THR J 185 18.57 -70.72 47.91
N PRO J 186 17.29 -71.13 47.85
CA PRO J 186 16.68 -71.73 49.03
C PRO J 186 17.53 -72.86 49.64
N GLU J 187 18.25 -73.61 48.80
CA GLU J 187 19.06 -74.73 49.30
C GLU J 187 20.31 -74.26 50.05
N GLN J 188 20.89 -73.16 49.60
CA GLN J 188 22.01 -72.53 50.28
C GLN J 188 21.57 -71.97 51.62
N TRP J 189 20.40 -71.34 51.65
CA TRP J 189 19.82 -70.83 52.88
C TRP J 189 19.63 -71.93 53.91
N LYS J 190 19.03 -73.03 53.48
CA LYS J 190 18.63 -74.09 54.39
C LYS J 190 19.76 -75.02 54.79
N SER J 191 20.88 -74.97 54.07
CA SER J 191 21.95 -75.95 54.33
C SER J 191 22.98 -75.49 55.36
N HIS J 192 23.01 -74.19 55.67
CA HIS J 192 23.91 -73.63 56.67
C HIS J 192 23.16 -73.36 57.98
N ARG J 193 23.89 -73.32 59.11
CA ARG J 193 23.28 -73.01 60.42
C ARG J 193 22.87 -71.54 60.59
N SER J 194 23.57 -70.66 59.87
CA SER J 194 23.30 -69.24 59.95
C SER J 194 24.07 -68.46 58.89
N TYR J 195 23.63 -67.25 58.62
CA TYR J 195 24.37 -66.28 57.84
C TYR J 195 24.58 -65.00 58.62
N SER J 196 25.66 -64.30 58.32
CA SER J 196 26.05 -63.11 59.05
C SER J 196 26.34 -61.93 58.15
N CYS J 197 25.81 -60.78 58.54
CA CYS J 197 26.15 -59.50 57.93
C CYS J 197 27.17 -58.82 58.84
N GLN J 198 28.39 -58.59 58.34
CA GLN J 198 29.44 -57.90 59.11
C GLN J 198 29.80 -56.55 58.49
N VAL J 199 29.50 -55.46 59.19
CA VAL J 199 29.83 -54.13 58.68
C VAL J 199 30.94 -53.46 59.48
N THR J 200 31.98 -53.04 58.78
CA THR J 200 33.17 -52.49 59.41
C THR J 200 33.27 -51.01 59.14
N HIS J 201 33.30 -50.26 60.23
CA HIS J 201 33.35 -48.82 60.20
C HIS J 201 34.55 -48.35 61.01
N GLU J 202 35.55 -47.83 60.28
CA GLU J 202 36.78 -47.30 60.85
C GLU J 202 37.44 -48.33 61.77
N GLY J 203 37.52 -49.56 61.26
CA GLY J 203 38.18 -50.68 61.95
C GLY J 203 37.34 -51.37 63.00
N SER J 204 36.13 -50.88 63.21
CA SER J 204 35.27 -51.39 64.25
C SER J 204 34.10 -52.14 63.61
N THR J 205 33.97 -53.43 63.92
CA THR J 205 32.95 -54.25 63.29
C THR J 205 31.67 -54.41 64.12
N VAL J 206 30.52 -54.17 63.49
CA VAL J 206 29.25 -54.63 64.06
C VAL J 206 28.57 -55.70 63.20
N GLU J 207 28.02 -56.70 63.88
CA GLU J 207 27.63 -57.95 63.27
C GLU J 207 26.20 -58.34 63.62
N LYS J 208 25.47 -58.82 62.62
CA LYS J 208 24.15 -59.40 62.84
C LYS J 208 24.04 -60.75 62.16
N THR J 209 23.29 -61.66 62.78
CA THR J 209 23.20 -63.05 62.36
C THR J 209 21.75 -63.53 62.35
N VAL J 210 21.39 -64.30 61.32
CA VAL J 210 20.05 -64.88 61.19
C VAL J 210 20.16 -66.36 60.84
N ALA J 211 19.10 -67.12 61.09
CA ALA J 211 19.10 -68.56 60.87
C ALA J 211 17.80 -69.05 60.26
N PRO J 212 17.85 -70.18 59.54
CA PRO J 212 16.63 -70.78 59.00
C PRO J 212 15.72 -71.22 60.15
N THR J 213 14.52 -70.65 60.18
CA THR J 213 13.55 -70.82 61.27
C THR J 213 13.35 -72.29 61.66
N GLU J 214 13.25 -72.58 62.96
CA GLU J 214 12.75 -73.90 63.40
C GLU J 214 11.21 -73.89 63.55
N CYS J 215 10.54 -73.25 62.58
CA CYS J 215 9.10 -72.96 62.62
C CYS J 215 8.40 -73.15 61.26
N ASN K 1 -45.53 7.19 -32.11
CA ASN K 1 -44.67 6.00 -31.83
C ASN K 1 -45.17 4.73 -32.56
N PHE K 2 -45.29 3.62 -31.84
CA PHE K 2 -45.71 2.36 -32.45
C PHE K 2 -46.46 1.49 -31.46
N MET K 3 -47.12 0.45 -31.95
CA MET K 3 -47.88 -0.48 -31.12
C MET K 3 -47.37 -1.89 -31.30
N LEU K 4 -47.35 -2.64 -30.20
CA LEU K 4 -47.05 -4.05 -30.22
C LEU K 4 -48.33 -4.80 -29.92
N THR K 5 -48.79 -5.62 -30.87
CA THR K 5 -50.03 -6.37 -30.66
C THR K 5 -49.76 -7.85 -30.40
N GLN K 6 -50.24 -8.32 -29.27
CA GLN K 6 -50.23 -9.75 -28.96
C GLN K 6 -51.63 -10.20 -28.58
N PRO K 7 -51.95 -11.49 -28.77
CA PRO K 7 -53.31 -11.96 -28.49
C PRO K 7 -53.67 -11.74 -27.03
N HIS K 8 -54.96 -11.69 -26.72
CA HIS K 8 -55.38 -11.46 -25.34
C HIS K 8 -55.19 -12.71 -24.52
N SER K 9 -55.22 -13.88 -25.17
CA SER K 9 -54.97 -15.13 -24.49
C SER K 9 -54.60 -16.27 -25.43
N VAL K 10 -53.84 -17.23 -24.88
CA VAL K 10 -53.56 -18.50 -25.55
C VAL K 10 -53.78 -19.68 -24.58
N SER K 11 -54.18 -20.84 -25.12
CA SER K 11 -54.50 -22.02 -24.30
C SER K 11 -54.01 -23.36 -24.85
N GLU K 12 -53.37 -24.12 -23.98
CA GLU K 12 -52.88 -25.44 -24.35
C GLU K 12 -52.78 -26.39 -23.15
N SER K 13 -52.83 -27.69 -23.44
CA SER K 13 -52.73 -28.73 -22.41
C SER K 13 -51.28 -29.05 -22.07
N PRO K 14 -51.03 -29.56 -20.86
CA PRO K 14 -49.67 -29.88 -20.42
C PRO K 14 -48.94 -30.80 -21.40
N GLY K 15 -47.70 -30.42 -21.73
CA GLY K 15 -46.81 -31.23 -22.58
C GLY K 15 -46.65 -30.67 -23.96
N LYS K 16 -47.52 -29.71 -24.29
CA LYS K 16 -47.63 -29.20 -25.64
C LYS K 16 -46.72 -28.00 -25.87
N THR K 17 -46.67 -27.55 -27.11
CA THR K 17 -45.98 -26.33 -27.49
C THR K 17 -47.00 -25.20 -27.63
N VAL K 18 -46.62 -24.00 -27.19
CA VAL K 18 -47.50 -22.84 -27.25
C VAL K 18 -46.71 -21.71 -27.90
N THR K 19 -47.38 -20.95 -28.76
CA THR K 19 -46.73 -19.82 -29.42
C THR K 19 -47.50 -18.53 -29.17
N ILE K 20 -46.88 -17.60 -28.46
CA ILE K 20 -47.42 -16.25 -28.30
C ILE K 20 -46.64 -15.32 -29.21
N SER K 21 -47.37 -14.66 -30.11
CA SER K 21 -46.78 -13.74 -31.06
C SER K 21 -47.00 -12.28 -30.68
N CYS K 22 -46.14 -11.41 -31.19
CA CYS K 22 -46.17 -9.99 -30.84
C CYS K 22 -45.82 -9.14 -32.07
N THR K 23 -46.82 -8.45 -32.63
CA THR K 23 -46.64 -7.77 -33.90
C THR K 23 -46.38 -6.29 -33.73
N ARG K 24 -45.33 -5.81 -34.40
CA ARG K 24 -44.93 -4.43 -34.34
C ARG K 24 -45.59 -3.61 -35.45
N SER K 25 -46.27 -2.53 -35.06
CA SER K 25 -47.13 -1.76 -35.97
C SER K 25 -46.39 -1.00 -37.08
N SER K 26 -45.30 -0.33 -36.70
CA SER K 26 -44.49 0.42 -37.65
C SER K 26 -43.05 0.43 -37.14
N GLY K 27 -42.10 0.59 -38.07
CA GLY K 27 -40.68 0.45 -37.75
C GLY K 27 -40.21 -0.97 -37.96
N SER K 28 -38.96 -1.13 -38.37
CA SER K 28 -38.43 -2.46 -38.69
C SER K 28 -38.12 -3.22 -37.39
N LEU K 29 -38.76 -4.36 -37.19
CA LEU K 29 -38.69 -5.06 -35.91
C LEU K 29 -37.24 -5.45 -35.63
N ALA K 30 -36.58 -6.00 -36.65
CA ALA K 30 -35.21 -6.48 -36.53
C ALA K 30 -34.17 -5.35 -36.37
N ASN K 31 -34.63 -4.10 -36.35
CA ASN K 31 -33.75 -2.98 -36.03
C ASN K 31 -33.56 -2.86 -34.51
N TYR K 32 -34.44 -3.51 -33.73
CA TYR K 32 -34.47 -3.37 -32.27
C TYR K 32 -34.72 -4.68 -31.55
N TYR K 33 -33.98 -4.90 -30.48
CA TYR K 33 -34.14 -6.08 -29.64
C TYR K 33 -35.54 -6.18 -29.04
N VAL K 34 -36.04 -7.41 -28.91
CA VAL K 34 -37.32 -7.69 -28.26
C VAL K 34 -37.12 -8.43 -26.93
N GLN K 35 -37.86 -8.03 -25.89
CA GLN K 35 -37.78 -8.66 -24.55
C GLN K 35 -39.12 -9.28 -24.17
N TRP K 36 -39.09 -10.33 -23.35
CA TRP K 36 -40.32 -10.98 -22.92
C TRP K 36 -40.36 -11.11 -21.40
N TYR K 37 -41.55 -10.86 -20.87
CA TYR K 37 -41.73 -10.77 -19.43
C TYR K 37 -42.85 -11.68 -18.97
N GLN K 38 -42.68 -12.25 -17.79
CA GLN K 38 -43.69 -13.05 -17.15
C GLN K 38 -44.15 -12.32 -15.92
N GLN K 39 -45.46 -12.15 -15.79
CA GLN K 39 -46.01 -11.64 -14.55
C GLN K 39 -46.98 -12.67 -13.96
N ARG K 40 -46.60 -13.21 -12.80
CA ARG K 40 -47.47 -14.08 -12.03
C ARG K 40 -48.28 -13.13 -11.18
N PRO K 41 -49.58 -13.45 -10.91
CA PRO K 41 -50.49 -12.44 -10.29
C PRO K 41 -50.01 -11.93 -8.93
N GLY K 42 -50.19 -10.64 -8.70
CA GLY K 42 -49.70 -10.01 -7.48
C GLY K 42 -48.19 -9.83 -7.38
N SER K 43 -47.46 -10.14 -8.46
CA SER K 43 -45.99 -10.15 -8.44
C SER K 43 -45.41 -9.21 -9.49
N SER K 44 -44.15 -8.81 -9.26
CA SER K 44 -43.34 -8.06 -10.22
C SER K 44 -43.08 -8.85 -11.50
N PRO K 45 -43.03 -8.16 -12.66
CA PRO K 45 -42.61 -8.84 -13.89
C PRO K 45 -41.22 -9.47 -13.76
N THR K 46 -41.08 -10.66 -14.34
CA THR K 46 -39.83 -11.39 -14.35
C THR K 46 -39.43 -11.52 -15.79
N ILE K 47 -38.16 -11.32 -16.10
CA ILE K 47 -37.75 -11.53 -17.47
C ILE K 47 -37.65 -13.03 -17.84
N VAL K 48 -38.01 -13.33 -19.09
CA VAL K 48 -37.99 -14.67 -19.65
C VAL K 48 -36.95 -14.70 -20.75
N ILE K 49 -37.06 -13.74 -21.66
CA ILE K 49 -36.14 -13.63 -22.79
C ILE K 49 -35.79 -12.18 -22.93
N PHE K 50 -34.52 -11.89 -23.17
CA PHE K 50 -34.11 -10.56 -23.58
C PHE K 50 -33.28 -10.62 -24.87
N ALA K 51 -33.14 -9.46 -25.53
CA ALA K 51 -32.37 -9.37 -26.77
C ALA K 51 -32.73 -10.51 -27.73
N ASN K 52 -34.01 -10.60 -28.05
CA ASN K 52 -34.58 -11.60 -28.97
C ASN K 52 -34.68 -13.02 -28.43
N ASN K 53 -33.55 -13.57 -27.98
CA ASN K 53 -33.45 -15.00 -27.67
C ASN K 53 -32.45 -15.35 -26.57
N GLN K 54 -31.91 -14.34 -25.91
CA GLN K 54 -31.00 -14.57 -24.80
C GLN K 54 -31.82 -14.94 -23.58
N ARG K 55 -31.45 -16.05 -22.96
CA ARG K 55 -32.16 -16.56 -21.81
C ARG K 55 -31.30 -16.32 -20.58
N PRO K 56 -31.87 -15.68 -19.54
CA PRO K 56 -31.12 -15.60 -18.29
C PRO K 56 -30.88 -16.97 -17.65
N SER K 57 -29.66 -17.15 -17.14
CA SER K 57 -29.41 -18.28 -16.27
C SER K 57 -30.54 -18.31 -15.26
N GLY K 58 -31.29 -19.40 -15.22
CA GLY K 58 -32.31 -19.56 -14.20
C GLY K 58 -33.68 -19.78 -14.79
N VAL K 59 -33.80 -19.50 -16.08
CA VAL K 59 -35.03 -19.70 -16.85
C VAL K 59 -34.91 -21.01 -17.67
N PRO K 60 -35.84 -21.97 -17.45
CA PRO K 60 -35.80 -23.25 -18.13
C PRO K 60 -35.70 -23.09 -19.65
N ASP K 61 -34.99 -24.01 -20.31
CA ASP K 61 -34.78 -23.95 -21.76
C ASP K 61 -36.00 -24.28 -22.65
N ARG K 62 -37.16 -24.52 -22.04
CA ARG K 62 -38.42 -24.69 -22.77
C ARG K 62 -38.90 -23.37 -23.38
N PHE K 63 -38.51 -22.26 -22.74
CA PHE K 63 -38.80 -20.94 -23.23
C PHE K 63 -37.76 -20.55 -24.24
N SER K 64 -38.20 -20.03 -25.38
CA SER K 64 -37.27 -19.55 -26.40
C SER K 64 -37.89 -18.42 -27.19
N GLY K 65 -37.06 -17.58 -27.76
CA GLY K 65 -37.53 -16.42 -28.52
C GLY K 65 -36.97 -16.42 -29.92
N SER K 66 -37.68 -15.79 -30.84
CA SER K 66 -37.21 -15.57 -32.21
C SER K 66 -37.94 -14.37 -32.82
N ILE K 67 -37.44 -13.92 -33.97
CA ILE K 67 -38.06 -12.79 -34.66
C ILE K 67 -38.50 -13.20 -36.06
N ASP K 68 -39.41 -12.43 -36.66
CA ASP K 68 -39.90 -12.68 -38.01
C ASP K 68 -39.95 -11.37 -38.79
N SER K 69 -38.88 -11.09 -39.51
CA SER K 69 -38.77 -9.85 -40.29
C SER K 69 -40.00 -9.54 -41.17
N SER K 70 -40.43 -10.50 -41.98
CA SER K 70 -41.46 -10.26 -43.00
C SER K 70 -42.85 -9.93 -42.45
N SER K 71 -43.26 -10.58 -41.37
CA SER K 71 -44.53 -10.23 -40.74
C SER K 71 -44.31 -9.14 -39.68
N ASN K 72 -43.06 -8.66 -39.56
CA ASN K 72 -42.68 -7.64 -38.59
C ASN K 72 -43.13 -7.99 -37.16
N SER K 73 -42.93 -9.25 -36.78
CA SER K 73 -43.41 -9.74 -35.49
C SER K 73 -42.38 -10.60 -34.79
N ALA K 74 -42.54 -10.72 -33.47
CA ALA K 74 -41.68 -11.54 -32.62
C ALA K 74 -42.51 -12.57 -31.86
N SER K 75 -41.87 -13.67 -31.50
CA SER K 75 -42.58 -14.80 -30.93
C SER K 75 -41.85 -15.42 -29.75
N LEU K 76 -42.63 -15.76 -28.73
CA LEU K 76 -42.18 -16.58 -27.63
C LEU K 76 -42.86 -17.93 -27.73
N THR K 77 -42.10 -19.00 -27.55
CA THR K 77 -42.66 -20.32 -27.66
C THR K 77 -42.21 -21.18 -26.46
N ILE K 78 -43.17 -21.89 -25.89
CA ILE K 78 -42.99 -22.66 -24.67
C ILE K 78 -43.32 -24.11 -24.97
N SER K 79 -42.28 -24.92 -25.21
CA SER K 79 -42.45 -26.35 -25.45
C SER K 79 -42.61 -27.08 -24.11
N GLY K 80 -43.17 -28.28 -24.14
CA GLY K 80 -43.39 -29.06 -22.91
C GLY K 80 -44.06 -28.22 -21.83
N LEU K 81 -45.26 -27.74 -22.15
CA LEU K 81 -46.00 -26.80 -21.31
C LEU K 81 -46.35 -27.38 -19.93
N LYS K 82 -46.11 -26.63 -18.86
CA LYS K 82 -46.43 -27.11 -17.51
C LYS K 82 -47.33 -26.14 -16.74
N THR K 83 -48.07 -26.69 -15.77
CA THR K 83 -49.05 -25.91 -15.03
C THR K 83 -48.46 -24.69 -14.29
N GLU K 84 -47.17 -24.72 -13.99
CA GLU K 84 -46.45 -23.57 -13.43
C GLU K 84 -46.09 -22.50 -14.47
N ASP K 85 -46.53 -22.68 -15.71
CA ASP K 85 -46.27 -21.66 -16.75
C ASP K 85 -47.43 -20.67 -16.83
N GLU K 86 -48.58 -21.07 -16.31
CA GLU K 86 -49.78 -20.26 -16.24
C GLU K 86 -49.46 -18.89 -15.67
N ALA K 87 -49.70 -17.84 -16.45
CA ALA K 87 -49.33 -16.46 -16.09
C ALA K 87 -49.69 -15.46 -17.20
N ASP K 88 -49.29 -14.20 -17.03
CA ASP K 88 -49.35 -13.19 -18.10
C ASP K 88 -47.95 -13.04 -18.75
N TYR K 89 -47.91 -12.68 -20.02
CA TYR K 89 -46.65 -12.55 -20.76
C TYR K 89 -46.65 -11.30 -21.61
N TYR K 90 -45.60 -10.52 -21.49
CA TYR K 90 -45.52 -9.25 -22.21
C TYR K 90 -44.31 -9.21 -23.11
N CYS K 91 -44.53 -8.84 -24.36
CA CYS K 91 -43.41 -8.53 -25.23
C CYS K 91 -43.14 -7.07 -25.10
N GLN K 92 -41.91 -6.70 -25.43
CA GLN K 92 -41.43 -5.37 -25.20
C GLN K 92 -40.32 -5.11 -26.20
N THR K 93 -40.36 -3.91 -26.78
CA THR K 93 -39.29 -3.40 -27.64
C THR K 93 -39.33 -1.87 -27.59
N TYR K 94 -38.59 -1.22 -28.47
CA TYR K 94 -38.34 0.21 -28.40
C TYR K 94 -37.99 0.77 -29.77
N ASP K 95 -37.70 2.08 -29.80
CA ASP K 95 -37.08 2.75 -30.94
C ASP K 95 -36.13 3.85 -30.38
N PRO K 96 -35.45 4.65 -31.25
CA PRO K 96 -34.49 5.63 -30.75
C PRO K 96 -35.02 6.56 -29.65
N TYR K 97 -36.33 6.60 -29.43
CA TYR K 97 -36.89 7.42 -28.35
C TYR K 97 -37.86 6.70 -27.39
N SER K 98 -38.83 5.95 -27.93
CA SER K 98 -39.85 5.29 -27.11
C SER K 98 -39.49 3.87 -26.78
N VAL K 99 -40.04 3.39 -25.66
CA VAL K 99 -40.08 1.97 -25.31
C VAL K 99 -41.55 1.59 -25.21
N VAL K 100 -41.92 0.45 -25.78
CA VAL K 100 -43.33 0.06 -25.89
C VAL K 100 -43.56 -1.39 -25.44
N PHE K 101 -44.56 -1.59 -24.60
CA PHE K 101 -44.96 -2.93 -24.15
C PHE K 101 -46.16 -3.33 -24.95
N GLY K 102 -46.34 -4.63 -25.17
CA GLY K 102 -47.59 -5.16 -25.69
C GLY K 102 -48.68 -5.14 -24.64
N GLY K 103 -49.90 -5.48 -25.05
CA GLY K 103 -51.06 -5.46 -24.15
C GLY K 103 -51.15 -6.66 -23.23
N GLY K 104 -50.16 -7.56 -23.28
CA GLY K 104 -50.17 -8.79 -22.48
C GLY K 104 -51.10 -9.90 -22.94
N THR K 105 -50.74 -11.11 -22.56
CA THR K 105 -51.42 -12.33 -22.97
C THR K 105 -51.55 -13.29 -21.78
N LYS K 106 -52.78 -13.65 -21.44
CA LYS K 106 -53.02 -14.58 -20.35
C LYS K 106 -52.91 -16.02 -20.84
N LEU K 107 -51.95 -16.77 -20.28
CA LEU K 107 -51.73 -18.15 -20.64
C LEU K 107 -52.45 -19.09 -19.69
N THR K 108 -53.27 -19.98 -20.26
CA THR K 108 -53.97 -20.99 -19.48
C THR K 108 -53.50 -22.37 -19.89
N VAL K 109 -53.37 -23.23 -18.87
CA VAL K 109 -53.03 -24.63 -19.03
C VAL K 109 -54.32 -25.43 -18.89
N LEU K 110 -54.72 -26.08 -19.97
CA LEU K 110 -55.99 -26.82 -20.01
C LEU K 110 -55.93 -28.08 -19.17
N GLY K 111 -57.09 -28.72 -19.01
CA GLY K 111 -57.21 -30.01 -18.33
C GLY K 111 -56.76 -30.02 -16.89
N GLN K 112 -56.85 -28.87 -16.21
CA GLN K 112 -56.61 -28.85 -14.79
C GLN K 112 -57.85 -29.34 -14.08
N PRO K 113 -57.66 -30.19 -13.03
CA PRO K 113 -58.79 -30.81 -12.34
C PRO K 113 -59.75 -29.79 -11.73
N LYS K 114 -61.04 -30.08 -11.85
CA LYS K 114 -62.09 -29.29 -11.23
C LYS K 114 -61.98 -29.42 -9.71
N ALA K 115 -62.33 -28.36 -8.99
CA ALA K 115 -62.23 -28.32 -7.53
C ALA K 115 -63.37 -27.52 -6.89
N ALA K 116 -63.96 -28.09 -5.84
CA ALA K 116 -65.00 -27.43 -5.07
C ALA K 116 -64.36 -26.38 -4.17
N PRO K 117 -65.07 -25.26 -3.91
CA PRO K 117 -64.52 -24.21 -3.04
C PRO K 117 -64.59 -24.54 -1.56
N SER K 118 -63.53 -24.21 -0.83
CA SER K 118 -63.53 -24.29 0.63
C SER K 118 -64.14 -23.00 1.15
N VAL K 119 -65.01 -23.12 2.15
CA VAL K 119 -65.69 -21.94 2.69
C VAL K 119 -65.58 -21.90 4.20
N THR K 120 -65.23 -20.73 4.74
CA THR K 120 -65.39 -20.49 6.18
C THR K 120 -66.11 -19.18 6.41
N LEU K 121 -67.10 -19.22 7.30
CA LEU K 121 -67.90 -18.05 7.62
C LEU K 121 -67.61 -17.61 9.07
N PHE K 122 -67.67 -16.31 9.31
CA PHE K 122 -67.50 -15.78 10.65
C PHE K 122 -68.63 -14.82 10.94
N PRO K 123 -69.22 -14.90 12.15
CA PRO K 123 -70.15 -13.87 12.61
C PRO K 123 -69.43 -12.51 12.75
N PRO K 124 -70.18 -11.42 13.04
CA PRO K 124 -69.45 -10.20 13.42
C PRO K 124 -68.76 -10.38 14.76
N SER K 125 -67.75 -9.57 15.04
CA SER K 125 -67.02 -9.64 16.30
C SER K 125 -67.83 -9.05 17.45
N SER K 126 -67.46 -9.43 18.68
CA SER K 126 -67.98 -8.77 19.90
C SER K 126 -67.70 -7.29 19.82
N GLU K 127 -66.54 -6.97 19.23
CA GLU K 127 -66.02 -5.62 19.13
C GLU K 127 -66.78 -4.78 18.11
N GLU K 128 -67.01 -5.35 16.93
CA GLU K 128 -67.76 -4.66 15.88
C GLU K 128 -69.18 -4.33 16.34
N LEU K 129 -69.81 -5.27 17.04
CA LEU K 129 -71.15 -5.05 17.62
C LEU K 129 -71.18 -3.87 18.60
N GLN K 130 -70.16 -3.77 19.45
CA GLN K 130 -70.01 -2.64 20.39
C GLN K 130 -69.91 -1.29 19.68
N ALA K 131 -69.44 -1.34 18.42
CA ALA K 131 -69.33 -0.17 17.54
C ALA K 131 -70.62 0.14 16.76
N ASN K 132 -71.68 -0.63 17.04
CA ASN K 132 -72.99 -0.50 16.35
C ASN K 132 -72.94 -0.89 14.87
N LYS K 133 -72.02 -1.81 14.53
CA LYS K 133 -71.86 -2.30 13.16
C LYS K 133 -71.75 -3.82 13.12
N ALA K 134 -72.15 -4.43 12.01
CA ALA K 134 -72.05 -5.88 11.82
C ALA K 134 -71.62 -6.23 10.41
N THR K 135 -70.61 -7.11 10.33
CA THR K 135 -70.14 -7.67 9.07
C THR K 135 -69.94 -9.18 9.20
N LEU K 136 -70.59 -9.91 8.31
CA LEU K 136 -70.43 -11.35 8.17
C LEU K 136 -69.38 -11.59 7.09
N VAL K 137 -68.44 -12.48 7.36
CA VAL K 137 -67.31 -12.65 6.46
C VAL K 137 -67.26 -14.05 5.88
N CYS K 138 -67.51 -14.13 4.58
CA CYS K 138 -67.51 -15.41 3.86
C CYS K 138 -66.27 -15.53 2.98
N LEU K 139 -65.36 -16.42 3.36
CA LEU K 139 -64.12 -16.58 2.64
C LEU K 139 -64.11 -17.88 1.86
N ILE K 140 -63.84 -17.75 0.55
CA ILE K 140 -63.94 -18.85 -0.40
C ILE K 140 -62.59 -19.09 -1.07
N SER K 141 -62.03 -20.27 -0.89
CA SER K 141 -60.70 -20.58 -1.46
C SER K 141 -60.61 -21.92 -2.18
N ASP K 142 -59.62 -22.02 -3.07
CA ASP K 142 -59.20 -23.28 -3.69
C ASP K 142 -60.13 -23.85 -4.77
N PHE K 143 -61.04 -23.03 -5.30
CA PHE K 143 -61.92 -23.51 -6.37
C PHE K 143 -61.27 -23.44 -7.75
N TYR K 144 -61.77 -24.28 -8.68
CA TYR K 144 -61.32 -24.29 -10.08
C TYR K 144 -62.39 -24.90 -11.01
N PRO K 145 -62.69 -24.22 -12.16
CA PRO K 145 -62.10 -22.97 -12.65
C PRO K 145 -62.69 -21.75 -11.94
N GLY K 146 -62.04 -20.59 -12.14
CA GLY K 146 -62.31 -19.38 -11.35
C GLY K 146 -63.58 -18.65 -11.66
N ALA K 147 -64.72 -19.26 -11.31
CA ALA K 147 -66.03 -18.62 -11.37
C ALA K 147 -66.91 -19.18 -10.25
N VAL K 148 -67.59 -18.28 -9.54
CA VAL K 148 -68.29 -18.61 -8.31
C VAL K 148 -69.52 -17.70 -8.14
N THR K 149 -70.61 -18.27 -7.63
CA THR K 149 -71.83 -17.52 -7.33
C THR K 149 -72.04 -17.52 -5.82
N VAL K 150 -72.26 -16.35 -5.25
CA VAL K 150 -72.53 -16.22 -3.82
C VAL K 150 -73.97 -15.77 -3.61
N ALA K 151 -74.63 -16.35 -2.62
CA ALA K 151 -75.96 -15.90 -2.19
C ALA K 151 -76.07 -16.03 -0.67
N TRP K 152 -76.63 -15.00 -0.05
CA TRP K 152 -76.79 -14.98 1.39
C TRP K 152 -78.24 -15.25 1.79
N LYS K 153 -78.44 -15.90 2.93
CA LYS K 153 -79.77 -16.17 3.46
C LYS K 153 -79.98 -15.60 4.85
N ALA K 154 -81.02 -14.79 4.98
CA ALA K 154 -81.55 -14.34 6.26
C ALA K 154 -82.57 -15.37 6.73
N ASP K 155 -82.18 -16.19 7.71
CA ASP K 155 -82.90 -17.43 8.06
C ASP K 155 -83.00 -18.33 6.82
N SER K 156 -84.15 -18.31 6.17
CA SER K 156 -84.39 -19.06 4.93
C SER K 156 -84.59 -18.12 3.73
N SER K 157 -84.88 -16.85 4.01
CA SER K 157 -85.18 -15.84 2.98
C SER K 157 -83.91 -15.27 2.33
N PRO K 158 -83.91 -15.13 0.98
CA PRO K 158 -82.78 -14.49 0.30
C PRO K 158 -82.67 -13.01 0.64
N VAL K 159 -81.47 -12.47 0.57
CA VAL K 159 -81.27 -11.02 0.79
C VAL K 159 -80.19 -10.47 -0.16
N LYS K 160 -80.56 -9.40 -0.88
CA LYS K 160 -79.64 -8.72 -1.80
C LYS K 160 -78.95 -7.55 -1.10
N ALA K 161 -79.66 -6.93 -0.15
CA ALA K 161 -79.20 -5.73 0.55
C ALA K 161 -77.88 -5.92 1.31
N GLY K 162 -76.90 -5.11 0.95
CA GLY K 162 -75.62 -5.06 1.68
C GLY K 162 -74.63 -6.18 1.39
N VAL K 163 -74.66 -6.73 0.18
CA VAL K 163 -73.62 -7.70 -0.21
C VAL K 163 -72.55 -7.10 -1.15
N GLU K 164 -71.30 -7.26 -0.75
CA GLU K 164 -70.13 -6.89 -1.55
C GLU K 164 -69.32 -8.16 -1.80
N THR K 165 -69.20 -8.53 -3.08
CA THR K 165 -68.41 -9.71 -3.45
C THR K 165 -67.28 -9.33 -4.39
N THR K 166 -66.08 -9.80 -4.07
CA THR K 166 -64.92 -9.54 -4.90
C THR K 166 -65.04 -10.33 -6.20
N THR K 167 -64.35 -9.85 -7.23
CA THR K 167 -64.09 -10.65 -8.42
C THR K 167 -63.13 -11.78 -7.98
N PRO K 168 -63.26 -12.98 -8.58
CA PRO K 168 -62.34 -14.06 -8.17
C PRO K 168 -60.90 -13.70 -8.52
N SER K 169 -59.93 -14.28 -7.81
CA SER K 169 -58.53 -14.03 -8.13
C SER K 169 -57.63 -15.26 -8.00
N LYS K 170 -56.65 -15.35 -8.89
CA LYS K 170 -55.79 -16.51 -9.00
C LYS K 170 -54.80 -16.64 -7.83
N GLN K 171 -54.78 -17.82 -7.21
CA GLN K 171 -53.78 -18.15 -6.20
C GLN K 171 -52.49 -18.65 -6.85
N SER K 172 -51.38 -18.61 -6.11
CA SER K 172 -50.09 -19.04 -6.66
C SER K 172 -49.98 -20.57 -6.79
N ASN K 173 -51.08 -21.27 -6.49
CA ASN K 173 -51.23 -22.69 -6.79
C ASN K 173 -52.03 -22.93 -8.09
N ASN K 174 -52.65 -21.85 -8.59
CA ASN K 174 -53.42 -21.82 -9.86
C ASN K 174 -54.95 -21.90 -9.67
N LYS K 175 -55.38 -22.25 -8.44
CA LYS K 175 -56.80 -22.18 -8.07
C LYS K 175 -57.17 -20.73 -7.73
N TYR K 176 -58.35 -20.55 -7.16
CA TYR K 176 -58.92 -19.22 -7.04
C TYR K 176 -59.44 -18.86 -5.66
N ALA K 177 -59.37 -17.57 -5.35
CA ALA K 177 -59.91 -17.02 -4.12
C ALA K 177 -60.98 -15.95 -4.40
N ALA K 178 -62.01 -15.92 -3.54
CA ALA K 178 -63.00 -14.84 -3.49
C ALA K 178 -63.53 -14.68 -2.06
N SER K 179 -64.01 -13.47 -1.76
CA SER K 179 -64.62 -13.19 -0.48
C SER K 179 -65.92 -12.44 -0.68
N SER K 180 -66.84 -12.64 0.26
CA SER K 180 -68.10 -11.90 0.26
C SER K 180 -68.42 -11.36 1.65
N TYR K 181 -68.81 -10.09 1.70
CA TYR K 181 -69.19 -9.45 2.96
C TYR K 181 -70.66 -9.08 2.95
N LEU K 182 -71.33 -9.33 4.06
CA LEU K 182 -72.70 -8.88 4.26
C LEU K 182 -72.73 -7.89 5.42
N SER K 183 -73.18 -6.68 5.13
CA SER K 183 -73.30 -5.65 6.16
C SER K 183 -74.71 -5.67 6.72
N LEU K 184 -74.79 -5.78 8.04
CA LEU K 184 -76.04 -5.80 8.78
C LEU K 184 -75.96 -4.77 9.90
N THR K 185 -77.12 -4.35 10.39
CA THR K 185 -77.21 -3.61 11.65
C THR K 185 -77.12 -4.62 12.80
N PRO K 186 -76.87 -4.14 14.04
CA PRO K 186 -76.93 -5.01 15.22
C PRO K 186 -78.31 -5.65 15.46
N GLU K 187 -79.36 -4.99 14.96
CA GLU K 187 -80.73 -5.49 15.08
C GLU K 187 -81.05 -6.57 14.04
N GLN K 188 -80.45 -6.47 12.85
CA GLN K 188 -80.68 -7.45 11.78
C GLN K 188 -80.02 -8.79 12.11
N TRP K 189 -78.82 -8.71 12.68
CA TRP K 189 -78.08 -9.88 13.12
C TRP K 189 -78.82 -10.63 14.22
N LYS K 190 -79.32 -9.89 15.21
CA LYS K 190 -79.96 -10.47 16.39
C LYS K 190 -81.46 -10.75 16.19
N SER K 191 -82.04 -10.12 15.17
CA SER K 191 -83.45 -10.34 14.81
C SER K 191 -83.67 -11.78 14.35
N HIS K 192 -82.79 -12.25 13.45
CA HIS K 192 -82.92 -13.58 12.86
C HIS K 192 -82.20 -14.66 13.67
N ARG K 193 -82.65 -15.90 13.52
CA ARG K 193 -82.07 -17.05 14.21
C ARG K 193 -80.78 -17.50 13.52
N SER K 194 -80.66 -17.22 12.23
CA SER K 194 -79.55 -17.75 11.41
C SER K 194 -79.20 -16.91 10.18
N TYR K 195 -77.92 -16.96 9.83
CA TYR K 195 -77.40 -16.39 8.59
C TYR K 195 -76.48 -17.38 7.86
N SER K 196 -76.64 -17.48 6.54
CA SER K 196 -75.92 -18.47 5.73
C SER K 196 -75.23 -17.84 4.51
N CYS K 197 -74.01 -18.28 4.23
CA CYS K 197 -73.34 -18.01 2.97
C CYS K 197 -73.61 -19.23 2.09
N GLN K 198 -73.89 -19.01 0.81
CA GLN K 198 -74.11 -20.12 -0.13
C GLN K 198 -73.24 -19.92 -1.36
N VAL K 199 -72.28 -20.80 -1.58
CA VAL K 199 -71.37 -20.63 -2.71
C VAL K 199 -71.51 -21.75 -3.74
N THR K 200 -72.04 -21.38 -4.90
CA THR K 200 -72.28 -22.32 -5.99
C THR K 200 -71.12 -22.27 -6.97
N HIS K 201 -70.54 -23.44 -7.21
CA HIS K 201 -69.48 -23.61 -8.20
C HIS K 201 -69.77 -24.81 -9.12
N GLU K 202 -69.76 -24.54 -10.43
CA GLU K 202 -70.10 -25.52 -11.49
C GLU K 202 -71.47 -26.22 -11.39
N GLY K 203 -72.10 -26.16 -10.23
CA GLY K 203 -73.38 -26.84 -9.99
C GLY K 203 -73.50 -27.41 -8.58
N SER K 204 -72.35 -27.64 -7.95
CA SER K 204 -72.28 -28.02 -6.54
C SER K 204 -72.42 -26.77 -5.67
N THR K 205 -73.23 -26.86 -4.62
CA THR K 205 -73.41 -25.74 -3.70
C THR K 205 -72.97 -26.11 -2.28
N VAL K 206 -71.97 -25.41 -1.79
CA VAL K 206 -71.49 -25.62 -0.42
C VAL K 206 -71.88 -24.42 0.46
N GLU K 207 -72.38 -24.71 1.66
CA GLU K 207 -73.13 -23.76 2.48
C GLU K 207 -72.76 -23.85 3.97
N LYS K 208 -72.19 -22.78 4.50
CA LYS K 208 -71.83 -22.71 5.93
C LYS K 208 -72.78 -21.75 6.63
N THR K 209 -73.11 -22.04 7.88
CA THR K 209 -74.10 -21.23 8.59
C THR K 209 -73.55 -20.63 9.87
N VAL K 210 -74.00 -19.41 10.18
CA VAL K 210 -73.70 -18.73 11.47
C VAL K 210 -74.97 -18.19 12.14
N ALA K 211 -74.95 -18.15 13.48
CA ALA K 211 -76.07 -17.69 14.29
C ALA K 211 -75.59 -16.86 15.50
N PRO K 212 -76.34 -15.81 15.89
CA PRO K 212 -75.91 -15.02 17.06
C PRO K 212 -75.88 -15.88 18.32
N THR K 213 -74.81 -15.75 19.09
CA THR K 213 -74.63 -16.51 20.33
C THR K 213 -75.60 -16.02 21.41
N PHE L 2 -1.29 -17.42 -45.21
CA PHE L 2 -2.22 -17.39 -46.40
C PHE L 2 -1.67 -16.60 -47.57
N MET L 3 -2.18 -16.86 -48.77
CA MET L 3 -1.73 -16.12 -49.94
C MET L 3 -2.89 -15.56 -50.75
N LEU L 4 -2.60 -14.57 -51.58
CA LEU L 4 -3.65 -13.91 -52.36
C LEU L 4 -3.33 -14.02 -53.84
N THR L 5 -4.23 -14.65 -54.61
CA THR L 5 -3.96 -14.91 -56.02
C THR L 5 -4.82 -14.04 -56.90
N GLN L 6 -4.15 -13.33 -57.80
CA GLN L 6 -4.82 -12.57 -58.85
C GLN L 6 -4.18 -12.89 -60.20
N PRO L 7 -4.91 -12.63 -61.30
CA PRO L 7 -4.31 -12.96 -62.59
C PRO L 7 -3.15 -12.01 -62.94
N HIS L 8 -2.24 -12.44 -63.80
CA HIS L 8 -1.09 -11.62 -64.17
C HIS L 8 -1.47 -10.45 -65.06
N SER L 9 -2.26 -10.74 -66.09
CA SER L 9 -2.84 -9.69 -66.90
C SER L 9 -4.31 -9.91 -67.12
N VAL L 10 -4.97 -8.83 -67.53
CA VAL L 10 -6.40 -8.76 -67.79
C VAL L 10 -6.56 -7.74 -68.93
N SER L 11 -7.30 -8.11 -69.96
CA SER L 11 -7.42 -7.31 -71.18
C SER L 11 -8.85 -7.01 -71.58
N GLU L 12 -9.11 -5.78 -72.00
CA GLU L 12 -10.42 -5.41 -72.53
C GLU L 12 -10.31 -4.09 -73.31
N SER L 13 -11.28 -3.78 -74.16
CA SER L 13 -11.22 -2.56 -75.00
C SER L 13 -12.06 -1.40 -74.45
N PRO L 14 -11.80 -0.16 -74.91
CA PRO L 14 -12.38 1.03 -74.25
C PRO L 14 -13.90 0.98 -74.15
N GLY L 15 -14.44 1.41 -73.01
CA GLY L 15 -15.88 1.51 -72.84
C GLY L 15 -16.56 0.26 -72.29
N LYS L 16 -15.84 -0.87 -72.30
CA LYS L 16 -16.38 -2.11 -71.75
C LYS L 16 -16.11 -2.25 -70.24
N THR L 17 -16.39 -3.44 -69.71
CA THR L 17 -16.25 -3.74 -68.28
C THR L 17 -15.24 -4.89 -68.06
N VAL L 18 -14.29 -4.69 -67.16
CA VAL L 18 -13.26 -5.68 -66.87
C VAL L 18 -13.31 -5.96 -65.38
N THR L 19 -13.10 -7.22 -64.99
CA THR L 19 -13.09 -7.54 -63.58
C THR L 19 -11.82 -8.28 -63.18
N ILE L 20 -11.18 -7.77 -62.13
CA ILE L 20 -9.93 -8.33 -61.59
C ILE L 20 -10.26 -9.02 -60.26
N SER L 21 -9.87 -10.29 -60.16
CA SER L 21 -10.26 -11.13 -59.04
C SER L 21 -9.09 -11.35 -58.08
N CYS L 22 -9.39 -11.62 -56.82
CA CYS L 22 -8.38 -11.77 -55.78
C CYS L 22 -8.80 -12.93 -54.89
N THR L 23 -8.06 -14.02 -54.93
CA THR L 23 -8.48 -15.23 -54.25
C THR L 23 -7.63 -15.55 -53.04
N ARG L 24 -8.26 -15.81 -51.90
CA ARG L 24 -7.56 -16.11 -50.66
C ARG L 24 -7.42 -17.62 -50.43
N SER L 25 -6.18 -18.07 -50.22
CA SER L 25 -5.88 -19.51 -50.12
C SER L 25 -6.21 -20.16 -48.78
N SER L 26 -6.47 -19.36 -47.75
CA SER L 26 -6.70 -19.88 -46.41
C SER L 26 -7.20 -18.75 -45.49
N GLY L 27 -7.94 -19.12 -44.43
CA GLY L 27 -8.71 -18.14 -43.63
C GLY L 27 -9.96 -17.66 -44.37
N SER L 28 -10.89 -17.04 -43.65
CA SER L 28 -12.09 -16.47 -44.28
C SER L 28 -11.89 -15.06 -44.80
N LEU L 29 -12.04 -14.88 -46.11
CA LEU L 29 -11.95 -13.55 -46.73
C LEU L 29 -12.85 -12.56 -46.01
N ALA L 30 -14.08 -12.99 -45.75
CA ALA L 30 -15.13 -12.13 -45.21
C ALA L 30 -14.91 -11.72 -43.76
N ASN L 31 -13.82 -12.18 -43.15
CA ASN L 31 -13.48 -11.72 -41.82
C ASN L 31 -12.53 -10.52 -41.82
N TYR L 32 -11.93 -10.21 -42.98
CA TYR L 32 -10.94 -9.13 -43.06
C TYR L 32 -11.13 -8.27 -44.28
N TYR L 33 -11.15 -6.96 -44.11
CA TYR L 33 -11.39 -6.03 -45.24
C TYR L 33 -10.39 -6.21 -46.39
N VAL L 34 -10.87 -5.99 -47.61
CA VAL L 34 -10.00 -6.05 -48.78
C VAL L 34 -9.73 -4.66 -49.41
N GLN L 35 -8.46 -4.32 -49.58
CA GLN L 35 -8.05 -3.07 -50.25
C GLN L 35 -7.59 -3.29 -51.69
N TRP L 36 -7.82 -2.30 -52.54
CA TRP L 36 -7.29 -2.30 -53.90
C TRP L 36 -6.42 -1.07 -54.17
N TYR L 37 -5.24 -1.29 -54.76
CA TYR L 37 -4.28 -0.23 -55.12
C TYR L 37 -3.96 -0.18 -56.59
N GLN L 38 -3.78 1.03 -57.10
CA GLN L 38 -3.30 1.26 -58.46
C GLN L 38 -1.86 1.74 -58.37
N GLN L 39 -1.03 1.28 -59.31
CA GLN L 39 0.34 1.75 -59.38
C GLN L 39 0.74 1.98 -60.82
N ARG L 40 1.04 3.23 -61.14
CA ARG L 40 1.48 3.61 -62.48
C ARG L 40 2.99 3.60 -62.46
N PRO L 41 3.62 3.17 -63.58
CA PRO L 41 5.09 3.12 -63.75
C PRO L 41 5.81 4.30 -63.11
N GLY L 42 6.64 4.03 -62.11
CA GLY L 42 7.41 5.07 -61.43
C GLY L 42 6.71 5.78 -60.26
N SER L 43 5.55 5.29 -59.83
CA SER L 43 4.77 6.03 -58.83
C SER L 43 4.42 5.20 -57.61
N SER L 44 4.25 5.88 -56.49
CA SER L 44 3.68 5.27 -55.32
C SER L 44 2.37 4.56 -55.67
N PRO L 45 2.01 3.50 -54.92
CA PRO L 45 0.68 2.98 -55.08
C PRO L 45 -0.34 4.02 -54.64
N THR L 46 -1.49 3.98 -55.27
CA THR L 46 -2.57 4.92 -55.02
C THR L 46 -3.71 4.07 -54.55
N ILE L 47 -4.55 4.61 -53.66
CA ILE L 47 -5.70 3.81 -53.24
C ILE L 47 -6.89 3.95 -54.24
N VAL L 48 -7.45 2.81 -54.62
CA VAL L 48 -8.63 2.73 -55.48
C VAL L 48 -9.87 2.37 -54.66
N ILE L 49 -9.74 1.35 -53.83
CA ILE L 49 -10.83 0.84 -53.01
C ILE L 49 -10.31 0.39 -51.65
N PHE L 50 -11.05 0.75 -50.60
CA PHE L 50 -10.70 0.29 -49.29
C PHE L 50 -11.89 -0.29 -48.53
N ALA L 51 -11.58 -1.17 -47.59
CA ALA L 51 -12.59 -1.86 -46.79
C ALA L 51 -13.72 -2.41 -47.67
N ASN L 52 -13.34 -3.18 -48.69
CA ASN L 52 -14.30 -3.83 -49.61
C ASN L 52 -14.89 -2.94 -50.73
N ASN L 53 -15.70 -1.95 -50.36
CA ASN L 53 -16.42 -1.15 -51.36
C ASN L 53 -16.17 0.33 -51.29
N GLN L 54 -15.37 0.77 -50.33
CA GLN L 54 -15.25 2.20 -50.07
C GLN L 54 -14.38 2.84 -51.11
N ARG L 55 -14.93 3.88 -51.72
CA ARG L 55 -14.27 4.63 -52.76
C ARG L 55 -13.88 5.97 -52.17
N PRO L 56 -12.57 6.27 -52.15
CA PRO L 56 -12.16 7.61 -51.73
C PRO L 56 -12.61 8.68 -52.72
N SER L 57 -12.83 9.88 -52.19
CA SER L 57 -13.07 11.06 -53.02
C SER L 57 -11.93 11.18 -54.03
N GLY L 58 -12.27 11.51 -55.27
CA GLY L 58 -11.24 11.69 -56.30
C GLY L 58 -11.09 10.50 -57.23
N VAL L 59 -11.55 9.34 -56.78
CA VAL L 59 -11.61 8.14 -57.62
C VAL L 59 -12.98 8.02 -58.30
N PRO L 60 -12.99 7.84 -59.63
CA PRO L 60 -14.25 7.75 -60.40
C PRO L 60 -15.10 6.57 -59.95
N ASP L 61 -16.42 6.71 -59.99
CA ASP L 61 -17.36 5.66 -59.56
C ASP L 61 -17.46 4.47 -60.53
N ARG L 62 -16.75 4.57 -61.66
CA ARG L 62 -16.47 3.44 -62.54
C ARG L 62 -15.74 2.30 -61.81
N PHE L 63 -14.92 2.65 -60.82
CA PHE L 63 -14.23 1.68 -59.96
C PHE L 63 -15.12 1.21 -58.81
N SER L 64 -15.24 -0.11 -58.64
CA SER L 64 -15.99 -0.66 -57.51
C SER L 64 -15.51 -2.05 -57.10
N GLY L 65 -15.71 -2.36 -55.83
CA GLY L 65 -15.20 -3.58 -55.25
C GLY L 65 -16.34 -4.35 -54.65
N SER L 66 -16.22 -5.66 -54.66
CA SER L 66 -17.23 -6.52 -54.03
C SER L 66 -16.50 -7.67 -53.40
N ILE L 67 -17.20 -8.45 -52.59
CA ILE L 67 -16.62 -9.68 -52.06
C ILE L 67 -17.56 -10.83 -52.27
N ASP L 68 -16.99 -12.02 -52.40
CA ASP L 68 -17.77 -13.22 -52.54
C ASP L 68 -17.34 -14.22 -51.46
N SER L 69 -18.08 -14.27 -50.37
CA SER L 69 -17.65 -15.05 -49.23
C SER L 69 -17.49 -16.55 -49.54
N SER L 70 -18.45 -17.12 -50.26
CA SER L 70 -18.41 -18.55 -50.66
C SER L 70 -17.20 -18.95 -51.54
N SER L 71 -16.85 -18.11 -52.51
CA SER L 71 -15.69 -18.39 -53.35
C SER L 71 -14.39 -17.94 -52.70
N ASN L 72 -14.49 -17.30 -51.53
CA ASN L 72 -13.35 -16.76 -50.79
C ASN L 72 -12.48 -15.83 -51.64
N SER L 73 -13.12 -15.10 -52.54
CA SER L 73 -12.42 -14.17 -53.37
C SER L 73 -13.06 -12.79 -53.30
N ALA L 74 -12.34 -11.81 -53.83
CA ALA L 74 -12.77 -10.44 -53.87
C ALA L 74 -12.54 -10.00 -55.30
N SER L 75 -13.38 -9.10 -55.81
CA SER L 75 -13.15 -8.60 -57.14
C SER L 75 -13.20 -7.07 -57.26
N LEU L 76 -12.41 -6.54 -58.20
CA LEU L 76 -12.44 -5.13 -58.50
C LEU L 76 -13.02 -4.98 -59.88
N THR L 77 -14.10 -4.22 -59.99
CA THR L 77 -14.70 -3.98 -61.29
C THR L 77 -14.40 -2.57 -61.80
N ILE L 78 -14.00 -2.52 -63.06
CA ILE L 78 -13.84 -1.28 -63.79
C ILE L 78 -14.82 -1.31 -64.95
N SER L 79 -15.76 -0.38 -64.94
CA SER L 79 -16.71 -0.23 -66.04
C SER L 79 -16.31 1.04 -66.81
N GLY L 80 -16.88 1.22 -68.01
CA GLY L 80 -16.52 2.35 -68.86
C GLY L 80 -15.00 2.48 -69.03
N LEU L 81 -14.36 1.35 -69.33
CA LEU L 81 -12.90 1.24 -69.44
C LEU L 81 -12.25 2.38 -70.23
N LYS L 82 -11.15 2.92 -69.70
CA LYS L 82 -10.41 3.98 -70.38
C LYS L 82 -8.92 3.64 -70.56
N THR L 83 -8.35 4.16 -71.64
CA THR L 83 -6.92 4.13 -71.88
C THR L 83 -6.09 4.50 -70.63
N GLU L 84 -6.58 5.51 -69.90
CA GLU L 84 -5.91 6.03 -68.72
C GLU L 84 -5.98 5.08 -67.55
N ASP L 85 -6.74 4.00 -67.70
CA ASP L 85 -6.86 3.00 -66.64
C ASP L 85 -5.72 1.98 -66.67
N GLU L 86 -4.95 1.97 -67.76
CA GLU L 86 -3.81 1.07 -67.86
C GLU L 86 -2.84 1.28 -66.69
N ALA L 87 -2.51 0.19 -65.99
CA ALA L 87 -1.69 0.21 -64.76
C ALA L 87 -1.60 -1.17 -64.10
N ASP L 88 -0.80 -1.26 -63.03
CA ASP L 88 -0.79 -2.45 -62.18
C ASP L 88 -1.79 -2.25 -61.05
N TYR L 89 -2.50 -3.32 -60.70
CA TYR L 89 -3.45 -3.31 -59.58
C TYR L 89 -3.15 -4.43 -58.61
N TYR L 90 -3.20 -4.12 -57.31
CA TYR L 90 -2.93 -5.10 -56.26
C TYR L 90 -4.10 -5.16 -55.28
N CYS L 91 -4.57 -6.35 -54.96
CA CYS L 91 -5.47 -6.42 -53.81
C CYS L 91 -4.61 -6.62 -52.56
N GLN L 92 -5.20 -6.40 -51.40
CA GLN L 92 -4.48 -6.54 -50.16
C GLN L 92 -5.48 -6.82 -49.07
N THR L 93 -5.07 -7.64 -48.12
CA THR L 93 -5.91 -8.00 -46.97
C THR L 93 -4.98 -8.52 -45.85
N TYR L 94 -5.55 -9.11 -44.80
CA TYR L 94 -4.80 -9.37 -43.59
C TYR L 94 -5.44 -10.48 -42.76
N ASP L 95 -4.80 -10.78 -41.63
CA ASP L 95 -5.39 -11.60 -40.58
C ASP L 95 -4.97 -10.95 -39.25
N PRO L 96 -5.25 -11.58 -38.09
CA PRO L 96 -4.99 -10.80 -36.87
C PRO L 96 -3.53 -10.36 -36.72
N TYR L 97 -2.61 -10.93 -37.52
CA TYR L 97 -1.19 -10.62 -37.44
C TYR L 97 -0.58 -10.16 -38.78
N SER L 98 -0.58 -11.04 -39.78
CA SER L 98 -0.04 -10.74 -41.11
C SER L 98 -0.87 -9.79 -41.97
N VAL L 99 -0.16 -9.03 -42.81
CA VAL L 99 -0.79 -8.28 -43.88
C VAL L 99 -0.22 -8.89 -45.16
N VAL L 100 -1.03 -9.06 -46.19
CA VAL L 100 -0.57 -9.72 -47.41
C VAL L 100 -1.02 -8.96 -48.66
N PHE L 101 -0.12 -8.84 -49.62
CA PHE L 101 -0.50 -8.35 -50.96
C PHE L 101 -0.70 -9.49 -51.97
N GLY L 102 -1.58 -9.28 -52.95
CA GLY L 102 -1.62 -10.14 -54.12
C GLY L 102 -0.42 -9.82 -55.02
N GLY L 103 -0.18 -10.66 -56.04
CA GLY L 103 0.99 -10.53 -56.91
C GLY L 103 0.85 -9.47 -58.00
N GLY L 104 -0.33 -8.88 -58.11
CA GLY L 104 -0.54 -7.77 -59.02
C GLY L 104 -1.06 -8.19 -60.37
N THR L 105 -2.03 -7.44 -60.88
CA THR L 105 -2.51 -7.65 -62.24
C THR L 105 -2.10 -6.47 -63.14
N LYS L 106 -1.59 -6.76 -64.34
CA LYS L 106 -1.40 -5.72 -65.35
C LYS L 106 -2.68 -5.55 -66.18
N LEU L 107 -3.25 -4.36 -66.15
CA LEU L 107 -4.44 -4.07 -66.94
C LEU L 107 -4.14 -3.47 -68.32
N THR L 108 -4.38 -4.24 -69.38
CA THR L 108 -4.17 -3.79 -70.78
C THR L 108 -5.49 -3.38 -71.44
N VAL L 109 -5.51 -2.18 -72.02
CA VAL L 109 -6.66 -1.72 -72.82
C VAL L 109 -6.38 -1.95 -74.31
N LEU L 110 -7.18 -2.84 -74.91
CA LEU L 110 -6.93 -3.29 -76.29
C LEU L 110 -7.33 -2.29 -77.36
N GLY L 111 -6.94 -2.57 -78.59
CA GLY L 111 -7.29 -1.71 -79.72
C GLY L 111 -6.72 -0.32 -79.50
N GLN L 112 -5.41 -0.25 -79.35
CA GLN L 112 -4.73 1.00 -79.14
C GLN L 112 -3.81 1.19 -80.35
N PRO L 113 -3.80 2.40 -80.94
CA PRO L 113 -3.07 2.61 -82.19
C PRO L 113 -1.57 2.37 -82.02
N LYS L 114 -1.05 1.43 -82.80
CA LYS L 114 0.31 0.97 -82.65
C LYS L 114 1.22 1.73 -83.57
N ALA L 115 2.15 2.47 -82.97
CA ALA L 115 3.02 3.38 -83.72
C ALA L 115 4.50 2.96 -83.74
N ALA L 116 5.23 3.48 -84.71
CA ALA L 116 6.62 3.11 -84.93
C ALA L 116 7.58 3.96 -84.09
N PRO L 117 8.76 3.40 -83.74
CA PRO L 117 9.72 4.12 -82.89
C PRO L 117 10.44 5.25 -83.59
N SER L 118 10.41 6.42 -82.97
CA SER L 118 11.38 7.46 -83.28
C SER L 118 12.71 6.98 -82.73
N VAL L 119 13.74 7.08 -83.56
CA VAL L 119 15.07 6.74 -83.15
C VAL L 119 15.98 7.94 -83.32
N THR L 120 16.79 8.19 -82.31
CA THR L 120 17.93 9.08 -82.48
C THR L 120 19.24 8.43 -81.98
N LEU L 121 20.25 8.47 -82.82
CA LEU L 121 21.55 7.88 -82.53
C LEU L 121 22.61 8.96 -82.36
N PHE L 122 23.36 8.90 -81.26
CA PHE L 122 24.48 9.81 -81.06
C PHE L 122 25.84 9.10 -81.17
N PRO L 123 26.79 9.74 -81.89
CA PRO L 123 28.16 9.26 -81.91
C PRO L 123 28.82 9.47 -80.54
N PRO L 124 29.99 8.87 -80.32
CA PRO L 124 30.72 9.16 -79.09
C PRO L 124 31.19 10.60 -79.12
N SER L 125 31.36 11.20 -77.95
CA SER L 125 31.78 12.58 -77.89
C SER L 125 33.29 12.67 -77.95
N SER L 126 33.78 13.84 -78.33
CA SER L 126 35.19 14.15 -78.21
C SER L 126 35.67 13.84 -76.80
N GLU L 127 34.91 14.30 -75.81
CA GLU L 127 35.24 14.15 -74.39
C GLU L 127 35.45 12.69 -73.97
N GLU L 128 34.59 11.81 -74.46
CA GLU L 128 34.72 10.39 -74.18
C GLU L 128 35.92 9.82 -74.93
N LEU L 129 36.09 10.21 -76.18
CA LEU L 129 37.28 9.82 -76.92
C LEU L 129 38.59 10.23 -76.23
N GLN L 130 38.60 11.40 -75.59
CA GLN L 130 39.72 11.87 -74.80
C GLN L 130 40.00 11.02 -73.55
N ALA L 131 39.02 10.25 -73.11
CA ALA L 131 39.23 9.33 -71.99
C ALA L 131 39.38 7.84 -72.42
N ASN L 132 39.86 7.62 -73.65
CA ASN L 132 40.02 6.25 -74.22
C ASN L 132 38.78 5.36 -74.19
N LYS L 133 37.61 5.98 -74.34
CA LYS L 133 36.34 5.23 -74.41
C LYS L 133 35.48 5.73 -75.56
N ALA L 134 34.58 4.88 -76.06
CA ALA L 134 33.59 5.29 -77.07
C ALA L 134 32.26 4.57 -76.84
N THR L 135 31.18 5.34 -76.70
CA THR L 135 29.86 4.78 -76.61
C THR L 135 28.94 5.38 -77.68
N LEU L 136 28.30 4.53 -78.49
CA LEU L 136 27.18 5.00 -79.30
C LEU L 136 25.90 4.88 -78.48
N VAL L 137 25.06 5.91 -78.54
CA VAL L 137 23.84 5.94 -77.73
C VAL L 137 22.65 5.98 -78.67
N CYS L 138 21.79 4.97 -78.59
CA CYS L 138 20.63 4.88 -79.48
C CYS L 138 19.37 5.06 -78.66
N LEU L 139 18.64 6.14 -78.87
CA LEU L 139 17.45 6.40 -78.07
C LEU L 139 16.17 6.17 -78.87
N ILE L 140 15.30 5.34 -78.31
CA ILE L 140 14.11 4.82 -79.00
C ILE L 140 12.89 5.17 -78.17
N SER L 141 11.98 5.91 -78.77
CA SER L 141 10.85 6.41 -78.03
C SER L 141 9.54 6.36 -78.82
N ASP L 142 8.43 6.45 -78.08
CA ASP L 142 7.07 6.59 -78.64
C ASP L 142 6.61 5.45 -79.55
N PHE L 143 6.90 4.21 -79.16
CA PHE L 143 6.44 3.06 -79.95
C PHE L 143 5.41 2.21 -79.20
N TYR L 144 4.52 1.57 -79.95
CA TYR L 144 3.52 0.70 -79.37
C TYR L 144 3.19 -0.46 -80.31
N PRO L 145 3.04 -1.70 -79.78
CA PRO L 145 3.22 -2.12 -78.38
C PRO L 145 4.69 -2.18 -77.95
N GLY L 146 4.94 -2.68 -76.73
CA GLY L 146 6.23 -2.54 -76.09
C GLY L 146 7.27 -3.64 -76.26
N ALA L 147 7.39 -4.19 -77.46
CA ALA L 147 8.52 -5.06 -77.72
C ALA L 147 9.30 -4.42 -78.86
N VAL L 148 10.62 -4.42 -78.70
CA VAL L 148 11.49 -3.89 -79.72
C VAL L 148 12.70 -4.81 -79.79
N THR L 149 13.39 -4.82 -80.91
CA THR L 149 14.66 -5.55 -81.01
C THR L 149 15.72 -4.65 -81.65
N VAL L 150 16.90 -4.63 -81.05
CA VAL L 150 17.94 -3.73 -81.47
C VAL L 150 19.12 -4.50 -82.06
N ALA L 151 19.45 -4.18 -83.31
CA ALA L 151 20.63 -4.75 -83.96
C ALA L 151 21.63 -3.65 -84.31
N TRP L 152 22.89 -3.86 -83.93
CA TRP L 152 23.95 -2.92 -84.24
C TRP L 152 24.80 -3.39 -85.40
N LYS L 153 25.34 -2.44 -86.15
CA LYS L 153 26.02 -2.78 -87.40
C LYS L 153 27.27 -1.92 -87.55
N ALA L 154 28.38 -2.54 -87.92
CA ALA L 154 29.64 -1.85 -88.22
C ALA L 154 29.88 -1.95 -89.72
N ASP L 155 29.74 -0.82 -90.42
CA ASP L 155 29.54 -0.82 -91.88
C ASP L 155 28.30 -1.66 -92.15
N SER L 156 28.46 -2.77 -92.87
CA SER L 156 27.35 -3.69 -93.13
C SER L 156 27.26 -4.85 -92.15
N SER L 157 28.39 -5.19 -91.53
CA SER L 157 28.50 -6.44 -90.78
C SER L 157 27.95 -6.27 -89.36
N PRO L 158 27.39 -7.35 -88.81
CA PRO L 158 26.76 -7.34 -87.47
C PRO L 158 27.76 -7.30 -86.32
N VAL L 159 27.53 -6.40 -85.37
CA VAL L 159 28.38 -6.28 -84.18
C VAL L 159 27.89 -7.17 -83.03
N LYS L 160 28.78 -8.05 -82.57
CA LYS L 160 28.46 -9.02 -81.53
C LYS L 160 28.46 -8.41 -80.11
N ALA L 161 29.65 -7.99 -79.67
CA ALA L 161 29.92 -7.58 -78.30
C ALA L 161 29.67 -6.09 -78.07
N GLY L 162 29.60 -5.72 -76.80
CA GLY L 162 29.45 -4.33 -76.38
C GLY L 162 28.02 -3.79 -76.33
N VAL L 163 27.04 -4.65 -76.54
CA VAL L 163 25.65 -4.22 -76.58
C VAL L 163 24.93 -4.38 -75.24
N GLU L 164 24.34 -3.28 -74.78
CA GLU L 164 23.46 -3.26 -73.62
C GLU L 164 22.19 -2.52 -74.03
N THR L 165 21.05 -3.17 -73.91
CA THR L 165 19.75 -2.61 -74.31
C THR L 165 18.83 -2.76 -73.11
N THR L 166 18.04 -1.73 -72.84
CA THR L 166 17.10 -1.76 -71.72
C THR L 166 15.85 -2.56 -72.07
N THR L 167 15.10 -2.97 -71.06
CA THR L 167 13.75 -3.45 -71.28
C THR L 167 12.92 -2.22 -71.61
N PRO L 168 11.97 -2.34 -72.55
CA PRO L 168 11.07 -1.21 -72.81
C PRO L 168 10.34 -0.87 -71.53
N SER L 169 10.25 0.42 -71.22
CA SER L 169 9.45 0.83 -70.07
C SER L 169 8.35 1.77 -70.53
N LYS L 170 7.18 1.63 -69.94
CA LYS L 170 5.99 2.34 -70.40
C LYS L 170 6.02 3.79 -69.96
N GLN L 171 6.00 4.71 -70.92
CA GLN L 171 5.87 6.13 -70.58
C GLN L 171 4.41 6.53 -70.34
N SER L 172 4.18 7.82 -70.12
CA SER L 172 2.85 8.36 -69.72
C SER L 172 1.73 8.15 -70.76
N ASN L 173 2.02 8.45 -72.03
CA ASN L 173 1.07 8.31 -73.14
C ASN L 173 0.73 6.86 -73.50
N ASN L 174 1.18 5.92 -72.67
CA ASN L 174 1.04 4.47 -72.89
C ASN L 174 1.95 3.87 -73.96
N LYS L 175 2.65 4.74 -74.69
CA LYS L 175 3.72 4.29 -75.59
C LYS L 175 4.96 3.93 -74.77
N TYR L 176 5.97 3.37 -75.43
CA TYR L 176 7.12 2.82 -74.72
C TYR L 176 8.42 3.46 -75.18
N ALA L 177 9.42 3.40 -74.29
CA ALA L 177 10.75 3.92 -74.57
C ALA L 177 11.82 2.91 -74.13
N ALA L 178 12.93 2.91 -74.85
CA ALA L 178 14.10 2.11 -74.51
C ALA L 178 15.34 2.79 -75.06
N SER L 179 16.49 2.20 -74.78
CA SER L 179 17.74 2.69 -75.26
C SER L 179 18.75 1.56 -75.37
N SER L 180 19.71 1.76 -76.26
CA SER L 180 20.72 0.77 -76.46
C SER L 180 22.02 1.50 -76.59
N TYR L 181 23.03 0.93 -75.94
CA TYR L 181 24.36 1.48 -75.90
C TYR L 181 25.29 0.46 -76.50
N LEU L 182 26.20 0.91 -77.36
CA LEU L 182 27.23 0.07 -77.91
C LEU L 182 28.59 0.59 -77.47
N SER L 183 29.34 -0.24 -76.74
CA SER L 183 30.71 0.11 -76.34
C SER L 183 31.73 -0.32 -77.37
N LEU L 184 32.61 0.61 -77.73
CA LEU L 184 33.65 0.42 -78.72
C LEU L 184 34.97 0.89 -78.17
N THR L 185 36.04 0.39 -78.74
CA THR L 185 37.35 1.02 -78.60
C THR L 185 37.38 2.20 -79.59
N PRO L 186 38.04 3.31 -79.20
CA PRO L 186 38.28 4.45 -80.10
C PRO L 186 38.81 3.97 -81.47
N GLU L 187 39.74 3.02 -81.44
CA GLU L 187 40.28 2.39 -82.63
C GLU L 187 39.19 1.79 -83.53
N GLN L 188 38.30 1.00 -82.94
CA GLN L 188 37.15 0.42 -83.67
C GLN L 188 36.29 1.52 -84.26
N TRP L 189 36.00 2.54 -83.46
CA TRP L 189 35.21 3.67 -83.92
C TRP L 189 35.82 4.34 -85.14
N LYS L 190 37.13 4.58 -85.12
CA LYS L 190 37.81 5.25 -86.24
C LYS L 190 38.14 4.31 -87.40
N SER L 191 38.11 3.01 -87.17
CA SER L 191 38.48 2.06 -88.23
C SER L 191 37.39 1.90 -89.29
N HIS L 192 36.13 1.90 -88.85
CA HIS L 192 35.01 1.68 -89.76
C HIS L 192 34.56 2.98 -90.41
N ARG L 193 33.75 2.88 -91.45
CA ARG L 193 33.27 4.04 -92.21
C ARG L 193 32.01 4.61 -91.60
N SER L 194 31.24 3.76 -90.92
CA SER L 194 30.02 4.17 -90.23
C SER L 194 29.56 3.11 -89.25
N TYR L 195 28.60 3.48 -88.40
CA TYR L 195 27.93 2.57 -87.49
C TYR L 195 26.42 2.78 -87.54
N SER L 196 25.67 1.71 -87.32
CA SER L 196 24.22 1.74 -87.49
C SER L 196 23.46 1.13 -86.32
N CYS L 197 22.43 1.84 -85.87
CA CYS L 197 21.45 1.30 -84.92
C CYS L 197 20.25 0.83 -85.73
N GLN L 198 19.89 -0.44 -85.60
CA GLN L 198 18.70 -0.99 -86.27
C GLN L 198 17.67 -1.48 -85.27
N VAL L 199 16.59 -0.73 -85.11
CA VAL L 199 15.52 -1.18 -84.22
C VAL L 199 14.39 -1.81 -85.03
N THR L 200 13.93 -2.97 -84.57
CA THR L 200 12.93 -3.73 -85.29
C THR L 200 11.66 -3.83 -84.46
N HIS L 201 10.53 -3.47 -85.07
CA HIS L 201 9.25 -3.32 -84.39
C HIS L 201 8.14 -3.81 -85.32
N GLU L 202 7.61 -4.99 -85.00
CA GLU L 202 6.69 -5.71 -85.88
C GLU L 202 7.35 -5.98 -87.23
N GLY L 203 8.49 -6.67 -87.22
CA GLY L 203 9.23 -6.99 -88.46
C GLY L 203 9.53 -5.80 -89.37
N SER L 204 9.45 -4.60 -88.79
CA SER L 204 9.58 -3.35 -89.52
C SER L 204 10.70 -2.51 -88.92
N THR L 205 11.81 -2.42 -89.64
CA THR L 205 13.00 -1.74 -89.16
C THR L 205 13.05 -0.25 -89.50
N VAL L 206 13.41 0.53 -88.49
CA VAL L 206 13.89 1.90 -88.68
C VAL L 206 15.37 1.96 -88.28
N GLU L 207 16.17 2.58 -89.14
CA GLU L 207 17.61 2.51 -89.07
C GLU L 207 18.25 3.90 -88.90
N LYS L 208 19.31 3.98 -88.10
CA LYS L 208 20.07 5.21 -87.95
C LYS L 208 21.60 5.04 -88.04
N THR L 209 22.26 6.01 -88.66
CA THR L 209 23.69 5.89 -88.96
C THR L 209 24.51 7.11 -88.57
N VAL L 210 25.72 6.87 -88.09
CA VAL L 210 26.68 7.91 -87.68
C VAL L 210 28.06 7.56 -88.18
N ALA L 211 28.93 8.56 -88.31
CA ALA L 211 30.28 8.35 -88.84
C ALA L 211 31.31 9.23 -88.13
N PRO L 212 32.54 8.74 -87.96
CA PRO L 212 33.64 9.47 -87.32
C PRO L 212 33.75 10.92 -87.78
N THR L 213 33.79 11.88 -86.86
CA THR L 213 33.74 13.31 -87.24
C THR L 213 34.84 13.65 -88.25
N GLU L 214 34.40 13.80 -89.50
CA GLU L 214 35.29 13.92 -90.64
C GLU L 214 34.65 14.89 -91.64
N CYS L 215 35.37 15.14 -92.74
CA CYS L 215 34.83 15.92 -93.83
C CYS L 215 35.11 15.23 -95.17
#